data_7DL3
#
_entry.id   7DL3
#
_cell.length_a   109.594
_cell.length_b   122.037
_cell.length_c   114.645
_cell.angle_alpha   90.000
_cell.angle_beta   94.847
_cell.angle_gamma   90.000
#
_symmetry.space_group_name_H-M   'C 1 2 1'
#
loop_
_entity.id
_entity.type
_entity.pdbx_description
1 polymer '3,5-diaminohexanoate dehydrogenase'
2 non-polymer 'NADP NICOTINAMIDE-ADENINE-DINUCLEOTIDE PHOSPHATE'
3 non-polymer 'CHLORIDE ION'
4 water water
#
_entity_poly.entity_id   1
_entity_poly.type   'polypeptide(L)'
_entity_poly.pdbx_seq_one_letter_code
;MKSNGCRYGTHRVIEPKGVLPQPAKILNNDMSEIWDNEMLIDVIRLNIDSASFHQIKNKLIAQGHQDLEKAFAEHAIELT
NRTGKHKNEDTGSGGMFIGRVAAIGDKFEMKEEVKVGDKIASLVSLSLTPLKINKVKKVLLDKDQMEIEGQAILFSSGVY
AKLPDDLDENLALSVLDVAGAPAQVERLVKPDDTVVIIGANGKSGILCNAVAKERAGICGKVIGVVRNENYIPTCKATGC
DEVILAQATDAITIQKEVSRLTNGKMADVVINVVNTEDTELPSIMAAKDRGMVYFFSMATSFTKAALGAEGIGADVDMMI
GNGYAHHHSEIALDLLRRNSVLMKIFKERYAEHHHHHH
;
_entity_poly.pdbx_strand_id   A,B,C,D
#
loop_
_chem_comp.id
_chem_comp.type
_chem_comp.name
_chem_comp.formula
CL non-polymer 'CHLORIDE ION' 'Cl -1'
NAP non-polymer 'NADP NICOTINAMIDE-ADENINE-DINUCLEOTIDE PHOSPHATE' 'C21 H28 N7 O17 P3'
#
# COMPACT_ATOMS: atom_id res chain seq x y z
N MET A 1 -2.91 -19.28 -41.75
CA MET A 1 -3.03 -18.47 -40.54
C MET A 1 -3.96 -17.27 -40.73
N LYS A 2 -5.02 -17.24 -39.95
CA LYS A 2 -5.97 -16.13 -39.98
C LYS A 2 -5.44 -14.95 -39.16
N SER A 3 -5.85 -13.75 -39.55
CA SER A 3 -5.30 -12.54 -38.95
C SER A 3 -6.36 -11.87 -38.09
N ASN A 4 -5.91 -10.94 -37.24
CA ASN A 4 -6.79 -10.17 -36.35
C ASN A 4 -7.61 -11.13 -35.49
N GLY A 5 -6.91 -12.03 -34.80
CA GLY A 5 -7.54 -12.82 -33.76
C GLY A 5 -7.73 -12.00 -32.50
N CYS A 6 -8.88 -12.19 -31.86
CA CYS A 6 -9.16 -11.52 -30.59
C CYS A 6 -8.50 -12.29 -29.45
N ARG A 7 -7.80 -11.58 -28.56
CA ARG A 7 -7.12 -12.28 -27.47
C ARG A 7 -8.13 -13.01 -26.58
N TYR A 8 -9.37 -12.52 -26.49
CA TYR A 8 -10.38 -13.17 -25.69
C TYR A 8 -11.08 -14.29 -26.44
N GLY A 9 -10.76 -14.49 -27.71
CA GLY A 9 -11.24 -15.64 -28.47
C GLY A 9 -12.57 -15.46 -29.15
N THR A 10 -13.11 -14.24 -29.22
CA THR A 10 -14.46 -14.05 -29.78
C THR A 10 -14.52 -14.43 -31.26
N HIS A 11 -13.39 -14.47 -31.95
CA HIS A 11 -13.40 -14.85 -33.35
C HIS A 11 -13.84 -16.30 -33.57
N ARG A 12 -13.84 -17.14 -32.52
CA ARG A 12 -14.31 -18.51 -32.66
C ARG A 12 -15.70 -18.73 -32.09
N VAL A 13 -16.41 -17.69 -31.70
CA VAL A 13 -17.74 -17.84 -31.13
C VAL A 13 -18.75 -17.88 -32.27
N ILE A 14 -19.48 -18.99 -32.39
CA ILE A 14 -20.48 -19.12 -33.44
C ILE A 14 -21.87 -18.75 -32.94
N GLU A 15 -22.26 -19.20 -31.74
CA GLU A 15 -23.59 -18.93 -31.21
C GLU A 15 -23.60 -18.77 -29.69
N PRO A 16 -24.25 -17.72 -29.17
CA PRO A 16 -24.79 -16.60 -29.97
C PRO A 16 -23.69 -15.59 -30.26
N LYS A 17 -23.84 -14.80 -31.33
CA LYS A 17 -22.84 -13.80 -31.67
C LYS A 17 -22.78 -12.73 -30.59
N GLY A 18 -21.57 -12.24 -30.32
CA GLY A 18 -21.40 -11.13 -29.40
C GLY A 18 -21.15 -11.48 -27.95
N VAL A 19 -20.97 -12.76 -27.62
CA VAL A 19 -20.59 -13.15 -26.26
C VAL A 19 -19.20 -13.76 -26.32
N LEU A 20 -18.66 -14.04 -25.14
CA LEU A 20 -17.33 -14.61 -24.98
C LEU A 20 -17.35 -16.13 -25.18
N PRO A 21 -16.19 -16.75 -25.41
CA PRO A 21 -16.15 -18.22 -25.59
C PRO A 21 -16.77 -19.01 -24.45
N GLN A 22 -16.53 -18.61 -23.20
CA GLN A 22 -17.06 -19.39 -22.08
C GLN A 22 -18.59 -19.44 -22.08
N PRO A 23 -19.32 -18.30 -22.05
CA PRO A 23 -20.79 -18.40 -22.06
C PRO A 23 -21.38 -18.84 -23.39
N ALA A 24 -20.61 -18.80 -24.47
CA ALA A 24 -21.12 -19.14 -25.80
C ALA A 24 -21.67 -20.57 -25.80
N LYS A 25 -22.58 -20.81 -26.75
CA LYS A 25 -23.21 -22.10 -26.93
C LYS A 25 -22.42 -22.96 -27.91
N ILE A 26 -21.95 -22.38 -29.02
CA ILE A 26 -21.22 -23.10 -30.04
C ILE A 26 -19.95 -22.33 -30.37
N LEU A 27 -18.82 -23.01 -30.28
CA LEU A 27 -17.51 -22.53 -30.68
C LEU A 27 -17.08 -23.19 -31.98
N ASN A 28 -16.22 -22.50 -32.71
CA ASN A 28 -15.58 -23.04 -33.90
C ASN A 28 -14.37 -23.85 -33.48
N ASN A 29 -14.46 -25.19 -33.63
CA ASN A 29 -13.34 -26.08 -33.33
C ASN A 29 -12.67 -26.60 -34.60
N ASP A 30 -12.72 -25.83 -35.69
CA ASP A 30 -11.94 -26.16 -36.90
C ASP A 30 -10.46 -25.92 -36.62
N MET A 31 -9.67 -26.98 -36.58
CA MET A 31 -8.24 -26.90 -36.31
C MET A 31 -7.37 -26.86 -37.56
N SER A 32 -7.99 -26.85 -38.74
CA SER A 32 -7.20 -26.88 -39.98
C SER A 32 -6.41 -25.59 -40.19
N GLU A 33 -6.87 -24.47 -39.65
CA GLU A 33 -6.08 -23.25 -39.65
C GLU A 33 -6.32 -22.57 -38.31
N ILE A 34 -5.29 -21.89 -37.78
CA ILE A 34 -5.41 -21.21 -36.50
C ILE A 34 -5.28 -19.71 -36.74
N TRP A 35 -5.67 -18.94 -35.73
CA TRP A 35 -5.48 -17.50 -35.84
C TRP A 35 -4.07 -17.15 -35.36
N ASP A 36 -3.62 -15.95 -35.76
CA ASP A 36 -2.23 -15.56 -35.53
C ASP A 36 -1.90 -15.43 -34.04
N ASN A 37 -2.90 -15.24 -33.17
CA ASN A 37 -2.61 -15.11 -31.74
C ASN A 37 -3.16 -16.29 -30.95
N GLU A 38 -3.23 -17.46 -31.58
CA GLU A 38 -3.68 -18.68 -30.93
C GLU A 38 -2.51 -19.64 -30.78
N MET A 39 -2.67 -20.61 -29.88
CA MET A 39 -1.74 -21.72 -29.75
C MET A 39 -2.51 -23.02 -29.86
N LEU A 40 -2.02 -23.91 -30.73
CA LEU A 40 -2.66 -25.18 -31.04
C LEU A 40 -1.97 -26.31 -30.29
N ILE A 41 -2.74 -27.19 -29.67
CA ILE A 41 -2.22 -28.23 -28.80
C ILE A 41 -2.67 -29.60 -29.30
N ASP A 42 -1.74 -30.54 -29.40
CA ASP A 42 -2.09 -31.95 -29.63
C ASP A 42 -2.52 -32.53 -28.28
N VAL A 43 -3.82 -32.72 -28.09
CA VAL A 43 -4.31 -33.13 -26.77
C VAL A 43 -4.09 -34.62 -26.57
N ILE A 44 -3.52 -34.96 -25.42
CA ILE A 44 -3.22 -36.32 -25.02
C ILE A 44 -4.31 -36.89 -24.11
N ARG A 45 -4.78 -36.06 -23.18
CA ARG A 45 -5.64 -36.51 -22.10
C ARG A 45 -6.59 -35.38 -21.73
N LEU A 46 -7.82 -35.75 -21.37
CA LEU A 46 -8.82 -34.78 -20.89
C LEU A 46 -9.16 -35.12 -19.44
N ASN A 47 -8.96 -34.15 -18.55
CA ASN A 47 -9.35 -34.29 -17.14
C ASN A 47 -10.67 -33.57 -16.97
N ILE A 48 -11.78 -34.32 -16.98
CA ILE A 48 -13.09 -33.70 -16.93
C ILE A 48 -13.42 -33.31 -15.50
N ASP A 49 -14.04 -32.13 -15.34
CA ASP A 49 -14.52 -31.71 -14.03
C ASP A 49 -15.33 -32.84 -13.42
N SER A 50 -14.99 -33.17 -12.16
CA SER A 50 -15.56 -34.37 -11.53
C SER A 50 -17.08 -34.31 -11.48
N ALA A 51 -17.65 -33.15 -11.14
CA ALA A 51 -19.10 -33.04 -11.09
C ALA A 51 -19.72 -33.26 -12.46
N SER A 52 -19.11 -32.67 -13.51
CA SER A 52 -19.61 -32.86 -14.87
C SER A 52 -19.49 -34.32 -15.29
N PHE A 53 -18.34 -34.95 -15.01
CA PHE A 53 -18.14 -36.33 -15.40
C PHE A 53 -19.19 -37.24 -14.76
N HIS A 54 -19.43 -37.06 -13.46
CA HIS A 54 -20.41 -37.85 -12.74
C HIS A 54 -21.81 -37.58 -13.27
N GLN A 55 -22.12 -36.31 -13.54
CA GLN A 55 -23.44 -35.96 -14.05
C GLN A 55 -23.69 -36.59 -15.42
N ILE A 56 -22.69 -36.59 -16.29
CA ILE A 56 -22.86 -37.21 -17.60
C ILE A 56 -22.97 -38.72 -17.46
N LYS A 57 -22.11 -39.33 -16.64
CA LYS A 57 -22.20 -40.77 -16.37
C LYS A 57 -23.61 -41.18 -15.93
N ASN A 58 -24.17 -40.47 -14.95
CA ASN A 58 -25.48 -40.84 -14.44
C ASN A 58 -26.60 -40.56 -15.42
N LYS A 59 -26.49 -39.49 -16.21
CA LYS A 59 -27.47 -39.25 -17.27
C LYS A 59 -27.52 -40.43 -18.22
N LEU A 60 -26.36 -40.98 -18.57
CA LEU A 60 -26.29 -42.09 -19.52
C LEU A 60 -26.85 -43.36 -18.90
N ILE A 61 -26.54 -43.63 -17.64
CA ILE A 61 -27.14 -44.77 -16.94
C ILE A 61 -28.66 -44.65 -16.98
N ALA A 62 -29.18 -43.47 -16.62
CA ALA A 62 -30.63 -43.30 -16.56
C ALA A 62 -31.29 -43.47 -17.92
N GLN A 63 -30.60 -43.08 -19.00
CA GLN A 63 -31.19 -43.29 -20.32
C GLN A 63 -31.20 -44.76 -20.72
N GLY A 64 -30.39 -45.60 -20.08
CA GLY A 64 -30.39 -47.02 -20.37
C GLY A 64 -29.21 -47.60 -21.12
N HIS A 65 -28.06 -46.94 -21.09
CA HIS A 65 -26.89 -47.48 -21.80
C HIS A 65 -26.24 -48.55 -20.95
N GLN A 66 -25.87 -49.66 -21.57
CA GLN A 66 -25.20 -50.72 -20.83
C GLN A 66 -23.67 -50.56 -20.86
N ASP A 67 -23.11 -50.33 -22.05
CA ASP A 67 -21.67 -50.14 -22.17
C ASP A 67 -21.37 -48.67 -21.90
N LEU A 68 -21.00 -48.39 -20.65
CA LEU A 68 -20.82 -47.01 -20.20
C LEU A 68 -19.58 -46.36 -20.77
N GLU A 69 -18.45 -47.05 -20.83
CA GLU A 69 -17.28 -46.46 -21.46
C GLU A 69 -17.59 -46.06 -22.88
N LYS A 70 -18.25 -46.93 -23.63
CA LYS A 70 -18.53 -46.61 -25.01
C LYS A 70 -19.55 -45.48 -25.11
N ALA A 71 -20.59 -45.51 -24.25
CA ALA A 71 -21.59 -44.46 -24.24
C ALA A 71 -20.97 -43.11 -23.89
N PHE A 72 -20.04 -43.10 -22.94
CA PHE A 72 -19.39 -41.85 -22.56
C PHE A 72 -18.50 -41.33 -23.69
N ALA A 73 -17.65 -42.20 -24.25
CA ALA A 73 -16.83 -41.79 -25.39
C ALA A 73 -17.69 -41.20 -26.49
N GLU A 74 -18.80 -41.86 -26.81
CA GLU A 74 -19.68 -41.35 -27.85
C GLU A 74 -20.34 -40.04 -27.42
N HIS A 75 -20.67 -39.91 -26.13
CA HIS A 75 -21.22 -38.65 -25.63
C HIS A 75 -20.22 -37.50 -25.86
N ALA A 76 -18.94 -37.75 -25.59
CA ALA A 76 -17.92 -36.70 -25.71
C ALA A 76 -17.69 -36.27 -27.15
N ILE A 77 -17.63 -37.23 -28.07
CA ILE A 77 -17.43 -36.89 -29.48
C ILE A 77 -18.63 -36.10 -30.00
N GLU A 78 -19.84 -36.55 -29.69
CA GLU A 78 -21.03 -35.85 -30.15
C GLU A 78 -21.07 -34.43 -29.60
N LEU A 79 -20.81 -34.28 -28.30
CA LEU A 79 -20.89 -32.97 -27.66
C LEU A 79 -19.87 -32.01 -28.24
N THR A 80 -18.61 -32.46 -28.37
CA THR A 80 -17.56 -31.61 -28.89
C THR A 80 -17.75 -31.33 -30.37
N ASN A 81 -18.21 -32.32 -31.15
CA ASN A 81 -18.39 -32.05 -32.58
C ASN A 81 -19.47 -31.01 -32.83
N ARG A 82 -20.52 -30.99 -32.01
CA ARG A 82 -21.66 -30.09 -32.21
C ARG A 82 -21.44 -28.70 -31.62
N THR A 83 -20.87 -28.59 -30.42
CA THR A 83 -20.72 -27.31 -29.75
C THR A 83 -19.31 -26.73 -29.84
N GLY A 84 -18.33 -27.51 -30.29
CA GLY A 84 -16.96 -27.05 -30.41
C GLY A 84 -16.16 -27.14 -29.12
N LYS A 85 -16.75 -27.65 -28.03
CA LYS A 85 -16.07 -27.64 -26.74
C LYS A 85 -16.74 -28.66 -25.82
N HIS A 86 -16.02 -29.04 -24.77
CA HIS A 86 -16.58 -29.96 -23.77
C HIS A 86 -17.05 -29.17 -22.55
N LYS A 87 -18.09 -28.35 -22.77
CA LYS A 87 -18.82 -27.67 -21.70
C LYS A 87 -20.07 -28.47 -21.39
N ASN A 88 -20.22 -28.91 -20.14
CA ASN A 88 -21.39 -29.66 -19.73
C ASN A 88 -22.64 -28.81 -19.92
N GLU A 89 -23.61 -29.31 -20.69
CA GLU A 89 -24.75 -28.48 -21.07
C GLU A 89 -25.76 -28.32 -19.94
N ASP A 90 -25.65 -29.11 -18.88
CA ASP A 90 -26.52 -29.04 -17.69
C ASP A 90 -25.87 -28.36 -16.50
N THR A 91 -24.58 -28.59 -16.27
CA THR A 91 -23.87 -27.96 -15.17
C THR A 91 -23.05 -26.74 -15.58
N GLY A 92 -22.64 -26.63 -16.85
CA GLY A 92 -21.78 -25.55 -17.25
C GLY A 92 -20.31 -25.82 -16.99
N SER A 93 -19.97 -26.96 -16.38
CA SER A 93 -18.60 -27.27 -16.00
C SER A 93 -17.79 -27.80 -17.18
N GLY A 94 -16.47 -27.70 -17.03
CA GLY A 94 -15.54 -28.10 -18.06
C GLY A 94 -14.50 -29.10 -17.60
N GLY A 95 -13.32 -28.62 -17.22
CA GLY A 95 -12.18 -29.48 -16.96
C GLY A 95 -10.93 -28.83 -17.52
N MET A 96 -9.87 -29.61 -17.74
CA MET A 96 -8.64 -29.10 -18.36
C MET A 96 -8.04 -30.18 -19.25
N PHE A 97 -6.94 -29.87 -19.93
CA PHE A 97 -6.31 -30.88 -20.79
C PHE A 97 -4.80 -30.92 -20.58
N ILE A 98 -4.21 -32.02 -21.04
CA ILE A 98 -2.76 -32.20 -21.12
C ILE A 98 -2.45 -32.58 -22.56
N GLY A 99 -1.39 -32.00 -23.10
CA GLY A 99 -1.01 -32.26 -24.48
C GLY A 99 0.37 -31.68 -24.78
N ARG A 100 0.75 -31.78 -26.04
CA ARG A 100 2.02 -31.24 -26.51
C ARG A 100 1.75 -30.15 -27.53
N VAL A 101 2.55 -29.08 -27.48
CA VAL A 101 2.35 -27.93 -28.38
C VAL A 101 2.52 -28.38 -29.82
N ALA A 102 1.53 -28.04 -30.66
CA ALA A 102 1.57 -28.36 -32.08
C ALA A 102 1.97 -27.17 -32.93
N ALA A 103 1.40 -26.00 -32.68
CA ALA A 103 1.69 -24.82 -33.47
C ALA A 103 1.43 -23.58 -32.62
N ILE A 104 2.22 -22.53 -32.86
CA ILE A 104 2.11 -21.27 -32.13
C ILE A 104 2.01 -20.14 -33.14
N GLY A 105 0.91 -19.38 -33.09
CA GLY A 105 0.79 -18.23 -33.97
C GLY A 105 1.86 -17.20 -33.67
N ASP A 106 2.25 -16.43 -34.70
CA ASP A 106 3.34 -15.49 -34.51
C ASP A 106 2.97 -14.33 -33.61
N LYS A 107 1.68 -14.06 -33.41
CA LYS A 107 1.24 -13.01 -32.51
C LYS A 107 0.62 -13.58 -31.23
N PHE A 108 0.87 -14.85 -30.93
CA PHE A 108 0.40 -15.42 -29.66
C PHE A 108 1.06 -14.69 -28.50
N GLU A 109 0.26 -14.27 -27.51
CA GLU A 109 0.82 -13.66 -26.32
C GLU A 109 1.46 -14.72 -25.44
N MET A 110 2.75 -14.97 -25.66
CA MET A 110 3.52 -15.92 -24.87
C MET A 110 3.46 -15.52 -23.40
N LYS A 111 3.05 -16.47 -22.55
CA LYS A 111 3.25 -16.36 -21.11
C LYS A 111 4.50 -17.16 -20.77
N GLU A 112 4.36 -18.32 -20.12
CA GLU A 112 5.53 -19.17 -19.94
C GLU A 112 6.09 -19.58 -21.29
N GLU A 113 7.40 -19.52 -21.41
CA GLU A 113 8.06 -19.74 -22.70
C GLU A 113 7.95 -21.21 -23.07
N VAL A 114 7.30 -21.51 -24.19
CA VAL A 114 7.18 -22.87 -24.69
C VAL A 114 7.36 -22.86 -26.20
N LYS A 115 7.74 -24.02 -26.71
CA LYS A 115 7.98 -24.22 -28.13
C LYS A 115 7.24 -25.46 -28.60
N VAL A 116 7.13 -25.60 -29.93
CA VAL A 116 6.49 -26.77 -30.51
C VAL A 116 7.08 -28.04 -29.92
N GLY A 117 6.20 -28.97 -29.53
CA GLY A 117 6.59 -30.22 -28.90
C GLY A 117 6.53 -30.24 -27.38
N ASP A 118 6.52 -29.09 -26.72
CA ASP A 118 6.52 -29.05 -25.26
C ASP A 118 5.24 -29.65 -24.68
N LYS A 119 5.39 -30.36 -23.57
CA LYS A 119 4.26 -30.95 -22.84
C LYS A 119 3.66 -29.92 -21.90
N ILE A 120 2.36 -29.63 -22.05
CA ILE A 120 1.75 -28.56 -21.27
C ILE A 120 0.45 -29.02 -20.66
N ALA A 121 0.00 -28.27 -19.65
CA ALA A 121 -1.32 -28.42 -19.06
C ALA A 121 -2.06 -27.10 -19.24
N SER A 122 -3.33 -27.17 -19.64
CA SER A 122 -4.14 -25.96 -19.62
C SER A 122 -4.56 -25.66 -18.19
N LEU A 123 -4.63 -24.37 -17.87
CA LEU A 123 -5.08 -23.86 -16.58
C LEU A 123 -6.32 -22.98 -16.75
N VAL A 124 -7.02 -23.15 -17.86
CA VAL A 124 -8.33 -22.55 -18.07
C VAL A 124 -9.26 -23.70 -18.42
N SER A 125 -10.56 -23.48 -18.19
CA SER A 125 -11.54 -24.55 -18.27
C SER A 125 -11.82 -24.98 -19.72
N LEU A 126 -12.13 -26.28 -19.86
CA LEU A 126 -12.68 -26.79 -21.10
C LEU A 126 -13.98 -26.09 -21.48
N SER A 127 -14.61 -25.35 -20.56
CA SER A 127 -15.86 -24.68 -20.90
C SER A 127 -15.66 -23.48 -21.84
N LEU A 128 -14.42 -23.04 -22.08
CA LEU A 128 -14.18 -22.00 -23.08
C LEU A 128 -13.18 -22.45 -24.15
N THR A 129 -12.79 -23.73 -24.14
CA THR A 129 -11.67 -24.21 -24.96
C THR A 129 -12.21 -24.84 -26.25
N PRO A 130 -11.92 -24.27 -27.42
CA PRO A 130 -12.22 -25.00 -28.67
C PRO A 130 -11.48 -26.33 -28.64
N LEU A 131 -12.22 -27.41 -28.90
CA LEU A 131 -11.67 -28.75 -28.75
C LEU A 131 -12.22 -29.67 -29.83
N LYS A 132 -11.33 -30.33 -30.57
CA LYS A 132 -11.70 -31.32 -31.57
C LYS A 132 -11.21 -32.67 -31.08
N ILE A 133 -12.14 -33.60 -30.90
CA ILE A 133 -11.80 -34.95 -30.49
C ILE A 133 -11.86 -35.83 -31.73
N ASN A 134 -10.71 -36.31 -32.19
CA ASN A 134 -10.72 -37.17 -33.37
C ASN A 134 -10.88 -38.63 -32.96
N LYS A 135 -10.40 -38.99 -31.78
CA LYS A 135 -10.46 -40.36 -31.32
C LYS A 135 -10.49 -40.39 -29.80
N VAL A 136 -11.36 -41.22 -29.24
CA VAL A 136 -11.34 -41.48 -27.82
C VAL A 136 -10.67 -42.83 -27.63
N LYS A 137 -9.46 -42.86 -27.05
CA LYS A 137 -8.76 -44.12 -26.87
C LYS A 137 -9.24 -44.85 -25.63
N LYS A 138 -9.59 -44.12 -24.58
CA LYS A 138 -9.94 -44.72 -23.30
C LYS A 138 -10.79 -43.78 -22.46
N VAL A 139 -11.87 -44.28 -21.85
CA VAL A 139 -12.63 -43.58 -20.84
C VAL A 139 -12.29 -44.21 -19.51
N LEU A 140 -11.69 -43.43 -18.60
CA LEU A 140 -11.31 -43.92 -17.27
C LEU A 140 -12.40 -43.48 -16.31
N LEU A 141 -13.37 -44.38 -16.10
CA LEU A 141 -14.61 -44.07 -15.39
C LEU A 141 -14.34 -43.62 -13.95
N ASP A 142 -13.27 -44.12 -13.36
CA ASP A 142 -12.92 -43.88 -11.98
C ASP A 142 -11.95 -42.72 -11.77
N LYS A 143 -11.42 -42.16 -12.86
CA LYS A 143 -10.49 -41.04 -12.81
C LYS A 143 -11.00 -39.78 -13.49
N ASP A 144 -12.26 -39.77 -13.94
CA ASP A 144 -12.83 -38.62 -14.64
C ASP A 144 -11.94 -38.20 -15.82
N GLN A 145 -11.34 -39.18 -16.49
CA GLN A 145 -10.36 -38.95 -17.54
C GLN A 145 -10.78 -39.60 -18.85
N MET A 146 -10.32 -39.03 -19.97
CA MET A 146 -10.37 -39.67 -21.27
C MET A 146 -9.00 -39.49 -21.93
N GLU A 147 -8.42 -40.61 -22.36
CA GLU A 147 -7.22 -40.60 -23.19
C GLU A 147 -7.72 -40.49 -24.63
N ILE A 148 -7.25 -39.48 -25.36
CA ILE A 148 -7.81 -39.18 -26.67
C ILE A 148 -6.69 -38.82 -27.64
N GLU A 149 -7.06 -38.78 -28.90
CA GLU A 149 -6.31 -38.07 -29.93
C GLU A 149 -7.20 -36.92 -30.34
N GLY A 150 -6.68 -35.69 -30.26
CA GLY A 150 -7.48 -34.53 -30.59
C GLY A 150 -6.63 -33.29 -30.45
N GLN A 151 -7.26 -32.14 -30.66
CA GLN A 151 -6.55 -30.87 -30.63
C GLN A 151 -7.39 -29.80 -29.95
N ALA A 152 -6.72 -28.85 -29.32
CA ALA A 152 -7.41 -27.78 -28.61
C ALA A 152 -6.70 -26.46 -28.92
N ILE A 153 -7.45 -25.37 -28.76
CA ILE A 153 -6.93 -24.02 -28.95
C ILE A 153 -6.82 -23.34 -27.59
N LEU A 154 -5.67 -22.70 -27.35
CA LEU A 154 -5.51 -21.71 -26.30
C LEU A 154 -5.53 -20.32 -26.94
N PHE A 155 -6.40 -19.46 -26.44
CA PHE A 155 -6.38 -18.07 -26.85
C PHE A 155 -5.23 -17.33 -26.16
N SER A 156 -4.87 -16.16 -26.69
CA SER A 156 -3.81 -15.37 -26.07
C SER A 156 -4.14 -14.99 -24.63
N SER A 157 -5.43 -14.84 -24.30
CA SER A 157 -5.86 -14.55 -22.93
C SER A 157 -5.86 -15.79 -22.04
N GLY A 158 -5.65 -16.99 -22.59
CA GLY A 158 -5.67 -18.22 -21.82
C GLY A 158 -4.43 -18.37 -20.93
N VAL A 159 -4.43 -19.47 -20.18
CA VAL A 159 -3.36 -19.78 -19.22
C VAL A 159 -2.99 -21.25 -19.36
N TYR A 160 -1.68 -21.54 -19.29
CA TYR A 160 -1.12 -22.88 -19.47
C TYR A 160 0.16 -22.95 -18.64
N ALA A 161 0.68 -24.15 -18.46
CA ALA A 161 1.95 -24.32 -17.79
C ALA A 161 2.70 -25.49 -18.40
N LYS A 162 3.99 -25.27 -18.64
CA LYS A 162 4.86 -26.36 -19.05
C LYS A 162 5.01 -27.36 -17.90
N LEU A 163 4.78 -28.63 -18.19
CA LEU A 163 4.87 -29.67 -17.18
C LEU A 163 6.35 -30.03 -16.96
N PRO A 164 6.87 -29.90 -15.74
CA PRO A 164 8.31 -30.10 -15.53
C PRO A 164 8.73 -31.53 -15.79
N ASP A 165 9.91 -31.69 -16.40
CA ASP A 165 10.38 -33.01 -16.81
C ASP A 165 10.69 -33.91 -15.63
N ASP A 166 11.09 -33.33 -14.50
CA ASP A 166 11.60 -34.05 -13.35
C ASP A 166 10.54 -34.31 -12.29
N LEU A 167 9.27 -34.09 -12.58
CA LEU A 167 8.26 -34.26 -11.57
C LEU A 167 7.19 -35.21 -12.07
N ASP A 168 6.66 -36.02 -11.15
CA ASP A 168 5.52 -36.88 -11.44
C ASP A 168 4.42 -36.03 -12.05
N GLU A 169 3.82 -36.52 -13.14
CA GLU A 169 2.82 -35.69 -13.83
C GLU A 169 1.64 -35.33 -12.92
N ASN A 170 1.07 -36.30 -12.19
CA ASN A 170 -0.05 -35.99 -11.30
C ASN A 170 0.37 -35.08 -10.14
N LEU A 171 1.61 -35.21 -9.68
CA LEU A 171 2.10 -34.27 -8.66
C LEU A 171 2.09 -32.86 -9.20
N ALA A 172 2.71 -32.68 -10.38
CA ALA A 172 2.74 -31.36 -10.99
C ALA A 172 1.33 -30.80 -11.20
N LEU A 173 0.41 -31.64 -11.70
CA LEU A 173 -0.95 -31.18 -11.96
C LEU A 173 -1.64 -30.77 -10.67
N SER A 174 -1.29 -31.43 -9.57
CA SER A 174 -1.88 -31.11 -8.28
C SER A 174 -1.44 -29.73 -7.82
N VAL A 175 -0.17 -29.39 -8.04
CA VAL A 175 0.30 -28.05 -7.67
C VAL A 175 -0.31 -26.99 -8.56
N LEU A 176 -0.38 -27.26 -9.86
CA LEU A 176 -0.94 -26.31 -10.81
C LEU A 176 -2.39 -25.97 -10.46
N ASP A 177 -3.14 -26.99 -10.02
CA ASP A 177 -4.53 -26.85 -9.61
C ASP A 177 -4.72 -25.75 -8.56
N VAL A 178 -3.77 -25.59 -7.65
CA VAL A 178 -3.94 -24.66 -6.54
C VAL A 178 -2.87 -23.57 -6.57
N ALA A 179 -2.15 -23.42 -7.67
CA ALA A 179 -0.98 -22.54 -7.68
C ALA A 179 -1.35 -21.10 -7.32
N GLY A 180 -2.59 -20.68 -7.60
CA GLY A 180 -2.95 -19.31 -7.29
C GLY A 180 -2.91 -18.99 -5.81
N ALA A 181 -3.09 -19.99 -4.94
CA ALA A 181 -3.19 -19.69 -3.52
C ALA A 181 -1.86 -19.24 -2.94
N PRO A 182 -0.77 -20.02 -3.04
CA PRO A 182 0.50 -19.49 -2.53
C PRO A 182 0.95 -18.21 -3.21
N ALA A 183 0.66 -18.07 -4.51
CA ALA A 183 1.04 -16.85 -5.22
C ALA A 183 0.38 -15.63 -4.58
N GLN A 184 -0.92 -15.73 -4.27
CA GLN A 184 -1.59 -14.57 -3.69
C GLN A 184 -1.15 -14.33 -2.26
N VAL A 185 -0.89 -15.39 -1.51
CA VAL A 185 -0.44 -15.20 -0.13
C VAL A 185 0.89 -14.46 -0.09
N GLU A 186 1.78 -14.74 -1.07
CA GLU A 186 3.05 -14.03 -1.13
C GLU A 186 2.85 -12.52 -1.24
N ARG A 187 1.76 -12.10 -1.90
CA ARG A 187 1.48 -10.68 -2.08
C ARG A 187 0.85 -10.04 -0.85
N LEU A 188 0.21 -10.82 -0.01
CA LEU A 188 -0.62 -10.28 1.07
C LEU A 188 0.11 -10.15 2.39
N VAL A 189 1.05 -11.05 2.66
CA VAL A 189 1.61 -11.19 4.00
C VAL A 189 2.87 -10.34 4.10
N LYS A 190 2.89 -9.41 5.05
CA LYS A 190 3.99 -8.52 5.37
C LYS A 190 4.88 -9.12 6.43
N PRO A 191 6.15 -8.73 6.51
CA PRO A 191 6.96 -9.17 7.66
C PRO A 191 6.27 -8.80 8.97
N ASP A 192 6.36 -9.70 9.95
CA ASP A 192 5.76 -9.59 11.29
C ASP A 192 4.25 -9.77 11.34
N ASP A 193 3.59 -10.05 10.21
CA ASP A 193 2.15 -10.27 10.23
C ASP A 193 1.78 -11.50 11.05
N THR A 194 0.58 -11.46 11.59
CA THR A 194 -0.10 -12.65 12.05
C THR A 194 -1.04 -13.13 10.96
N VAL A 195 -0.92 -14.40 10.62
CA VAL A 195 -1.67 -15.02 9.53
C VAL A 195 -2.41 -16.21 10.09
N VAL A 196 -3.71 -16.30 9.79
CA VAL A 196 -4.56 -17.41 10.17
C VAL A 196 -4.97 -18.11 8.88
N ILE A 197 -4.71 -19.42 8.80
CA ILE A 197 -5.05 -20.20 7.61
C ILE A 197 -6.13 -21.18 8.02
N ILE A 198 -7.33 -21.00 7.48
CA ILE A 198 -8.48 -21.82 7.85
C ILE A 198 -8.59 -22.95 6.85
N GLY A 199 -8.45 -24.19 7.33
CA GLY A 199 -8.33 -25.33 6.45
C GLY A 199 -6.87 -25.64 6.14
N ALA A 200 -6.02 -25.56 7.17
CA ALA A 200 -4.57 -25.52 6.97
C ALA A 200 -3.96 -26.86 6.56
N ASN A 201 -4.70 -27.97 6.66
CA ASN A 201 -4.16 -29.27 6.27
C ASN A 201 -4.37 -29.59 4.80
N GLY A 202 -5.16 -28.78 4.09
CA GLY A 202 -5.53 -29.12 2.73
C GLY A 202 -4.39 -28.90 1.76
N LYS A 203 -4.70 -29.19 0.50
CA LYS A 203 -3.72 -29.09 -0.56
C LYS A 203 -3.22 -27.66 -0.72
N SER A 204 -4.15 -26.71 -0.82
CA SER A 204 -3.72 -25.31 -0.88
C SER A 204 -3.27 -24.83 0.49
N GLY A 205 -3.87 -25.37 1.56
CA GLY A 205 -3.55 -24.93 2.91
C GLY A 205 -2.08 -25.14 3.28
N ILE A 206 -1.52 -26.30 2.97
CA ILE A 206 -0.15 -26.51 3.39
C ILE A 206 0.80 -25.62 2.59
N LEU A 207 0.49 -25.35 1.32
CA LEU A 207 1.28 -24.37 0.58
C LEU A 207 1.16 -22.99 1.18
N CYS A 208 -0.05 -22.62 1.60
CA CYS A 208 -0.26 -21.31 2.22
C CYS A 208 0.46 -21.19 3.56
N ASN A 209 0.48 -22.27 4.36
CA ASN A 209 1.22 -22.24 5.63
C ASN A 209 2.66 -21.84 5.40
N ALA A 210 3.30 -22.45 4.39
CA ALA A 210 4.72 -22.26 4.17
C ALA A 210 5.04 -20.86 3.66
N VAL A 211 4.30 -20.35 2.67
CA VAL A 211 4.66 -19.01 2.22
C VAL A 211 4.23 -17.97 3.27
N ALA A 212 3.13 -18.20 4.00
CA ALA A 212 2.81 -17.29 5.08
C ALA A 212 3.96 -17.21 6.08
N LYS A 213 4.58 -18.35 6.42
CA LYS A 213 5.67 -18.26 7.40
C LYS A 213 6.91 -17.64 6.78
N GLU A 214 7.18 -17.89 5.49
CA GLU A 214 8.33 -17.25 4.86
C GLU A 214 8.17 -15.75 4.82
N ARG A 215 6.96 -15.28 4.51
CA ARG A 215 6.71 -13.85 4.33
C ARG A 215 6.58 -13.12 5.66
N ALA A 216 5.96 -13.76 6.65
CA ALA A 216 5.80 -13.13 7.96
C ALA A 216 7.09 -13.19 8.77
N GLY A 217 7.93 -14.18 8.53
CA GLY A 217 9.26 -14.17 9.07
C GLY A 217 9.33 -14.59 10.52
N ILE A 218 10.51 -14.40 11.08
CA ILE A 218 10.84 -14.96 12.40
C ILE A 218 9.98 -14.34 13.50
N CYS A 219 9.59 -13.07 13.38
CA CYS A 219 8.76 -12.42 14.38
C CYS A 219 7.30 -12.27 13.96
N GLY A 220 6.88 -12.95 12.88
CA GLY A 220 5.49 -13.12 12.57
C GLY A 220 4.95 -14.39 13.20
N LYS A 221 3.65 -14.61 12.99
CA LYS A 221 2.93 -15.69 13.65
C LYS A 221 1.96 -16.31 12.66
N VAL A 222 2.08 -17.61 12.42
CA VAL A 222 1.21 -18.30 11.48
C VAL A 222 0.39 -19.29 12.27
N ILE A 223 -0.93 -19.17 12.17
CA ILE A 223 -1.88 -19.97 12.95
C ILE A 223 -2.73 -20.74 11.96
N GLY A 224 -2.67 -22.06 12.04
CA GLY A 224 -3.55 -22.91 11.24
C GLY A 224 -4.81 -23.27 12.01
N VAL A 225 -5.91 -23.45 11.30
CA VAL A 225 -7.15 -23.91 11.90
C VAL A 225 -7.56 -25.21 11.23
N VAL A 226 -7.70 -26.27 12.03
CA VAL A 226 -8.12 -27.57 11.54
C VAL A 226 -9.12 -28.15 12.54
N ARG A 227 -9.90 -29.10 12.06
CA ARG A 227 -10.89 -29.77 12.91
C ARG A 227 -10.43 -31.14 13.37
N ASN A 228 -9.23 -31.58 13.00
CA ASN A 228 -8.79 -32.94 13.31
C ASN A 228 -7.40 -32.88 13.93
N GLU A 229 -7.26 -33.43 15.15
CA GLU A 229 -5.96 -33.46 15.84
C GLU A 229 -4.89 -34.17 15.02
N ASN A 230 -5.32 -35.10 14.16
CA ASN A 230 -4.40 -35.84 13.30
C ASN A 230 -3.57 -34.91 12.42
N TYR A 231 -4.08 -33.71 12.14
CA TYR A 231 -3.47 -32.76 11.21
C TYR A 231 -2.45 -31.82 11.84
N ILE A 232 -2.36 -31.79 13.17
CA ILE A 232 -1.47 -30.84 13.85
C ILE A 232 -0.03 -30.96 13.40
N PRO A 233 0.60 -32.15 13.37
CA PRO A 233 2.01 -32.23 12.94
C PRO A 233 2.25 -31.69 11.54
N THR A 234 1.37 -31.98 10.60
CA THR A 234 1.56 -31.48 9.24
C THR A 234 1.46 -29.96 9.19
N CYS A 235 0.48 -29.39 9.89
CA CYS A 235 0.36 -27.94 9.93
C CYS A 235 1.63 -27.31 10.48
N LYS A 236 2.16 -27.85 11.57
CA LYS A 236 3.39 -27.30 12.13
C LYS A 236 4.58 -27.53 11.21
N ALA A 237 4.68 -28.70 10.59
CA ALA A 237 5.84 -28.97 9.74
C ALA A 237 5.86 -28.07 8.50
N THR A 238 4.69 -27.61 8.04
CA THR A 238 4.64 -26.78 6.85
C THR A 238 4.58 -25.28 7.16
N GLY A 239 4.75 -24.88 8.42
CA GLY A 239 4.87 -23.45 8.69
C GLY A 239 4.07 -22.87 9.83
N CYS A 240 3.05 -23.57 10.34
CA CYS A 240 2.24 -23.02 11.42
C CYS A 240 3.01 -22.99 12.74
N ASP A 241 3.01 -21.83 13.40
CA ASP A 241 3.56 -21.71 14.75
C ASP A 241 2.59 -22.24 15.79
N GLU A 242 1.29 -22.10 15.52
CA GLU A 242 0.23 -22.54 16.42
C GLU A 242 -0.84 -23.20 15.59
N VAL A 243 -1.60 -24.10 16.21
CA VAL A 243 -2.71 -24.75 15.54
C VAL A 243 -3.93 -24.68 16.45
N ILE A 244 -5.06 -24.25 15.89
CA ILE A 244 -6.34 -24.20 16.57
C ILE A 244 -7.18 -25.37 16.11
N LEU A 245 -7.81 -26.07 17.05
CA LEU A 245 -8.73 -27.15 16.76
C LEU A 245 -10.16 -26.60 16.80
N ALA A 246 -10.80 -26.51 15.64
CA ALA A 246 -12.16 -25.97 15.58
C ALA A 246 -12.77 -26.37 14.24
N GLN A 247 -14.09 -26.53 14.25
CA GLN A 247 -14.83 -26.54 13.01
C GLN A 247 -14.78 -25.15 12.40
N ALA A 248 -14.58 -25.08 11.09
CA ALA A 248 -14.44 -23.79 10.42
C ALA A 248 -15.74 -23.00 10.45
N THR A 249 -16.85 -23.64 10.79
CA THR A 249 -18.15 -23.01 10.95
C THR A 249 -18.36 -22.42 12.34
N ASP A 250 -17.42 -22.62 13.27
CA ASP A 250 -17.55 -22.22 14.67
C ASP A 250 -16.87 -20.87 14.88
N ALA A 251 -17.63 -19.80 14.64
CA ALA A 251 -17.04 -18.46 14.74
C ALA A 251 -16.55 -18.15 16.16
N ILE A 252 -17.30 -18.58 17.18
CA ILE A 252 -16.96 -18.18 18.55
C ILE A 252 -15.64 -18.84 18.99
N THR A 253 -15.50 -20.14 18.76
CA THR A 253 -14.26 -20.79 19.17
C THR A 253 -13.04 -20.23 18.44
N ILE A 254 -13.15 -20.02 17.13
CA ILE A 254 -12.01 -19.48 16.36
C ILE A 254 -11.65 -18.09 16.87
N GLN A 255 -12.64 -17.21 17.04
CA GLN A 255 -12.35 -15.87 17.55
C GLN A 255 -11.63 -15.95 18.90
N LYS A 256 -12.14 -16.81 19.77
CA LYS A 256 -11.61 -16.91 21.13
C LYS A 256 -10.17 -17.39 21.13
N GLU A 257 -9.88 -18.38 20.30
CA GLU A 257 -8.57 -19.01 20.29
C GLU A 257 -7.56 -18.14 19.58
N VAL A 258 -7.95 -17.52 18.47
CA VAL A 258 -7.07 -16.53 17.82
C VAL A 258 -6.76 -15.39 18.78
N SER A 259 -7.78 -14.92 19.50
CA SER A 259 -7.55 -13.88 20.50
C SER A 259 -6.58 -14.34 21.58
N ARG A 260 -6.78 -15.56 22.11
CA ARG A 260 -5.85 -16.04 23.13
C ARG A 260 -4.42 -16.06 22.60
N LEU A 261 -4.24 -16.60 21.40
CA LEU A 261 -2.91 -16.75 20.84
C LEU A 261 -2.28 -15.43 20.41
N THR A 262 -3.05 -14.35 20.31
CA THR A 262 -2.52 -13.07 19.89
C THR A 262 -2.71 -11.99 20.94
N ASN A 263 -3.12 -12.36 22.14
CA ASN A 263 -3.38 -11.41 23.21
C ASN A 263 -4.35 -10.31 22.74
N GLY A 264 -5.37 -10.73 22.02
CA GLY A 264 -6.41 -9.84 21.56
C GLY A 264 -6.11 -9.09 20.29
N LYS A 265 -4.90 -9.21 19.74
CA LYS A 265 -4.55 -8.41 18.57
C LYS A 265 -5.17 -8.92 17.28
N MET A 266 -5.42 -10.24 17.18
CA MET A 266 -6.07 -10.91 16.05
C MET A 266 -5.17 -10.93 14.82
N ALA A 267 -5.70 -11.33 13.66
CA ALA A 267 -4.87 -11.60 12.49
C ALA A 267 -4.82 -10.41 11.54
N ASP A 268 -3.64 -10.15 11.00
CA ASP A 268 -3.50 -9.19 9.91
C ASP A 268 -4.09 -9.73 8.62
N VAL A 269 -4.00 -11.04 8.41
CA VAL A 269 -4.41 -11.70 7.18
C VAL A 269 -5.06 -13.02 7.56
N VAL A 270 -6.26 -13.27 7.02
CA VAL A 270 -6.97 -14.54 7.16
C VAL A 270 -7.08 -15.15 5.78
N ILE A 271 -6.65 -16.40 5.63
CA ILE A 271 -6.70 -17.10 4.35
C ILE A 271 -7.64 -18.27 4.52
N ASN A 272 -8.68 -18.30 3.72
CA ASN A 272 -9.72 -19.30 3.83
C ASN A 272 -9.62 -20.24 2.63
N VAL A 273 -9.24 -21.49 2.91
CA VAL A 273 -9.03 -22.49 1.88
C VAL A 273 -9.77 -23.78 2.25
N VAL A 274 -10.94 -23.66 2.87
CA VAL A 274 -11.80 -24.80 3.19
C VAL A 274 -12.68 -25.12 1.99
N ASN A 275 -13.30 -26.30 1.97
CA ASN A 275 -14.22 -26.61 0.89
C ASN A 275 -15.64 -26.76 1.41
N THR A 276 -16.00 -26.04 2.47
CA THR A 276 -17.35 -26.11 3.01
C THR A 276 -17.94 -24.71 3.19
N GLU A 277 -19.26 -24.69 3.31
CA GLU A 277 -20.06 -23.47 3.41
C GLU A 277 -20.11 -22.92 4.83
N ASP A 278 -20.52 -21.66 4.94
CA ASP A 278 -20.79 -20.95 6.19
C ASP A 278 -19.53 -20.75 7.05
N THR A 279 -18.38 -20.56 6.40
CA THR A 279 -17.17 -20.21 7.14
C THR A 279 -16.78 -18.76 6.96
N GLU A 280 -17.62 -17.95 6.30
CA GLU A 280 -17.29 -16.54 6.03
C GLU A 280 -17.20 -15.75 7.33
N LEU A 281 -18.24 -15.80 8.17
CA LEU A 281 -18.20 -15.03 9.41
C LEU A 281 -17.09 -15.49 10.34
N PRO A 282 -16.86 -16.80 10.58
CA PRO A 282 -15.69 -17.17 11.38
C PRO A 282 -14.37 -16.60 10.83
N SER A 283 -14.22 -16.53 9.51
CA SER A 283 -12.99 -15.96 8.94
C SER A 283 -12.91 -14.46 9.22
N ILE A 284 -14.01 -13.75 9.01
CA ILE A 284 -14.05 -12.31 9.25
C ILE A 284 -13.71 -12.00 10.70
N MET A 285 -14.24 -12.77 11.64
CA MET A 285 -14.04 -12.44 13.04
C MET A 285 -12.64 -12.76 13.53
N ALA A 286 -11.86 -13.55 12.78
CA ALA A 286 -10.48 -13.79 13.14
C ALA A 286 -9.56 -12.63 12.80
N ALA A 287 -10.02 -11.70 11.98
CA ALA A 287 -9.18 -10.60 11.53
C ALA A 287 -9.19 -9.45 12.53
N LYS A 288 -8.07 -8.74 12.59
CA LYS A 288 -8.07 -7.47 13.31
C LYS A 288 -8.80 -6.39 12.50
N ASP A 289 -9.00 -5.23 13.15
CA ASP A 289 -9.65 -4.11 12.48
C ASP A 289 -8.84 -3.71 11.25
N ARG A 290 -9.53 -3.54 10.11
CA ARG A 290 -8.91 -3.24 8.82
C ARG A 290 -8.00 -4.37 8.34
N GLY A 291 -8.16 -5.58 8.86
CA GLY A 291 -7.41 -6.72 8.37
C GLY A 291 -7.92 -7.20 7.03
N MET A 292 -7.20 -8.19 6.47
CA MET A 292 -7.45 -8.71 5.14
C MET A 292 -7.96 -10.14 5.25
N VAL A 293 -9.11 -10.43 4.62
CA VAL A 293 -9.68 -11.78 4.60
C VAL A 293 -9.73 -12.23 3.15
N TYR A 294 -8.96 -13.26 2.82
CA TYR A 294 -8.82 -13.71 1.45
C TYR A 294 -9.58 -15.02 1.30
N PHE A 295 -10.68 -14.99 0.55
CA PHE A 295 -11.55 -16.15 0.38
C PHE A 295 -11.15 -16.92 -0.87
N PHE A 296 -10.55 -18.09 -0.71
CA PHE A 296 -10.23 -18.94 -1.83
C PHE A 296 -11.28 -20.00 -2.12
N SER A 297 -12.09 -20.36 -1.14
CA SER A 297 -12.97 -21.50 -1.32
C SER A 297 -14.07 -21.12 -2.30
N MET A 298 -14.33 -22.02 -3.25
CA MET A 298 -15.43 -21.86 -4.17
C MET A 298 -16.78 -22.05 -3.48
N ALA A 299 -16.77 -22.46 -2.21
CA ALA A 299 -17.96 -22.51 -1.39
C ALA A 299 -18.34 -21.15 -0.78
N THR A 300 -17.49 -20.13 -0.92
CA THR A 300 -17.76 -18.81 -0.35
C THR A 300 -19.02 -18.18 -0.94
N SER A 301 -19.91 -17.69 -0.07
CA SER A 301 -21.07 -16.93 -0.51
C SER A 301 -20.77 -15.45 -0.41
N PHE A 302 -20.93 -14.73 -1.52
CA PHE A 302 -20.76 -13.29 -1.53
C PHE A 302 -21.65 -12.63 -0.48
N THR A 303 -22.95 -12.98 -0.47
CA THR A 303 -23.85 -12.28 0.46
C THR A 303 -23.54 -12.64 1.91
N LYS A 304 -23.14 -13.89 2.17
CA LYS A 304 -22.80 -14.26 3.55
C LYS A 304 -21.58 -13.52 4.05
N ALA A 305 -20.58 -13.30 3.18
CA ALA A 305 -19.41 -12.50 3.55
C ALA A 305 -19.82 -11.05 3.81
N ALA A 306 -20.61 -10.46 2.91
CA ALA A 306 -20.98 -9.06 3.03
C ALA A 306 -21.86 -8.84 4.26
N LEU A 307 -22.92 -9.64 4.42
CA LEU A 307 -23.80 -9.44 5.57
C LEU A 307 -23.12 -9.85 6.86
N GLY A 308 -22.24 -10.85 6.80
CA GLY A 308 -21.50 -11.22 7.98
C GLY A 308 -20.72 -10.06 8.57
N ALA A 309 -19.95 -9.36 7.72
CA ALA A 309 -19.15 -8.24 8.20
C ALA A 309 -20.03 -7.08 8.70
N GLU A 310 -21.16 -6.83 8.03
CA GLU A 310 -22.03 -5.72 8.42
C GLU A 310 -22.61 -5.92 9.82
N GLY A 311 -23.11 -7.13 10.12
CA GLY A 311 -23.85 -7.34 11.35
C GLY A 311 -23.03 -7.20 12.61
N ILE A 312 -21.71 -7.39 12.52
CA ILE A 312 -20.83 -7.22 13.66
C ILE A 312 -19.86 -6.06 13.46
N GLY A 313 -20.14 -5.18 12.51
CA GLY A 313 -19.34 -3.98 12.38
C GLY A 313 -17.87 -4.25 12.16
N ALA A 314 -17.55 -5.22 11.32
CA ALA A 314 -16.18 -5.57 11.02
C ALA A 314 -15.72 -4.79 9.79
N ASP A 315 -14.83 -3.80 10.00
CA ASP A 315 -14.29 -3.05 8.87
C ASP A 315 -13.03 -3.79 8.41
N VAL A 316 -13.24 -4.81 7.58
CA VAL A 316 -12.16 -5.63 7.04
C VAL A 316 -12.28 -5.63 5.52
N ASP A 317 -11.16 -5.92 4.85
CA ASP A 317 -11.19 -6.08 3.39
C ASP A 317 -11.39 -7.55 3.08
N MET A 318 -12.33 -7.84 2.20
CA MET A 318 -12.68 -9.22 1.85
C MET A 318 -12.47 -9.40 0.36
N MET A 319 -11.59 -10.31 -0.01
CA MET A 319 -11.21 -10.47 -1.41
C MET A 319 -11.75 -11.78 -1.98
N ILE A 320 -12.29 -11.70 -3.18
CA ILE A 320 -12.64 -12.89 -3.95
C ILE A 320 -11.34 -13.51 -4.44
N GLY A 321 -11.01 -14.70 -3.93
CA GLY A 321 -9.76 -15.33 -4.32
C GLY A 321 -9.63 -15.60 -5.79
N ASN A 322 -8.68 -14.91 -6.44
CA ASN A 322 -8.40 -15.09 -7.85
C ASN A 322 -7.43 -16.25 -7.98
N GLY A 323 -7.89 -17.34 -8.61
CA GLY A 323 -7.08 -18.50 -8.86
C GLY A 323 -5.92 -18.28 -9.82
N TYR A 324 -5.95 -17.20 -10.62
CA TYR A 324 -4.87 -16.87 -11.54
C TYR A 324 -4.06 -15.70 -11.00
N ALA A 325 -2.73 -15.81 -11.13
CA ALA A 325 -1.85 -14.68 -10.91
C ALA A 325 -0.64 -14.86 -11.81
N HIS A 326 -0.07 -13.75 -12.28
CA HIS A 326 1.12 -13.84 -13.11
C HIS A 326 2.14 -14.77 -12.46
N HIS A 327 2.64 -15.72 -13.26
CA HIS A 327 3.68 -16.68 -12.88
C HIS A 327 3.26 -17.63 -11.76
N HIS A 328 1.96 -17.81 -11.50
CA HIS A 328 1.59 -18.56 -10.30
C HIS A 328 2.08 -20.01 -10.37
N SER A 329 2.06 -20.65 -11.54
CA SER A 329 2.60 -22.01 -11.67
C SER A 329 4.08 -22.05 -11.28
N GLU A 330 4.87 -21.15 -11.84
CA GLU A 330 6.30 -21.16 -11.57
C GLU A 330 6.58 -20.89 -10.10
N ILE A 331 5.81 -19.96 -9.50
CA ILE A 331 6.00 -19.59 -8.09
C ILE A 331 5.63 -20.76 -7.18
N ALA A 332 4.55 -21.47 -7.49
CA ALA A 332 4.15 -22.58 -6.63
C ALA A 332 5.11 -23.76 -6.80
N LEU A 333 5.51 -24.05 -8.03
CA LEU A 333 6.50 -25.10 -8.25
C LEU A 333 7.83 -24.76 -7.58
N ASP A 334 8.24 -23.50 -7.63
CA ASP A 334 9.49 -23.11 -6.96
C ASP A 334 9.39 -23.30 -5.45
N LEU A 335 8.20 -23.07 -4.89
CA LEU A 335 8.00 -23.30 -3.46
C LEU A 335 8.26 -24.75 -3.09
N LEU A 336 7.75 -25.70 -3.87
CA LEU A 336 8.02 -27.10 -3.57
C LEU A 336 9.49 -27.44 -3.72
N ARG A 337 10.19 -26.83 -4.68
CA ARG A 337 11.61 -27.14 -4.87
C ARG A 337 12.44 -26.54 -3.73
N ARG A 338 11.97 -25.44 -3.10
CA ARG A 338 12.73 -24.88 -1.99
C ARG A 338 12.46 -25.58 -0.66
N ASN A 339 11.30 -26.20 -0.51
CA ASN A 339 10.82 -26.71 0.77
C ASN A 339 10.70 -28.22 0.68
N SER A 340 11.70 -28.95 1.20
CA SER A 340 11.67 -30.41 1.09
C SER A 340 10.55 -31.03 1.93
N VAL A 341 10.11 -30.36 3.00
CA VAL A 341 8.99 -30.89 3.77
C VAL A 341 7.73 -30.92 2.93
N LEU A 342 7.39 -29.81 2.28
CA LEU A 342 6.23 -29.77 1.40
C LEU A 342 6.36 -30.76 0.27
N MET A 343 7.52 -30.80 -0.38
CA MET A 343 7.69 -31.71 -1.50
C MET A 343 7.40 -33.15 -1.07
N LYS A 344 7.93 -33.55 0.08
CA LYS A 344 7.69 -34.91 0.56
C LYS A 344 6.21 -35.17 0.84
N ILE A 345 5.52 -34.19 1.45
CA ILE A 345 4.08 -34.33 1.69
C ILE A 345 3.31 -34.39 0.38
N PHE A 346 3.64 -33.49 -0.56
CA PHE A 346 2.92 -33.47 -1.83
C PHE A 346 3.11 -34.75 -2.62
N LYS A 347 4.33 -35.30 -2.62
CA LYS A 347 4.55 -36.57 -3.30
C LYS A 347 3.75 -37.69 -2.64
N GLU A 348 3.75 -37.74 -1.31
CA GLU A 348 3.04 -38.78 -0.58
C GLU A 348 1.55 -38.67 -0.84
N ARG A 349 1.02 -37.45 -0.89
CA ARG A 349 -0.42 -37.27 -1.06
C ARG A 349 -0.86 -37.39 -2.52
N TYR A 350 -0.10 -36.78 -3.43
CA TYR A 350 -0.61 -36.53 -4.78
C TYR A 350 0.23 -37.06 -5.94
N ALA A 351 1.36 -37.70 -5.68
CA ALA A 351 2.10 -38.25 -6.81
C ALA A 351 1.45 -39.57 -7.22
N GLU A 352 1.38 -39.81 -8.53
CA GLU A 352 0.88 -41.10 -8.98
C GLU A 352 1.94 -42.18 -8.83
N HIS A 353 3.19 -41.89 -9.20
CA HIS A 353 4.24 -42.88 -9.25
C HIS A 353 5.23 -42.60 -8.13
N HIS A 354 5.46 -43.61 -7.29
CA HIS A 354 6.21 -43.46 -6.04
C HIS A 354 7.47 -44.32 -6.12
N MET B 1 18.99 20.07 -37.65
CA MET B 1 18.38 19.53 -36.46
C MET B 1 18.94 18.13 -36.18
N LYS B 2 19.69 17.97 -35.11
CA LYS B 2 20.38 16.74 -34.82
C LYS B 2 19.46 15.70 -34.18
N SER B 3 19.80 14.41 -34.39
CA SER B 3 18.98 13.29 -33.91
C SER B 3 19.72 12.55 -32.80
N ASN B 4 18.99 11.65 -32.14
CA ASN B 4 19.55 10.84 -31.05
C ASN B 4 20.05 11.72 -29.91
N GLY B 5 19.24 12.68 -29.52
CA GLY B 5 19.54 13.42 -28.30
C GLY B 5 19.19 12.57 -27.09
N CYS B 6 20.01 12.71 -26.04
CA CYS B 6 19.74 12.03 -24.79
C CYS B 6 18.67 12.79 -24.02
N ARG B 7 17.66 12.07 -23.50
CA ARG B 7 16.61 12.74 -22.74
C ARG B 7 17.17 13.43 -21.50
N TYR B 8 18.28 12.94 -20.97
CA TYR B 8 18.91 13.55 -19.81
C TYR B 8 19.86 14.68 -20.17
N GLY B 9 20.10 14.91 -21.47
CA GLY B 9 20.88 16.05 -21.92
C GLY B 9 22.38 15.84 -22.02
N THR B 10 22.86 14.59 -21.93
CA THR B 10 24.30 14.36 -21.90
C THR B 10 24.98 14.78 -23.21
N HIS B 11 24.23 14.86 -24.30
CA HIS B 11 24.80 15.27 -25.58
C HIS B 11 25.25 16.73 -25.57
N ARG B 12 24.83 17.52 -24.60
CA ARG B 12 25.28 18.91 -24.48
C ARG B 12 26.30 19.11 -23.37
N VAL B 13 26.75 18.03 -22.75
CA VAL B 13 27.75 18.13 -21.68
C VAL B 13 29.13 18.17 -22.33
N ILE B 14 29.83 19.28 -22.15
CA ILE B 14 31.16 19.39 -22.73
C ILE B 14 32.21 19.01 -21.70
N GLU B 15 32.08 19.48 -20.46
CA GLU B 15 33.14 19.15 -19.51
C GLU B 15 32.57 19.02 -18.10
N PRO B 16 32.92 17.97 -17.35
CA PRO B 16 33.72 16.83 -17.80
C PRO B 16 32.86 15.81 -18.55
N LYS B 17 33.46 15.05 -19.44
CA LYS B 17 32.70 14.11 -20.24
C LYS B 17 32.20 12.94 -19.37
N GLY B 18 31.01 12.44 -19.68
CA GLY B 18 30.46 11.29 -18.99
C GLY B 18 29.62 11.59 -17.78
N VAL B 19 29.31 12.86 -17.53
CA VAL B 19 28.44 13.24 -16.43
C VAL B 19 27.17 13.90 -16.98
N LEU B 20 26.23 14.15 -16.09
CA LEU B 20 24.96 14.77 -16.41
C LEU B 20 25.05 16.29 -16.45
N PRO B 21 24.10 16.96 -17.11
CA PRO B 21 24.19 18.44 -17.20
C PRO B 21 24.28 19.17 -15.86
N GLN B 22 23.55 18.75 -14.82
CA GLN B 22 23.61 19.48 -13.56
C GLN B 22 25.00 19.45 -12.92
N PRO B 23 25.64 18.28 -12.71
CA PRO B 23 27.01 18.30 -12.15
C PRO B 23 28.07 18.80 -13.13
N ALA B 24 27.79 18.83 -14.42
CA ALA B 24 28.79 19.28 -15.37
C ALA B 24 29.23 20.71 -15.07
N LYS B 25 30.42 21.04 -15.56
CA LYS B 25 30.98 22.38 -15.48
C LYS B 25 30.71 23.22 -16.71
N ILE B 26 30.78 22.60 -17.89
CA ILE B 26 30.57 23.32 -19.14
C ILE B 26 29.53 22.58 -19.96
N LEU B 27 28.48 23.30 -20.34
CA LEU B 27 27.45 22.83 -21.23
C LEU B 27 27.61 23.49 -22.60
N ASN B 28 27.10 22.82 -23.63
CA ASN B 28 27.02 23.42 -24.95
C ASN B 28 25.77 24.28 -25.02
N ASN B 29 25.97 25.61 -25.08
CA ASN B 29 24.87 26.54 -25.25
C ASN B 29 24.79 27.07 -26.68
N ASP B 30 25.19 26.25 -27.65
CA ASP B 30 24.96 26.53 -29.06
C ASP B 30 23.47 26.37 -29.38
N MET B 31 22.80 27.47 -29.66
CA MET B 31 21.38 27.45 -29.98
C MET B 31 21.11 27.45 -31.48
N SER B 32 22.16 27.49 -32.31
CA SER B 32 21.97 27.58 -33.75
C SER B 32 21.35 26.31 -34.32
N GLU B 33 21.50 25.18 -33.63
CA GLU B 33 20.82 23.95 -33.98
C GLU B 33 20.47 23.23 -32.68
N ILE B 34 19.33 22.53 -32.68
CA ILE B 34 18.89 21.77 -31.51
C ILE B 34 18.76 20.30 -31.86
N TRP B 35 18.66 19.45 -30.84
CA TRP B 35 18.41 18.03 -31.02
C TRP B 35 16.92 17.72 -31.11
N ASP B 36 16.62 16.53 -31.63
CA ASP B 36 15.25 16.15 -31.94
C ASP B 36 14.36 16.08 -30.72
N ASN B 37 14.93 15.86 -29.52
CA ASN B 37 14.14 15.76 -28.29
C ASN B 37 14.40 16.93 -27.34
N GLU B 38 14.73 18.10 -27.90
CA GLU B 38 14.92 19.32 -27.13
C GLU B 38 13.80 20.32 -27.39
N MET B 39 13.62 21.27 -26.48
CA MET B 39 12.74 22.40 -26.72
C MET B 39 13.52 23.68 -26.50
N LEU B 40 13.44 24.60 -27.46
CA LEU B 40 14.19 25.84 -27.44
C LEU B 40 13.30 26.98 -26.97
N ILE B 41 13.82 27.80 -26.07
CA ILE B 41 13.01 28.85 -25.44
C ILE B 41 13.65 30.21 -25.66
N ASP B 42 12.84 31.17 -26.11
CA ASP B 42 13.19 32.59 -26.13
C ASP B 42 12.96 33.12 -24.72
N VAL B 43 14.05 33.36 -23.99
CA VAL B 43 13.97 33.69 -22.57
C VAL B 43 13.63 35.17 -22.41
N ILE B 44 12.64 35.46 -21.57
CA ILE B 44 12.23 36.82 -21.22
C ILE B 44 12.91 37.28 -19.94
N ARG B 45 12.95 36.42 -18.93
CA ARG B 45 13.40 36.81 -17.59
C ARG B 45 14.11 35.63 -16.95
N LEU B 46 15.12 35.94 -16.15
CA LEU B 46 15.82 34.95 -15.35
C LEU B 46 15.55 35.27 -13.89
N ASN B 47 14.95 34.31 -13.17
CA ASN B 47 14.71 34.46 -11.73
C ASN B 47 15.82 33.68 -11.05
N ILE B 48 16.86 34.39 -10.59
CA ILE B 48 18.05 33.74 -10.03
C ILE B 48 17.77 33.30 -8.60
N ASP B 49 18.28 32.12 -8.24
CA ASP B 49 18.22 31.66 -6.86
C ASP B 49 18.71 32.73 -5.91
N SER B 50 17.93 32.99 -4.85
CA SER B 50 18.19 34.14 -4.01
C SER B 50 19.58 34.07 -3.39
N ALA B 51 19.97 32.89 -2.89
CA ALA B 51 21.31 32.75 -2.30
C ALA B 51 22.40 32.95 -3.33
N SER B 52 22.21 32.40 -4.52
CA SER B 52 23.18 32.61 -5.59
C SER B 52 23.31 34.10 -5.93
N PHE B 53 22.17 34.79 -6.07
CA PHE B 53 22.19 36.21 -6.41
C PHE B 53 22.92 37.01 -5.34
N HIS B 54 22.63 36.71 -4.06
CA HIS B 54 23.28 37.42 -2.97
C HIS B 54 24.77 37.14 -2.94
N GLN B 55 25.17 35.90 -3.19
CA GLN B 55 26.60 35.56 -3.18
C GLN B 55 27.34 36.27 -4.31
N ILE B 56 26.73 36.34 -5.51
CA ILE B 56 27.37 37.05 -6.62
C ILE B 56 27.42 38.55 -6.34
N LYS B 57 26.33 39.09 -5.80
CA LYS B 57 26.31 40.50 -5.39
C LYS B 57 27.47 40.82 -4.46
N ASN B 58 27.64 40.02 -3.39
CA ASN B 58 28.69 40.30 -2.42
C ASN B 58 30.06 40.11 -3.03
N LYS B 59 30.22 39.13 -3.92
CA LYS B 59 31.48 38.98 -4.63
C LYS B 59 31.79 40.23 -5.47
N LEU B 60 30.78 40.78 -6.15
CA LEU B 60 31.02 41.93 -7.00
C LEU B 60 31.39 43.17 -6.20
N ILE B 61 30.75 43.35 -5.04
CA ILE B 61 31.13 44.43 -4.12
C ILE B 61 32.57 44.27 -3.68
N ALA B 62 32.94 43.05 -3.29
CA ALA B 62 34.29 42.77 -2.82
C ALA B 62 35.31 43.00 -3.93
N GLN B 63 34.92 42.76 -5.18
CA GLN B 63 35.79 43.01 -6.32
C GLN B 63 36.01 44.50 -6.58
N GLY B 64 35.19 45.36 -5.99
CA GLY B 64 35.38 46.78 -6.09
C GLY B 64 34.51 47.46 -7.11
N HIS B 65 33.42 46.84 -7.53
CA HIS B 65 32.56 47.44 -8.54
C HIS B 65 31.66 48.48 -7.88
N GLN B 66 31.61 49.68 -8.47
CA GLN B 66 30.67 50.70 -8.02
C GLN B 66 29.29 50.49 -8.63
N ASP B 67 29.22 50.21 -9.92
CA ASP B 67 27.96 49.98 -10.62
C ASP B 67 27.60 48.50 -10.57
N LEU B 68 26.75 48.13 -9.60
CA LEU B 68 26.38 46.73 -9.40
C LEU B 68 25.49 46.18 -10.52
N GLU B 69 24.52 46.94 -11.01
CA GLU B 69 23.72 46.45 -12.13
C GLU B 69 24.60 46.09 -13.32
N LYS B 70 25.56 46.97 -13.66
CA LYS B 70 26.44 46.72 -14.79
C LYS B 70 27.37 45.54 -14.51
N ALA B 71 27.90 45.48 -13.28
CA ALA B 71 28.79 44.37 -12.92
C ALA B 71 28.05 43.04 -12.98
N PHE B 72 26.81 43.01 -12.51
CA PHE B 72 26.06 41.77 -12.50
C PHE B 72 25.75 41.32 -13.92
N ALA B 73 25.27 42.23 -14.77
CA ALA B 73 25.02 41.89 -16.17
C ALA B 73 26.27 41.32 -16.83
N GLU B 74 27.41 41.96 -16.61
CA GLU B 74 28.66 41.48 -17.21
C GLU B 74 29.07 40.14 -16.63
N HIS B 75 28.87 39.96 -15.31
CA HIS B 75 29.16 38.68 -14.69
C HIS B 75 28.31 37.56 -15.29
N ALA B 76 27.02 37.82 -15.50
CA ALA B 76 26.13 36.80 -16.04
C ALA B 76 26.50 36.44 -17.48
N ILE B 77 26.84 37.44 -18.28
CA ILE B 77 27.21 37.18 -19.68
C ILE B 77 28.50 36.35 -19.73
N GLU B 78 29.50 36.74 -18.91
CA GLU B 78 30.77 36.02 -18.88
C GLU B 78 30.56 34.57 -18.44
N LEU B 79 29.78 34.37 -17.37
CA LEU B 79 29.59 33.03 -16.84
C LEU B 79 28.91 32.12 -17.86
N THR B 80 27.82 32.58 -18.46
CA THR B 80 27.08 31.74 -19.39
C THR B 80 27.86 31.50 -20.68
N ASN B 81 28.56 32.52 -21.19
CA ASN B 81 29.34 32.30 -22.41
C ASN B 81 30.44 31.28 -22.17
N ARG B 82 31.02 31.25 -20.98
CA ARG B 82 32.14 30.33 -20.72
C ARG B 82 31.68 28.94 -20.29
N THR B 83 30.66 28.84 -19.44
CA THR B 83 30.21 27.55 -18.92
C THR B 83 28.95 27.01 -19.58
N GLY B 84 28.22 27.81 -20.37
CA GLY B 84 27.00 27.37 -21.02
C GLY B 84 25.74 27.42 -20.19
N LYS B 85 25.80 27.91 -18.96
CA LYS B 85 24.66 27.92 -18.06
C LYS B 85 24.93 28.90 -16.92
N HIS B 86 23.87 29.32 -16.24
CA HIS B 86 24.03 30.17 -15.07
C HIS B 86 23.99 29.32 -13.80
N LYS B 87 24.99 28.47 -13.68
CA LYS B 87 25.22 27.76 -12.44
C LYS B 87 26.31 28.50 -11.67
N ASN B 88 25.96 28.96 -10.47
CA ASN B 88 26.91 29.68 -9.62
C ASN B 88 28.09 28.77 -9.28
N GLU B 89 29.30 29.20 -9.65
CA GLU B 89 30.50 28.37 -9.58
C GLU B 89 31.04 28.24 -8.16
N ASP B 90 30.53 29.04 -7.23
CA ASP B 90 30.92 29.02 -5.83
C ASP B 90 29.94 28.20 -5.00
N THR B 91 28.63 28.36 -5.27
CA THR B 91 27.56 27.68 -4.53
C THR B 91 26.94 26.50 -5.28
N GLY B 92 26.99 26.49 -6.60
CA GLY B 92 26.34 25.45 -7.36
C GLY B 92 24.85 25.70 -7.61
N SER B 93 24.29 26.80 -7.11
CA SER B 93 22.88 27.11 -7.17
C SER B 93 22.50 27.74 -8.52
N GLY B 94 21.22 27.68 -8.87
CA GLY B 94 20.76 28.12 -10.18
C GLY B 94 19.65 29.16 -10.23
N GLY B 95 18.39 28.73 -10.40
CA GLY B 95 17.26 29.61 -10.58
C GLY B 95 16.28 29.00 -11.58
N MET B 96 15.41 29.83 -12.17
CA MET B 96 14.52 29.36 -13.22
C MET B 96 14.33 30.50 -14.23
N PHE B 97 13.62 30.22 -15.31
CA PHE B 97 13.39 31.25 -16.31
C PHE B 97 11.94 31.25 -16.75
N ILE B 98 11.57 32.36 -17.36
CA ILE B 98 10.27 32.54 -18.01
C ILE B 98 10.55 32.93 -19.44
N GLY B 99 9.79 32.37 -20.36
CA GLY B 99 10.09 32.68 -21.75
C GLY B 99 8.98 32.18 -22.65
N ARG B 100 9.21 32.33 -23.95
CA ARG B 100 8.27 31.87 -24.96
C ARG B 100 8.92 30.78 -25.80
N VAL B 101 8.13 29.76 -26.13
CA VAL B 101 8.64 28.62 -26.89
C VAL B 101 9.12 29.13 -28.23
N ALA B 102 10.36 28.78 -28.58
CA ALA B 102 10.94 29.17 -29.84
C ALA B 102 10.90 28.06 -30.88
N ALA B 103 11.20 26.83 -30.49
CA ALA B 103 11.21 25.68 -31.39
C ALA B 103 10.99 24.42 -30.55
N ILE B 104 10.32 23.44 -31.13
CA ILE B 104 10.08 22.16 -30.47
C ILE B 104 10.60 21.06 -31.39
N GLY B 105 11.58 20.29 -30.92
CA GLY B 105 12.03 19.15 -31.69
C GLY B 105 10.92 18.12 -31.86
N ASP B 106 10.96 17.39 -32.98
CA ASP B 106 9.84 16.52 -33.32
C ASP B 106 9.74 15.32 -32.38
N LYS B 107 10.81 14.97 -31.68
CA LYS B 107 10.78 13.87 -30.71
C LYS B 107 10.83 14.36 -29.26
N PHE B 108 10.55 15.64 -29.04
CA PHE B 108 10.49 16.15 -27.68
C PHE B 108 9.39 15.43 -26.90
N GLU B 109 9.72 14.95 -25.70
CA GLU B 109 8.73 14.30 -24.85
C GLU B 109 7.85 15.38 -24.24
N MET B 110 6.78 15.73 -24.95
CA MET B 110 5.83 16.71 -24.45
C MET B 110 5.23 16.26 -23.11
N LYS B 111 5.34 17.11 -22.09
CA LYS B 111 4.59 16.96 -20.86
C LYS B 111 3.33 17.82 -21.03
N GLU B 112 3.29 19.01 -20.42
CA GLU B 112 2.20 19.94 -20.75
C GLU B 112 2.23 20.29 -22.22
N GLU B 113 1.05 20.31 -22.84
CA GLU B 113 0.93 20.58 -24.28
C GLU B 113 1.21 22.05 -24.56
N VAL B 114 2.24 22.36 -25.36
CA VAL B 114 2.58 23.74 -25.68
C VAL B 114 2.96 23.88 -27.15
N LYS B 115 2.89 25.13 -27.66
CA LYS B 115 3.22 25.43 -29.04
C LYS B 115 4.22 26.58 -29.10
N VAL B 116 4.85 26.74 -30.27
CA VAL B 116 5.77 27.86 -30.47
C VAL B 116 5.05 29.15 -30.10
N GLY B 117 5.74 30.01 -29.33
CA GLY B 117 5.19 31.25 -28.87
C GLY B 117 4.57 31.20 -27.50
N ASP B 118 4.22 30.02 -26.99
CA ASP B 118 3.58 29.94 -25.68
C ASP B 118 4.53 30.41 -24.60
N LYS B 119 3.98 31.13 -23.62
CA LYS B 119 4.74 31.62 -22.48
C LYS B 119 4.79 30.55 -21.42
N ILE B 120 6.01 30.20 -20.99
CA ILE B 120 6.23 29.09 -20.06
C ILE B 120 7.18 29.50 -18.95
N ALA B 121 7.14 28.73 -17.87
CA ALA B 121 8.09 28.82 -16.79
C ALA B 121 8.82 27.49 -16.70
N SER B 122 10.14 27.54 -16.59
CA SER B 122 10.89 26.32 -16.33
C SER B 122 10.74 25.95 -14.85
N LEU B 123 10.62 24.65 -14.59
CA LEU B 123 10.51 24.15 -13.24
C LEU B 123 11.70 23.27 -12.89
N VAL B 124 12.80 23.43 -13.62
CA VAL B 124 14.08 22.80 -13.34
C VAL B 124 15.11 23.92 -13.22
N SER B 125 16.21 23.60 -12.55
CA SER B 125 17.15 24.65 -12.18
C SER B 125 17.97 25.14 -13.38
N LEU B 126 18.35 26.42 -13.33
CA LEU B 126 19.35 26.94 -14.25
C LEU B 126 20.68 26.22 -14.08
N SER B 127 20.87 25.44 -13.01
CA SER B 127 22.14 24.74 -12.85
C SER B 127 22.34 23.58 -13.82
N LEU B 128 21.29 23.17 -14.55
CA LEU B 128 21.43 22.17 -15.62
C LEU B 128 20.96 22.67 -16.97
N THR B 129 20.63 23.98 -17.10
CA THR B 129 19.95 24.49 -18.29
C THR B 129 20.96 25.14 -19.24
N PRO B 130 21.15 24.63 -20.45
CA PRO B 130 21.92 25.38 -21.45
C PRO B 130 21.29 26.73 -21.70
N LEU B 131 22.10 27.78 -21.60
CA LEU B 131 21.60 29.15 -21.61
C LEU B 131 22.57 30.05 -22.35
N LYS B 132 22.08 30.77 -23.35
CA LYS B 132 22.83 31.77 -24.08
C LYS B 132 22.21 33.14 -23.79
N ILE B 133 22.99 34.05 -23.21
CA ILE B 133 22.51 35.40 -22.95
C ILE B 133 23.09 36.31 -24.05
N ASN B 134 22.21 36.82 -24.90
CA ASN B 134 22.65 37.71 -25.98
C ASN B 134 22.69 39.18 -25.55
N LYS B 135 21.81 39.60 -24.64
CA LYS B 135 21.81 40.95 -24.13
C LYS B 135 21.12 40.94 -22.76
N VAL B 136 21.66 41.71 -21.82
CA VAL B 136 21.01 41.92 -20.53
C VAL B 136 20.32 43.29 -20.61
N LYS B 137 18.98 43.28 -20.54
CA LYS B 137 18.26 44.55 -20.63
C LYS B 137 18.20 45.26 -19.28
N LYS B 138 18.01 44.51 -18.20
CA LYS B 138 17.83 45.11 -16.89
C LYS B 138 18.23 44.14 -15.79
N VAL B 139 18.95 44.65 -14.79
CA VAL B 139 19.25 43.88 -13.58
C VAL B 139 18.38 44.44 -12.45
N LEU B 140 17.53 43.59 -11.88
CA LEU B 140 16.64 44.02 -10.80
C LEU B 140 17.27 43.55 -9.49
N LEU B 141 18.08 44.41 -8.88
CA LEU B 141 18.85 43.99 -7.71
C LEU B 141 17.98 43.61 -6.52
N ASP B 142 16.78 44.20 -6.38
CA ASP B 142 15.92 43.90 -5.25
C ASP B 142 15.02 42.70 -5.48
N LYS B 143 14.98 42.17 -6.71
CA LYS B 143 14.09 41.06 -7.05
C LYS B 143 14.84 39.83 -7.52
N ASP B 144 16.18 39.82 -7.45
CA ASP B 144 16.99 38.68 -7.89
C ASP B 144 16.69 38.31 -9.34
N GLN B 145 16.43 39.30 -10.20
CA GLN B 145 15.95 39.07 -11.55
C GLN B 145 16.87 39.72 -12.59
N MET B 146 16.86 39.15 -13.79
CA MET B 146 17.47 39.81 -14.94
C MET B 146 16.49 39.70 -16.10
N GLU B 147 16.15 40.84 -16.69
CA GLU B 147 15.37 40.87 -17.91
C GLU B 147 16.36 40.84 -19.05
N ILE B 148 16.25 39.83 -19.94
CA ILE B 148 17.29 39.56 -20.91
C ILE B 148 16.68 39.29 -22.27
N GLU B 149 17.55 39.29 -23.28
CA GLU B 149 17.28 38.69 -24.57
C GLU B 149 18.21 37.49 -24.65
N GLY B 150 17.65 36.30 -24.82
CA GLY B 150 18.47 35.10 -24.84
C GLY B 150 17.63 33.87 -25.09
N GLN B 151 18.30 32.72 -25.07
CA GLN B 151 17.63 31.46 -25.37
C GLN B 151 18.14 30.35 -24.46
N ALA B 152 17.26 29.40 -24.14
CA ALA B 152 17.59 28.30 -23.24
C ALA B 152 17.03 27.01 -23.81
N ILE B 153 17.63 25.89 -23.40
CA ILE B 153 17.22 24.57 -23.84
C ILE B 153 16.56 23.85 -22.68
N LEU B 154 15.41 23.24 -22.94
CA LEU B 154 14.81 22.25 -22.04
C LEU B 154 15.01 20.87 -22.66
N PHE B 155 15.57 19.93 -21.88
CA PHE B 155 15.70 18.54 -22.31
C PHE B 155 14.36 17.82 -22.14
N SER B 156 14.24 16.65 -22.78
CA SER B 156 13.00 15.87 -22.63
C SER B 156 12.75 15.48 -21.18
N SER B 157 13.80 15.28 -20.39
CA SER B 157 13.64 14.98 -18.97
C SER B 157 13.27 16.19 -18.13
N GLY B 158 13.33 17.39 -18.68
CA GLY B 158 13.04 18.59 -17.91
C GLY B 158 11.57 18.76 -17.59
N VAL B 159 11.29 19.82 -16.84
CA VAL B 159 9.94 20.13 -16.36
C VAL B 159 9.68 21.62 -16.61
N TYR B 160 8.45 21.93 -17.06
CA TYR B 160 8.08 23.30 -17.39
C TYR B 160 6.57 23.40 -17.18
N ALA B 161 6.06 24.64 -17.19
CA ALA B 161 4.62 24.85 -17.14
C ALA B 161 4.22 26.04 -17.98
N LYS B 162 3.16 25.86 -18.77
CA LYS B 162 2.55 26.97 -19.49
C LYS B 162 1.83 27.88 -18.52
N LEU B 163 2.04 29.17 -18.67
CA LEU B 163 1.39 30.11 -17.78
C LEU B 163 -0.07 30.24 -18.20
N PRO B 164 -1.02 29.95 -17.31
CA PRO B 164 -2.43 29.99 -17.70
C PRO B 164 -2.86 31.42 -17.98
N ASP B 165 -3.71 31.57 -18.99
CA ASP B 165 -4.11 32.89 -19.45
C ASP B 165 -5.01 33.65 -18.46
N ASP B 166 -5.73 32.93 -17.57
CA ASP B 166 -6.75 33.58 -16.74
C ASP B 166 -6.26 34.04 -15.38
N LEU B 167 -4.96 33.95 -15.07
CA LEU B 167 -4.49 34.26 -13.74
C LEU B 167 -3.29 35.19 -13.81
N ASP B 168 -3.16 36.07 -12.81
CA ASP B 168 -2.02 36.96 -12.71
C ASP B 168 -0.71 36.19 -12.80
N GLU B 169 0.23 36.73 -13.58
CA GLU B 169 1.46 35.97 -13.85
C GLU B 169 2.20 35.65 -12.57
N ASN B 170 2.37 36.65 -11.71
CA ASN B 170 3.09 36.46 -10.46
C ASN B 170 2.39 35.49 -9.51
N LEU B 171 1.05 35.44 -9.55
CA LEU B 171 0.31 34.48 -8.74
C LEU B 171 0.59 33.05 -9.18
N ALA B 172 0.44 32.81 -10.49
CA ALA B 172 0.67 31.48 -11.05
C ALA B 172 2.11 31.03 -10.77
N LEU B 173 3.08 31.93 -10.94
CA LEU B 173 4.45 31.56 -10.64
C LEU B 173 4.66 31.23 -9.16
N SER B 174 3.91 31.87 -8.27
CA SER B 174 4.08 31.56 -6.85
C SER B 174 3.59 30.16 -6.51
N VAL B 175 2.48 29.71 -7.11
CA VAL B 175 2.04 28.32 -6.85
C VAL B 175 2.96 27.31 -7.54
N LEU B 176 3.42 27.61 -8.75
CA LEU B 176 4.31 26.69 -9.47
C LEU B 176 5.55 26.37 -8.66
N ASP B 177 6.05 27.36 -7.93
CA ASP B 177 7.22 27.21 -7.08
C ASP B 177 7.07 26.05 -6.11
N VAL B 178 5.86 25.83 -5.58
CA VAL B 178 5.60 24.85 -4.52
C VAL B 178 4.58 23.80 -4.96
N ALA B 179 4.37 23.64 -6.27
CA ALA B 179 3.30 22.79 -6.78
C ALA B 179 3.47 21.33 -6.35
N GLY B 180 4.71 20.86 -6.17
CA GLY B 180 4.92 19.49 -5.74
C GLY B 180 4.36 19.20 -4.36
N ALA B 181 4.18 20.23 -3.54
CA ALA B 181 3.74 19.99 -2.16
C ALA B 181 2.29 19.49 -2.09
N PRO B 182 1.28 20.19 -2.61
CA PRO B 182 -0.07 19.61 -2.59
C PRO B 182 -0.15 18.32 -3.38
N ALA B 183 0.61 18.21 -4.47
CA ALA B 183 0.55 17.01 -5.29
C ALA B 183 0.98 15.78 -4.52
N GLN B 184 2.05 15.90 -3.72
CA GLN B 184 2.53 14.78 -2.92
C GLN B 184 1.60 14.49 -1.75
N VAL B 185 1.07 15.54 -1.11
CA VAL B 185 0.21 15.32 0.04
C VAL B 185 -1.06 14.56 -0.35
N GLU B 186 -1.65 14.86 -1.51
CA GLU B 186 -2.84 14.06 -1.82
C GLU B 186 -2.54 12.57 -2.01
N ARG B 187 -1.30 12.18 -2.31
CA ARG B 187 -1.01 10.76 -2.47
C ARG B 187 -0.85 10.07 -1.14
N LEU B 188 -0.47 10.82 -0.10
CA LEU B 188 -0.08 10.30 1.20
C LEU B 188 -1.24 10.18 2.17
N VAL B 189 -2.22 11.07 2.10
CA VAL B 189 -3.26 11.17 3.12
C VAL B 189 -4.45 10.30 2.73
N LYS B 190 -4.81 9.33 3.59
CA LYS B 190 -5.95 8.44 3.51
C LYS B 190 -7.15 9.05 4.23
N PRO B 191 -8.37 8.66 3.86
CA PRO B 191 -9.54 9.04 4.65
C PRO B 191 -9.35 8.65 6.11
N ASP B 192 -9.80 9.54 7.00
CA ASP B 192 -9.71 9.42 8.45
C ASP B 192 -8.29 9.58 9.02
N ASP B 193 -7.29 9.90 8.21
CA ASP B 193 -5.95 10.12 8.75
C ASP B 193 -5.93 11.32 9.67
N THR B 194 -5.01 11.28 10.62
CA THR B 194 -4.59 12.48 11.33
C THR B 194 -3.33 12.99 10.66
N VAL B 195 -3.32 14.26 10.30
CA VAL B 195 -2.21 14.84 9.56
C VAL B 195 -1.71 16.04 10.34
N VAL B 196 -0.40 16.11 10.55
CA VAL B 196 0.24 17.25 11.21
C VAL B 196 1.05 17.99 10.15
N ILE B 197 0.81 19.30 10.02
CA ILE B 197 1.51 20.12 9.04
C ILE B 197 2.34 21.14 9.81
N ILE B 198 3.66 21.00 9.74
CA ILE B 198 4.57 21.89 10.46
C ILE B 198 4.96 23.01 9.50
N GLY B 199 4.59 24.24 9.87
CA GLY B 199 4.71 25.38 8.97
C GLY B 199 3.43 25.65 8.24
N ALA B 200 2.31 25.55 8.97
CA ALA B 200 0.99 25.51 8.34
C ALA B 200 0.52 26.88 7.84
N ASN B 201 1.18 27.98 8.20
CA ASN B 201 0.79 29.28 7.67
C ASN B 201 1.58 29.70 6.43
N GLY B 202 2.64 28.97 6.09
CA GLY B 202 3.51 29.33 4.99
C GLY B 202 2.89 29.05 3.65
N LYS B 203 3.67 29.37 2.62
CA LYS B 203 3.20 29.29 1.24
C LYS B 203 2.78 27.86 0.87
N SER B 204 3.68 26.90 1.04
CA SER B 204 3.32 25.51 0.79
C SER B 204 2.42 24.96 1.90
N GLY B 205 2.57 25.46 3.13
CA GLY B 205 1.78 24.92 4.23
C GLY B 205 0.29 25.05 4.01
N ILE B 206 -0.17 26.22 3.56
CA ILE B 206 -1.60 26.43 3.42
C ILE B 206 -2.17 25.57 2.29
N LEU B 207 -1.37 25.31 1.26
CA LEU B 207 -1.80 24.35 0.24
C LEU B 207 -1.90 22.95 0.84
N CYS B 208 -0.92 22.58 1.67
CA CYS B 208 -0.96 21.27 2.30
C CYS B 208 -2.14 21.13 3.25
N ASN B 209 -2.45 22.18 4.02
CA ASN B 209 -3.63 22.15 4.89
C ASN B 209 -4.88 21.77 4.11
N ALA B 210 -5.09 22.43 2.97
CA ALA B 210 -6.34 22.25 2.23
C ALA B 210 -6.44 20.85 1.65
N VAL B 211 -5.35 20.36 1.05
CA VAL B 211 -5.39 19.03 0.49
C VAL B 211 -5.47 17.99 1.58
N ALA B 212 -4.76 18.20 2.69
CA ALA B 212 -4.83 17.23 3.78
C ALA B 212 -6.26 17.08 4.29
N LYS B 213 -7.00 18.18 4.38
CA LYS B 213 -8.36 18.08 4.89
C LYS B 213 -9.28 17.45 3.87
N GLU B 214 -9.06 17.74 2.58
CA GLU B 214 -9.88 17.13 1.53
C GLU B 214 -9.70 15.61 1.53
N ARG B 215 -8.47 15.15 1.74
CA ARG B 215 -8.16 13.73 1.67
C ARG B 215 -8.51 13.00 2.96
N ALA B 216 -8.29 13.64 4.12
CA ALA B 216 -8.63 12.99 5.38
C ALA B 216 -10.13 13.07 5.67
N GLY B 217 -10.80 14.10 5.18
CA GLY B 217 -12.25 14.12 5.23
C GLY B 217 -12.81 14.53 6.58
N ILE B 218 -14.14 14.36 6.68
CA ILE B 218 -14.92 14.87 7.79
C ILE B 218 -14.53 14.20 9.11
N CYS B 219 -14.14 12.92 9.07
CA CYS B 219 -13.69 12.23 10.29
C CYS B 219 -12.17 12.07 10.35
N GLY B 220 -11.43 12.74 9.47
CA GLY B 220 -10.01 12.89 9.69
C GLY B 220 -9.72 14.15 10.51
N LYS B 221 -8.45 14.35 10.82
CA LYS B 221 -8.03 15.43 11.72
C LYS B 221 -6.76 16.06 11.18
N VAL B 222 -6.82 17.36 10.92
CA VAL B 222 -5.69 18.08 10.37
C VAL B 222 -5.23 19.08 11.41
N ILE B 223 -3.97 18.98 11.80
CA ILE B 223 -3.40 19.77 12.89
C ILE B 223 -2.26 20.59 12.29
N GLY B 224 -2.38 21.91 12.35
CA GLY B 224 -1.30 22.78 11.95
C GLY B 224 -0.38 23.12 13.12
N VAL B 225 0.90 23.35 12.82
CA VAL B 225 1.85 23.83 13.82
C VAL B 225 2.39 25.18 13.33
N VAL B 226 2.20 26.22 14.14
CA VAL B 226 2.71 27.54 13.78
C VAL B 226 3.34 28.19 15.00
N ARG B 227 4.14 29.19 14.74
CA ARG B 227 4.84 29.81 15.85
C ARG B 227 4.14 31.04 16.38
N ASN B 228 3.13 31.54 15.68
CA ASN B 228 2.55 32.83 16.01
C ASN B 228 1.05 32.68 16.17
N GLU B 229 0.54 33.12 17.32
CA GLU B 229 -0.90 33.02 17.54
C GLU B 229 -1.69 33.76 16.47
N ASN B 230 -1.10 34.80 15.86
CA ASN B 230 -1.78 35.53 14.79
C ASN B 230 -2.13 34.65 13.60
N TYR B 231 -1.42 33.54 13.43
CA TYR B 231 -1.61 32.70 12.25
C TYR B 231 -2.73 31.67 12.40
N ILE B 232 -3.26 31.48 13.62
CA ILE B 232 -4.25 30.42 13.83
C ILE B 232 -5.46 30.56 12.91
N PRO B 233 -6.10 31.74 12.77
CA PRO B 233 -7.27 31.82 11.88
C PRO B 233 -6.99 31.42 10.45
N THR B 234 -5.84 31.80 9.89
CA THR B 234 -5.52 31.40 8.52
C THR B 234 -5.34 29.88 8.42
N CYS B 235 -4.67 29.28 9.42
CA CYS B 235 -4.52 27.83 9.42
C CYS B 235 -5.89 27.15 9.40
N LYS B 236 -6.81 27.60 10.24
CA LYS B 236 -8.15 27.02 10.27
C LYS B 236 -8.90 27.31 8.97
N ALA B 237 -8.74 28.49 8.40
CA ALA B 237 -9.47 28.84 7.18
C ALA B 237 -9.01 27.99 5.99
N THR B 238 -7.77 27.53 6.00
CA THR B 238 -7.25 26.72 4.90
C THR B 238 -7.31 25.22 5.16
N GLY B 239 -7.96 24.78 6.23
CA GLY B 239 -8.18 23.35 6.39
C GLY B 239 -7.87 22.73 7.74
N CYS B 240 -7.13 23.42 8.61
CA CYS B 240 -6.79 22.83 9.90
C CYS B 240 -8.00 22.73 10.83
N ASP B 241 -8.16 21.56 11.45
CA ASP B 241 -9.14 21.39 12.53
C ASP B 241 -8.61 21.91 13.86
N GLU B 242 -7.31 21.77 14.08
CA GLU B 242 -6.64 22.18 15.30
C GLU B 242 -5.32 22.86 14.92
N VAL B 243 -4.81 23.72 15.80
CA VAL B 243 -3.53 24.38 15.55
C VAL B 243 -2.73 24.35 16.84
N ILE B 244 -1.45 23.95 16.74
CA ILE B 244 -0.50 23.93 17.86
C ILE B 244 0.38 25.15 17.76
N LEU B 245 0.59 25.86 18.87
CA LEU B 245 1.51 26.99 18.94
C LEU B 245 2.87 26.49 19.44
N ALA B 246 3.85 26.44 18.55
CA ALA B 246 5.16 25.92 18.95
C ALA B 246 6.20 26.31 17.91
N GLN B 247 7.43 26.50 18.38
CA GLN B 247 8.56 26.57 17.48
C GLN B 247 8.76 25.22 16.83
N ALA B 248 9.07 25.21 15.54
CA ALA B 248 9.19 23.95 14.82
C ALA B 248 10.35 23.10 15.31
N THR B 249 11.27 23.69 16.07
CA THR B 249 12.38 22.98 16.68
C THR B 249 12.03 22.36 18.02
N ASP B 250 10.82 22.62 18.53
CA ASP B 250 10.48 22.24 19.91
C ASP B 250 9.83 20.86 19.87
N ALA B 251 10.67 19.82 19.96
CA ALA B 251 10.18 18.46 19.82
C ALA B 251 9.26 18.08 20.97
N ILE B 252 9.60 18.48 22.20
CA ILE B 252 8.81 18.03 23.35
C ILE B 252 7.43 18.66 23.33
N THR B 253 7.34 19.97 23.05
CA THR B 253 6.04 20.65 23.02
C THR B 253 5.16 20.11 21.89
N ILE B 254 5.72 19.94 20.70
CA ILE B 254 4.96 19.38 19.58
C ILE B 254 4.48 17.97 19.91
N GLN B 255 5.38 17.13 20.40
CA GLN B 255 4.96 15.78 20.78
C GLN B 255 3.85 15.82 21.82
N LYS B 256 4.02 16.64 22.86
CA LYS B 256 3.01 16.66 23.91
C LYS B 256 1.67 17.17 23.40
N GLU B 257 1.70 18.18 22.52
CA GLU B 257 0.43 18.74 22.08
C GLU B 257 -0.29 17.84 21.08
N VAL B 258 0.39 17.26 20.09
CA VAL B 258 -0.36 16.37 19.21
C VAL B 258 -0.85 15.16 20.01
N SER B 259 -0.08 14.70 21.00
CA SER B 259 -0.59 13.63 21.85
C SER B 259 -1.87 14.06 22.55
N ARG B 260 -1.91 15.29 23.08
CA ARG B 260 -3.13 15.80 23.72
C ARG B 260 -4.29 15.80 22.74
N LEU B 261 -4.07 16.34 21.54
CA LEU B 261 -5.13 16.45 20.53
C LEU B 261 -5.53 15.11 19.94
N THR B 262 -4.76 14.04 20.14
CA THR B 262 -5.07 12.74 19.53
C THR B 262 -5.29 11.64 20.57
N ASN B 263 -5.43 11.98 21.86
CA ASN B 263 -5.56 10.99 22.91
C ASN B 263 -4.45 9.96 22.81
N GLY B 264 -3.24 10.44 22.54
CA GLY B 264 -2.07 9.59 22.46
C GLY B 264 -1.89 8.86 21.14
N LYS B 265 -2.83 8.98 20.19
CA LYS B 265 -2.74 8.21 18.95
C LYS B 265 -1.67 8.73 18.00
N MET B 266 -1.40 10.04 18.03
CA MET B 266 -0.39 10.71 17.22
C MET B 266 -0.78 10.73 15.74
N ALA B 267 0.11 11.16 14.86
CA ALA B 267 -0.26 11.44 13.48
C ALA B 267 0.06 10.29 12.52
N ASP B 268 -0.88 10.02 11.60
CA ASP B 268 -0.61 9.08 10.51
C ASP B 268 0.41 9.62 9.52
N VAL B 269 0.38 10.92 9.31
CA VAL B 269 1.18 11.62 8.30
C VAL B 269 1.66 12.92 8.91
N VAL B 270 2.98 13.16 8.86
CA VAL B 270 3.56 14.42 9.28
C VAL B 270 4.19 15.08 8.06
N ILE B 271 3.81 16.33 7.81
CA ILE B 271 4.31 17.09 6.66
C ILE B 271 5.17 18.21 7.22
N ASN B 272 6.45 18.25 6.85
CA ASN B 272 7.35 19.29 7.32
C ASN B 272 7.66 20.23 6.17
N VAL B 273 7.24 21.49 6.29
CA VAL B 273 7.55 22.45 5.24
C VAL B 273 8.24 23.69 5.81
N VAL B 274 8.82 23.59 7.00
CA VAL B 274 9.58 24.68 7.60
C VAL B 274 11.05 24.54 7.19
N ASN B 275 11.61 25.61 6.63
CA ASN B 275 12.99 25.63 6.15
C ASN B 275 14.03 26.00 7.22
N THR B 276 13.89 25.48 8.43
CA THR B 276 14.90 25.75 9.43
C THR B 276 15.52 24.43 9.87
N GLU B 277 16.71 24.49 10.45
CA GLU B 277 17.38 23.24 10.75
C GLU B 277 16.85 22.70 12.06
N ASP B 278 17.13 21.42 12.29
CA ASP B 278 16.80 20.72 13.53
C ASP B 278 15.30 20.60 13.75
N THR B 279 14.55 20.44 12.67
CA THR B 279 13.15 20.11 12.78
C THR B 279 12.88 18.63 12.48
N GLU B 280 13.92 17.82 12.34
CA GLU B 280 13.74 16.40 12.04
C GLU B 280 13.11 15.65 13.21
N LEU B 281 13.67 15.78 14.41
CA LEU B 281 13.15 15.06 15.55
C LEU B 281 11.73 15.50 15.89
N PRO B 282 11.40 16.81 15.89
CA PRO B 282 9.99 17.19 16.11
C PRO B 282 9.05 16.54 15.12
N SER B 283 9.45 16.42 13.86
CA SER B 283 8.57 15.81 12.87
C SER B 283 8.43 14.32 13.14
N ILE B 284 9.55 13.63 13.44
CA ILE B 284 9.52 12.20 13.74
C ILE B 284 8.64 11.89 14.95
N MET B 285 8.75 12.70 16.01
CA MET B 285 8.03 12.42 17.26
C MET B 285 6.55 12.76 17.17
N ALA B 286 6.11 13.49 16.15
CA ALA B 286 4.68 13.72 15.97
C ALA B 286 3.97 12.53 15.34
N ALA B 287 4.72 11.58 14.77
CA ALA B 287 4.15 10.46 14.05
C ALA B 287 3.80 9.30 14.98
N LYS B 288 2.75 8.58 14.63
CA LYS B 288 2.47 7.32 15.28
C LYS B 288 3.46 6.25 14.81
N ASP B 289 3.43 5.11 15.48
CA ASP B 289 4.25 3.98 15.07
C ASP B 289 3.91 3.58 13.64
N ARG B 290 4.93 3.40 12.80
CA ARG B 290 4.81 3.08 11.37
C ARG B 290 4.12 4.21 10.58
N GLY B 291 4.10 5.42 11.15
CA GLY B 291 3.57 6.58 10.46
C GLY B 291 4.53 7.10 9.41
N MET B 292 4.06 8.09 8.66
CA MET B 292 4.76 8.62 7.50
C MET B 292 5.20 10.06 7.80
N VAL B 293 6.49 10.34 7.60
CA VAL B 293 7.04 11.69 7.77
C VAL B 293 7.59 12.15 6.43
N TYR B 294 7.01 13.20 5.88
CA TYR B 294 7.41 13.68 4.57
C TYR B 294 8.14 15.02 4.74
N PHE B 295 9.45 15.03 4.42
CA PHE B 295 10.30 16.22 4.58
C PHE B 295 10.36 16.99 3.26
N PHE B 296 9.75 18.16 3.20
CA PHE B 296 9.82 18.95 1.98
C PHE B 296 10.93 19.99 1.97
N SER B 297 11.37 20.46 3.13
CA SER B 297 12.29 21.59 3.22
C SER B 297 13.71 21.14 2.95
N MET B 298 14.45 21.98 2.21
CA MET B 298 15.85 21.72 1.90
C MET B 298 16.76 21.86 3.11
N ALA B 299 16.24 22.32 4.25
CA ALA B 299 17.02 22.37 5.46
C ALA B 299 17.11 21.03 6.16
N THR B 300 16.36 20.03 5.69
CA THR B 300 16.40 18.70 6.31
C THR B 300 17.78 18.07 6.14
N SER B 301 18.32 17.56 7.24
CA SER B 301 19.57 16.81 7.23
C SER B 301 19.27 15.32 7.19
N PHE B 302 19.75 14.65 6.14
CA PHE B 302 19.57 13.20 6.01
C PHE B 302 20.06 12.48 7.26
N THR B 303 21.27 12.81 7.73
CA THR B 303 21.82 12.07 8.85
C THR B 303 21.06 12.38 10.15
N LYS B 304 20.63 13.63 10.34
CA LYS B 304 19.89 13.96 11.55
C LYS B 304 18.55 13.21 11.58
N ALA B 305 17.91 13.09 10.42
CA ALA B 305 16.64 12.34 10.37
C ALA B 305 16.87 10.87 10.64
N ALA B 306 17.83 10.26 9.94
CA ALA B 306 18.08 8.83 10.12
C ALA B 306 18.55 8.52 11.54
N LEU B 307 19.57 9.24 12.01
CA LEU B 307 20.07 8.96 13.36
C LEU B 307 19.09 9.44 14.42
N GLY B 308 18.34 10.50 14.15
CA GLY B 308 17.32 10.94 15.09
C GLY B 308 16.27 9.86 15.36
N ALA B 309 15.70 9.29 14.30
CA ALA B 309 14.70 8.24 14.47
C ALA B 309 15.31 7.01 15.13
N GLU B 310 16.54 6.64 14.77
CA GLU B 310 17.20 5.49 15.39
C GLU B 310 17.30 5.69 16.91
N GLY B 311 17.71 6.88 17.33
CA GLY B 311 18.03 7.08 18.73
C GLY B 311 16.85 6.96 19.66
N ILE B 312 15.63 7.22 19.16
CA ILE B 312 14.42 7.13 19.97
C ILE B 312 13.54 5.97 19.54
N GLY B 313 14.09 5.02 18.79
CA GLY B 313 13.38 3.81 18.43
C GLY B 313 12.06 4.09 17.72
N ALA B 314 12.04 5.09 16.85
CA ALA B 314 10.83 5.46 16.13
C ALA B 314 10.84 4.73 14.79
N ASP B 315 10.00 3.71 14.66
CA ASP B 315 9.89 2.97 13.41
C ASP B 315 8.89 3.71 12.55
N VAL B 316 9.37 4.76 11.86
CA VAL B 316 8.55 5.56 10.98
C VAL B 316 9.23 5.59 9.61
N ASP B 317 8.43 5.83 8.57
CA ASP B 317 8.97 6.04 7.24
C ASP B 317 9.24 7.53 7.05
N MET B 318 10.43 7.85 6.56
CA MET B 318 10.86 9.22 6.37
C MET B 318 11.21 9.39 4.90
N MET B 319 10.51 10.31 4.24
CA MET B 319 10.62 10.46 2.79
C MET B 319 11.29 11.77 2.42
N ILE B 320 12.23 11.70 1.49
CA ILE B 320 12.83 12.88 0.87
C ILE B 320 11.79 13.47 -0.07
N GLY B 321 11.25 14.64 0.31
CA GLY B 321 10.20 15.29 -0.44
C GLY B 321 10.61 15.67 -1.86
N ASN B 322 9.96 15.03 -2.82
CA ASN B 322 10.21 15.26 -4.24
C ASN B 322 9.38 16.46 -4.70
N GLY B 323 10.06 17.51 -5.15
CA GLY B 323 9.42 18.71 -5.66
C GLY B 323 8.69 18.52 -6.97
N TYR B 324 9.01 17.46 -7.70
CA TYR B 324 8.33 17.13 -8.96
C TYR B 324 7.40 15.94 -8.74
N ALA B 325 6.20 16.04 -9.33
CA ALA B 325 5.29 14.90 -9.46
C ALA B 325 4.49 15.13 -10.73
N HIS B 326 4.12 14.04 -11.42
CA HIS B 326 3.34 14.14 -12.65
C HIS B 326 2.15 15.07 -12.44
N HIS B 327 1.95 16.00 -13.38
CA HIS B 327 0.83 16.93 -13.39
C HIS B 327 0.81 17.87 -12.19
N HIS B 328 1.92 18.03 -11.45
CA HIS B 328 1.86 18.77 -10.20
C HIS B 328 1.41 20.21 -10.40
N SER B 329 1.85 20.85 -11.49
CA SER B 329 1.42 22.21 -11.81
C SER B 329 -0.09 22.29 -12.00
N GLU B 330 -0.64 21.43 -12.86
CA GLU B 330 -2.10 21.40 -13.10
CA GLU B 330 -2.06 21.41 -13.10
C GLU B 330 -2.85 21.15 -11.82
N ILE B 331 -2.37 20.23 -10.98
CA ILE B 331 -3.06 19.88 -9.74
C ILE B 331 -3.08 21.05 -8.76
N ALA B 332 -1.95 21.74 -8.63
CA ALA B 332 -1.88 22.85 -7.68
C ALA B 332 -2.68 24.05 -8.16
N LEU B 333 -2.60 24.35 -9.46
CA LEU B 333 -3.45 25.42 -10.01
C LEU B 333 -4.93 25.10 -9.87
N ASP B 334 -5.31 23.83 -10.08
CA ASP B 334 -6.71 23.44 -9.89
C ASP B 334 -7.14 23.58 -8.44
N LEU B 335 -6.22 23.33 -7.50
CA LEU B 335 -6.57 23.56 -6.09
C LEU B 335 -6.91 25.02 -5.85
N LEU B 336 -6.12 25.94 -6.42
CA LEU B 336 -6.45 27.36 -6.27
C LEU B 336 -7.79 27.70 -6.90
N ARG B 337 -8.14 27.04 -8.00
CA ARG B 337 -9.41 27.34 -8.64
C ARG B 337 -10.60 26.82 -7.85
N ARG B 338 -10.44 25.71 -7.13
CA ARG B 338 -11.55 25.13 -6.36
C ARG B 338 -11.71 25.80 -5.00
N ASN B 339 -10.65 26.39 -4.47
CA ASN B 339 -10.61 26.84 -3.08
C ASN B 339 -10.46 28.36 -3.09
N SER B 340 -11.58 29.06 -2.90
CA SER B 340 -11.56 30.51 -2.97
C SER B 340 -10.78 31.15 -1.83
N VAL B 341 -10.68 30.49 -0.68
CA VAL B 341 -9.87 31.01 0.42
C VAL B 341 -8.41 31.05 0.01
N LEU B 342 -7.91 29.94 -0.54
CA LEU B 342 -6.53 29.88 -1.00
C LEU B 342 -6.27 30.89 -2.10
N MET B 343 -7.20 30.99 -3.07
CA MET B 343 -7.03 31.96 -4.14
C MET B 343 -6.88 33.37 -3.58
N LYS B 344 -7.71 33.73 -2.61
CA LYS B 344 -7.67 35.05 -2.01
C LYS B 344 -6.34 35.29 -1.33
N ILE B 345 -5.88 34.30 -0.57
CA ILE B 345 -4.62 34.44 0.16
C ILE B 345 -3.46 34.59 -0.82
N PHE B 346 -3.44 33.74 -1.84
CA PHE B 346 -2.32 33.77 -2.78
C PHE B 346 -2.28 35.10 -3.53
N LYS B 347 -3.46 35.64 -3.88
CA LYS B 347 -3.49 36.93 -4.58
C LYS B 347 -2.96 38.05 -3.69
N GLU B 348 -3.46 38.14 -2.46
CA GLU B 348 -3.03 39.24 -1.59
C GLU B 348 -1.58 39.09 -1.20
N ARG B 349 -1.09 37.87 -1.07
CA ARG B 349 0.29 37.64 -0.69
C ARG B 349 1.27 37.69 -1.85
N TYR B 350 0.92 37.13 -3.01
CA TYR B 350 1.92 36.89 -4.04
C TYR B 350 1.63 37.48 -5.42
N ALA B 351 0.52 38.19 -5.61
CA ALA B 351 0.27 38.76 -6.94
C ALA B 351 1.05 40.06 -7.18
N MET C 1 -26.64 -3.31 36.30
CA MET C 1 -25.89 -3.38 35.05
C MET C 1 -24.85 -4.52 35.12
N LYS C 2 -25.06 -5.60 34.37
CA LYS C 2 -24.18 -6.75 34.45
C LYS C 2 -22.84 -6.50 33.73
N SER C 3 -21.83 -7.24 34.15
CA SER C 3 -20.49 -6.97 33.67
C SER C 3 -19.99 -8.10 32.77
N ASN C 4 -18.94 -7.75 32.03
CA ASN C 4 -18.28 -8.64 31.08
C ASN C 4 -19.23 -9.13 29.99
N GLY C 5 -19.91 -8.19 29.36
CA GLY C 5 -20.69 -8.53 28.19
C GLY C 5 -19.80 -8.76 26.97
N CYS C 6 -20.20 -9.70 26.15
CA CYS C 6 -19.47 -9.98 24.92
C CYS C 6 -19.83 -8.96 23.85
N ARG C 7 -18.80 -8.39 23.21
CA ARG C 7 -19.05 -7.38 22.19
C ARG C 7 -19.87 -7.92 21.03
N TYR C 8 -19.80 -9.22 20.77
CA TYR C 8 -20.60 -9.83 19.73
C TYR C 8 -21.98 -10.24 20.22
N GLY C 9 -22.24 -10.12 21.52
CA GLY C 9 -23.55 -10.34 22.08
C GLY C 9 -23.89 -11.75 22.54
N THR C 10 -22.91 -12.65 22.64
CA THR C 10 -23.23 -14.04 22.96
C THR C 10 -23.85 -14.19 24.34
N HIS C 11 -23.64 -13.24 25.25
CA HIS C 11 -24.22 -13.32 26.59
C HIS C 11 -25.74 -13.23 26.59
N ARG C 12 -26.37 -12.85 25.46
CA ARG C 12 -27.82 -12.84 25.38
C ARG C 12 -28.37 -13.99 24.56
N VAL C 13 -27.52 -14.92 24.14
CA VAL C 13 -27.98 -16.06 23.36
C VAL C 13 -28.44 -17.15 24.33
N ILE C 14 -29.72 -17.50 24.25
CA ILE C 14 -30.30 -18.54 25.09
C ILE C 14 -30.29 -19.90 24.42
N GLU C 15 -30.67 -19.95 23.14
CA GLU C 15 -30.79 -21.18 22.32
C GLU C 15 -30.43 -20.95 20.86
N PRO C 16 -29.58 -21.80 20.26
CA PRO C 16 -28.83 -22.83 20.99
C PRO C 16 -27.59 -22.21 21.58
N LYS C 17 -27.06 -22.72 22.69
CA LYS C 17 -25.84 -22.14 23.23
C LYS C 17 -24.67 -22.46 22.30
N GLY C 18 -23.75 -21.50 22.20
CA GLY C 18 -22.56 -21.65 21.39
C GLY C 18 -22.60 -21.09 19.98
N VAL C 19 -23.68 -20.39 19.60
CA VAL C 19 -23.73 -19.66 18.32
C VAL C 19 -23.88 -18.16 18.61
N LEU C 20 -23.80 -17.35 17.56
CA LEU C 20 -23.91 -15.90 17.70
C LEU C 20 -25.37 -15.45 17.77
N PRO C 21 -25.62 -14.20 18.17
CA PRO C 21 -27.02 -13.73 18.26
C PRO C 21 -27.81 -13.90 16.98
N GLN C 22 -27.21 -13.61 15.81
CA GLN C 22 -27.99 -13.69 14.58
C GLN C 22 -28.42 -15.12 14.26
N PRO C 23 -27.52 -16.13 14.25
CA PRO C 23 -27.98 -17.51 14.01
C PRO C 23 -28.79 -18.12 15.15
N ALA C 24 -28.72 -17.56 16.35
CA ALA C 24 -29.44 -18.08 17.50
C ALA C 24 -30.93 -18.16 17.23
N LYS C 25 -31.60 -19.05 17.95
CA LYS C 25 -33.05 -19.20 17.83
C LYS C 25 -33.77 -18.31 18.83
N ILE C 26 -33.21 -18.20 20.05
CA ILE C 26 -33.84 -17.47 21.15
C ILE C 26 -32.81 -16.54 21.77
N LEU C 27 -33.14 -15.26 21.84
CA LEU C 27 -32.36 -14.25 22.53
C LEU C 27 -33.05 -13.80 23.80
N ASN C 28 -32.24 -13.31 24.73
CA ASN C 28 -32.69 -12.67 25.96
C ASN C 28 -32.99 -11.20 25.69
N ASN C 29 -34.27 -10.83 25.70
CA ASN C 29 -34.69 -9.45 25.52
C ASN C 29 -35.16 -8.81 26.81
N ASP C 30 -34.63 -9.27 27.94
CA ASP C 30 -34.87 -8.61 29.23
C ASP C 30 -34.13 -7.28 29.27
N MET C 31 -34.89 -6.18 29.23
CA MET C 31 -34.34 -4.83 29.21
C MET C 31 -34.27 -4.18 30.59
N SER C 32 -34.68 -4.89 31.64
CA SER C 32 -34.65 -4.30 32.97
C SER C 32 -33.22 -4.06 33.43
N GLU C 33 -32.29 -4.83 32.90
CA GLU C 33 -30.87 -4.63 33.17
C GLU C 33 -30.09 -4.86 31.89
N ILE C 34 -29.04 -4.07 31.68
CA ILE C 34 -28.20 -4.23 30.49
C ILE C 34 -26.78 -4.56 30.91
N TRP C 35 -25.99 -5.04 29.95
CA TRP C 35 -24.59 -5.31 30.18
C TRP C 35 -23.76 -4.05 29.97
N ASP C 36 -22.53 -4.11 30.49
CA ASP C 36 -21.70 -2.91 30.56
C ASP C 36 -21.31 -2.38 29.18
N ASN C 37 -21.29 -3.23 28.14
CA ASN C 37 -20.91 -2.78 26.81
C ASN C 37 -22.07 -2.80 25.82
N GLU C 38 -23.28 -2.57 26.32
CA GLU C 38 -24.50 -2.48 25.53
C GLU C 38 -25.01 -1.04 25.50
N MET C 39 -25.84 -0.75 24.51
CA MET C 39 -26.58 0.50 24.45
C MET C 39 -28.06 0.15 24.31
N LEU C 40 -28.89 0.73 25.16
CA LEU C 40 -30.33 0.45 25.20
C LEU C 40 -31.06 1.55 24.45
N ILE C 41 -32.02 1.17 23.59
CA ILE C 41 -32.72 2.12 22.74
C ILE C 41 -34.22 2.04 23.01
N ASP C 42 -34.85 3.21 23.17
CA ASP C 42 -36.31 3.34 23.15
C ASP C 42 -36.73 3.38 21.69
N VAL C 43 -37.32 2.29 21.22
CA VAL C 43 -37.59 2.13 19.80
C VAL C 43 -38.86 2.90 19.44
N ILE C 44 -38.80 3.66 18.35
CA ILE C 44 -39.97 4.39 17.86
C ILE C 44 -40.69 3.60 16.78
N ARG C 45 -39.92 3.05 15.85
CA ARG C 45 -40.45 2.46 14.63
C ARG C 45 -39.59 1.27 14.24
N LEU C 46 -40.25 0.25 13.69
CA LEU C 46 -39.57 -0.93 13.16
C LEU C 46 -39.79 -0.91 11.67
N ASN C 47 -38.69 -0.84 10.91
CA ASN C 47 -38.73 -0.96 9.46
C ASN C 47 -38.43 -2.43 9.14
N ILE C 48 -39.47 -3.23 8.93
CA ILE C 48 -39.31 -4.67 8.75
C ILE C 48 -38.82 -4.91 7.33
N ASP C 49 -37.90 -5.85 7.15
CA ASP C 49 -37.46 -6.23 5.82
C ASP C 49 -38.69 -6.54 4.97
N SER C 50 -38.74 -5.94 3.78
CA SER C 50 -39.97 -5.97 2.99
C SER C 50 -40.38 -7.41 2.65
N ALA C 51 -39.43 -8.25 2.25
CA ALA C 51 -39.76 -9.65 1.97
C ALA C 51 -40.25 -10.34 3.23
N SER C 52 -39.63 -10.06 4.37
CA SER C 52 -40.10 -10.68 5.62
C SER C 52 -41.51 -10.22 5.97
N PHE C 53 -41.77 -8.92 5.83
CA PHE C 53 -43.08 -8.38 6.12
C PHE C 53 -44.13 -9.02 5.23
N HIS C 54 -43.83 -9.11 3.93
CA HIS C 54 -44.77 -9.70 2.98
C HIS C 54 -45.01 -11.18 3.28
N GLN C 55 -43.96 -11.92 3.65
CA GLN C 55 -44.12 -13.32 3.98
C GLN C 55 -44.99 -13.51 5.22
N ILE C 56 -44.84 -12.65 6.22
CA ILE C 56 -45.65 -12.76 7.43
C ILE C 56 -47.10 -12.41 7.13
N LYS C 57 -47.32 -11.33 6.36
CA LYS C 57 -48.65 -10.93 5.95
C LYS C 57 -49.40 -12.09 5.27
N ASN C 58 -48.74 -12.72 4.29
CA ASN C 58 -49.39 -13.79 3.52
C ASN C 58 -49.62 -15.04 4.37
N LYS C 59 -48.69 -15.36 5.26
CA LYS C 59 -48.88 -16.47 6.19
C LYS C 59 -50.13 -16.25 7.04
N LEU C 60 -50.34 -15.02 7.50
CA LEU C 60 -51.51 -14.72 8.32
C LEU C 60 -52.79 -14.82 7.50
N ILE C 61 -52.78 -14.31 6.26
CA ILE C 61 -53.97 -14.43 5.41
C ILE C 61 -54.35 -15.90 5.26
N ALA C 62 -53.36 -16.73 4.91
CA ALA C 62 -53.62 -18.15 4.66
C ALA C 62 -54.13 -18.85 5.91
N GLN C 63 -53.72 -18.40 7.08
CA GLN C 63 -54.26 -18.96 8.31
C GLN C 63 -55.70 -18.51 8.57
N GLY C 64 -56.18 -17.47 7.89
CA GLY C 64 -57.57 -17.09 8.01
C GLY C 64 -57.89 -15.84 8.82
N HIS C 65 -57.07 -14.79 8.75
CA HIS C 65 -57.22 -13.64 9.67
C HIS C 65 -58.19 -12.52 9.28
N GLN C 66 -58.04 -11.84 8.13
CA GLN C 66 -58.98 -10.78 7.66
C GLN C 66 -58.61 -9.37 8.17
N ASP C 67 -58.48 -9.16 9.49
CA ASP C 67 -57.96 -7.90 10.03
C ASP C 67 -56.45 -8.08 10.09
N LEU C 68 -55.73 -7.68 9.04
CA LEU C 68 -54.31 -8.01 8.95
C LEU C 68 -53.46 -7.17 9.91
N GLU C 69 -53.71 -5.85 10.01
CA GLU C 69 -52.95 -4.96 10.89
C GLU C 69 -52.96 -5.50 12.32
N LYS C 70 -54.12 -5.94 12.76
CA LYS C 70 -54.27 -6.48 14.11
C LYS C 70 -53.60 -7.85 14.24
N ALA C 71 -53.76 -8.72 13.25
CA ALA C 71 -53.05 -10.00 13.28
C ALA C 71 -51.53 -9.80 13.19
N PHE C 72 -51.08 -8.88 12.35
CA PHE C 72 -49.64 -8.65 12.21
C PHE C 72 -49.08 -8.14 13.53
N ALA C 73 -49.75 -7.14 14.13
CA ALA C 73 -49.32 -6.64 15.42
C ALA C 73 -49.23 -7.77 16.45
N GLU C 74 -50.23 -8.65 16.48
CA GLU C 74 -50.17 -9.73 17.46
C GLU C 74 -49.05 -10.71 17.13
N HIS C 75 -48.80 -10.93 15.83
CA HIS C 75 -47.72 -11.82 15.42
C HIS C 75 -46.38 -11.30 15.92
N ALA C 76 -46.14 -9.99 15.79
CA ALA C 76 -44.86 -9.41 16.21
C ALA C 76 -44.68 -9.50 17.72
N ILE C 77 -45.76 -9.30 18.48
CA ILE C 77 -45.65 -9.41 19.93
C ILE C 77 -45.32 -10.83 20.33
N GLU C 78 -46.03 -11.81 19.73
CA GLU C 78 -45.77 -13.20 20.08
C GLU C 78 -44.34 -13.58 19.70
N LEU C 79 -43.92 -13.18 18.50
CA LEU C 79 -42.61 -13.58 18.00
C LEU C 79 -41.49 -13.02 18.88
N THR C 80 -41.52 -11.71 19.15
CA THR C 80 -40.45 -11.11 19.94
C THR C 80 -40.48 -11.59 21.39
N ASN C 81 -41.68 -11.76 21.97
CA ASN C 81 -41.73 -12.23 23.35
C ASN C 81 -41.16 -13.63 23.48
N ARG C 82 -41.38 -14.47 22.48
CA ARG C 82 -40.95 -15.86 22.57
C ARG C 82 -39.48 -16.01 22.21
N THR C 83 -39.01 -15.35 21.15
CA THR C 83 -37.63 -15.50 20.67
C THR C 83 -36.70 -14.35 21.04
N GLY C 84 -37.22 -13.24 21.56
CA GLY C 84 -36.36 -12.15 21.94
C GLY C 84 -35.95 -11.24 20.80
N LYS C 85 -36.45 -11.46 19.58
CA LYS C 85 -36.04 -10.66 18.45
C LYS C 85 -37.07 -10.83 17.34
N HIS C 86 -37.06 -9.88 16.39
CA HIS C 86 -37.92 -10.02 15.23
C HIS C 86 -37.13 -10.60 14.05
N LYS C 87 -36.66 -11.83 14.23
CA LYS C 87 -36.07 -12.58 13.14
C LYS C 87 -37.15 -13.45 12.51
N ASN C 88 -37.39 -13.29 11.21
CA ASN C 88 -38.41 -14.08 10.52
C ASN C 88 -38.05 -15.55 10.63
N GLU C 89 -38.97 -16.35 11.19
CA GLU C 89 -38.64 -17.73 11.49
C GLU C 89 -38.63 -18.64 10.28
N ASP C 90 -39.16 -18.20 9.15
CA ASP C 90 -39.13 -19.00 7.94
C ASP C 90 -38.06 -18.57 6.95
N THR C 91 -37.81 -17.27 6.83
CA THR C 91 -36.80 -16.73 5.94
C THR C 91 -35.51 -16.28 6.61
N GLY C 92 -35.53 -15.96 7.90
CA GLY C 92 -34.36 -15.45 8.59
C GLY C 92 -34.13 -13.96 8.46
N SER C 93 -34.99 -13.26 7.74
CA SER C 93 -34.82 -11.85 7.45
C SER C 93 -35.20 -11.01 8.66
N GLY C 94 -34.68 -9.78 8.72
CA GLY C 94 -34.90 -8.94 9.88
C GLY C 94 -35.49 -7.58 9.55
N GLY C 95 -34.63 -6.58 9.42
CA GLY C 95 -35.05 -5.22 9.28
C GLY C 95 -34.12 -4.31 10.05
N MET C 96 -34.61 -3.11 10.38
CA MET C 96 -33.86 -2.19 11.23
C MET C 96 -34.85 -1.43 12.10
N PHE C 97 -34.34 -0.60 13.00
CA PHE C 97 -35.21 0.21 13.84
C PHE C 97 -34.73 1.66 13.87
N ILE C 98 -35.64 2.53 14.27
CA ILE C 98 -35.37 3.94 14.57
C ILE C 98 -35.84 4.16 16.01
N GLY C 99 -35.04 4.89 16.78
CA GLY C 99 -35.38 5.08 18.17
C GLY C 99 -34.50 6.15 18.78
N ARG C 100 -34.66 6.34 20.08
CA ARG C 100 -33.87 7.31 20.85
C ARG C 100 -33.04 6.58 21.89
N VAL C 101 -31.80 7.02 22.07
CA VAL C 101 -30.92 6.38 23.03
C VAL C 101 -31.52 6.49 24.44
N ALA C 102 -31.64 5.35 25.14
CA ALA C 102 -32.21 5.30 26.49
C ALA C 102 -31.15 5.19 27.58
N ALA C 103 -30.16 4.34 27.38
CA ALA C 103 -29.08 4.15 28.34
C ALA C 103 -27.85 3.69 27.58
N ILE C 104 -26.68 4.11 28.06
CA ILE C 104 -25.40 3.78 27.42
C ILE C 104 -24.54 3.11 28.46
N GLY C 105 -24.17 1.86 28.20
CA GLY C 105 -23.30 1.16 29.12
C GLY C 105 -21.97 1.87 29.26
N ASP C 106 -21.36 1.70 30.44
CA ASP C 106 -20.14 2.45 30.76
C ASP C 106 -18.97 2.00 29.90
N LYS C 107 -19.00 0.75 29.43
CA LYS C 107 -17.97 0.14 28.59
C LYS C 107 -18.44 -0.08 27.15
N PHE C 108 -19.54 0.57 26.74
CA PHE C 108 -20.03 0.50 25.36
C PHE C 108 -18.99 1.07 24.40
N GLU C 109 -18.70 0.32 23.33
CA GLU C 109 -17.76 0.80 22.32
C GLU C 109 -18.47 1.86 21.48
N MET C 110 -18.35 3.11 21.92
CA MET C 110 -18.91 4.25 21.21
C MET C 110 -18.34 4.30 19.79
N LYS C 111 -19.23 4.33 18.78
CA LYS C 111 -18.81 4.66 17.41
C LYS C 111 -19.10 6.14 17.19
N GLU C 112 -20.09 6.47 16.36
CA GLU C 112 -20.57 7.84 16.33
C GLU C 112 -21.05 8.27 17.72
N GLU C 113 -20.68 9.49 18.13
CA GLU C 113 -20.99 9.99 19.47
C GLU C 113 -22.47 10.27 19.64
N VAL C 114 -23.09 9.60 20.60
CA VAL C 114 -24.49 9.80 20.93
C VAL C 114 -24.63 9.80 22.44
N LYS C 115 -25.67 10.45 22.93
CA LYS C 115 -25.96 10.48 24.36
C LYS C 115 -27.45 10.17 24.51
N VAL C 116 -27.87 9.90 25.75
CA VAL C 116 -29.28 9.62 26.01
C VAL C 116 -30.15 10.70 25.38
N GLY C 117 -31.20 10.27 24.67
CA GLY C 117 -32.10 11.14 23.94
C GLY C 117 -31.83 11.29 22.44
N ASP C 118 -30.64 10.95 21.96
CA ASP C 118 -30.35 11.12 20.53
C ASP C 118 -31.19 10.20 19.67
N LYS C 119 -31.62 10.70 18.52
CA LYS C 119 -32.40 9.92 17.56
C LYS C 119 -31.46 9.16 16.63
N ILE C 120 -31.60 7.84 16.56
CA ILE C 120 -30.66 7.04 15.79
C ILE C 120 -31.41 6.01 14.95
N ALA C 121 -30.72 5.52 13.93
CA ALA C 121 -31.17 4.38 13.12
C ALA C 121 -30.18 3.24 13.33
N SER C 122 -30.69 2.03 13.53
CA SER C 122 -29.79 0.88 13.59
C SER C 122 -29.38 0.50 12.18
N LEU C 123 -28.13 0.06 12.04
CA LEU C 123 -27.58 -0.30 10.74
C LEU C 123 -27.15 -1.76 10.73
N VAL C 124 -27.67 -2.53 11.67
CA VAL C 124 -27.51 -3.98 11.75
C VAL C 124 -28.90 -4.59 11.82
N SER C 125 -28.98 -5.88 11.49
CA SER C 125 -30.27 -6.52 11.26
C SER C 125 -31.05 -6.76 12.55
N LEU C 126 -32.39 -6.62 12.45
CA LEU C 126 -33.23 -7.06 13.55
C LEU C 126 -33.05 -8.54 13.85
N SER C 127 -32.48 -9.31 12.93
CA SER C 127 -32.30 -10.73 13.18
C SER C 127 -31.23 -11.04 14.22
N LEU C 128 -30.44 -10.06 14.65
CA LEU C 128 -29.52 -10.24 15.78
C LEU C 128 -29.81 -9.27 16.92
N THR C 129 -30.90 -8.51 16.85
CA THR C 129 -31.15 -7.44 17.80
C THR C 129 -32.11 -7.88 18.90
N PRO C 130 -31.67 -7.95 20.17
CA PRO C 130 -32.64 -8.16 21.25
C PRO C 130 -33.69 -7.05 21.23
N LEU C 131 -34.95 -7.44 21.25
CA LEU C 131 -36.04 -6.49 21.04
C LEU C 131 -37.22 -6.88 21.92
N LYS C 132 -37.70 -5.92 22.71
CA LYS C 132 -38.92 -6.09 23.50
C LYS C 132 -39.98 -5.14 22.98
N ILE C 133 -41.11 -5.69 22.56
CA ILE C 133 -42.23 -4.89 22.08
C ILE C 133 -43.26 -4.83 23.19
N ASN C 134 -43.47 -3.64 23.72
CA ASN C 134 -44.45 -3.47 24.77
C ASN C 134 -45.83 -3.12 24.22
N LYS C 135 -45.88 -2.44 23.09
CA LYS C 135 -47.13 -2.06 22.46
C LYS C 135 -46.88 -1.81 20.97
N VAL C 136 -47.78 -2.30 20.13
CA VAL C 136 -47.79 -1.91 18.71
C VAL C 136 -48.87 -0.87 18.53
N LYS C 137 -48.46 0.35 18.17
CA LYS C 137 -49.40 1.45 18.01
C LYS C 137 -50.06 1.49 16.64
N LYS C 138 -49.30 1.18 15.59
CA LYS C 138 -49.83 1.21 14.23
C LYS C 138 -49.01 0.25 13.38
N VAL C 139 -49.69 -0.54 12.55
CA VAL C 139 -49.05 -1.37 11.54
C VAL C 139 -49.35 -0.73 10.19
N LEU C 140 -48.30 -0.36 9.46
CA LEU C 140 -48.45 0.28 8.16
C LEU C 140 -48.20 -0.77 7.08
N LEU C 141 -49.29 -1.36 6.59
CA LEU C 141 -49.20 -2.44 5.60
C LEU C 141 -48.54 -2.01 4.29
N ASP C 142 -48.67 -0.75 3.88
CA ASP C 142 -48.03 -0.40 2.62
C ASP C 142 -46.57 -0.02 2.80
N LYS C 143 -46.11 0.14 4.05
CA LYS C 143 -44.79 0.69 4.29
C LYS C 143 -43.87 -0.27 5.03
N ASP C 144 -44.29 -1.52 5.26
CA ASP C 144 -43.47 -2.51 5.96
C ASP C 144 -43.01 -2.00 7.32
N GLN C 145 -43.86 -1.20 7.98
CA GLN C 145 -43.48 -0.48 9.19
C GLN C 145 -44.41 -0.83 10.34
N MET C 146 -43.89 -0.70 11.55
CA MET C 146 -44.68 -0.72 12.77
C MET C 146 -44.19 0.40 13.67
N GLU C 147 -45.13 1.23 14.10
CA GLU C 147 -44.89 2.23 15.13
C GLU C 147 -45.16 1.56 16.47
N ILE C 148 -44.18 1.55 17.38
CA ILE C 148 -44.27 0.74 18.59
C ILE C 148 -43.76 1.54 19.79
N GLU C 149 -44.04 0.99 20.97
CA GLU C 149 -43.36 1.31 22.20
C GLU C 149 -42.61 0.05 22.60
N GLY C 150 -41.29 0.16 22.73
CA GLY C 150 -40.48 -0.99 23.03
C GLY C 150 -39.05 -0.55 23.15
N GLN C 151 -38.17 -1.52 23.36
CA GLN C 151 -36.76 -1.25 23.58
C GLN C 151 -35.91 -2.30 22.86
N ALA C 152 -34.73 -1.90 22.45
CA ALA C 152 -33.82 -2.79 21.73
C ALA C 152 -32.42 -2.61 22.28
N ILE C 153 -31.58 -3.62 22.06
CA ILE C 153 -30.19 -3.59 22.49
C ILE C 153 -29.31 -3.48 21.26
N LEU C 154 -28.33 -2.59 21.31
CA LEU C 154 -27.21 -2.58 20.37
C LEU C 154 -25.99 -3.11 21.11
N PHE C 155 -25.36 -4.12 20.53
CA PHE C 155 -24.10 -4.60 21.09
C PHE C 155 -22.97 -3.65 20.72
N SER C 156 -21.84 -3.77 21.42
CA SER C 156 -20.69 -2.95 21.07
C SER C 156 -20.22 -3.20 19.63
N SER C 157 -20.44 -4.42 19.11
CA SER C 157 -20.09 -4.72 17.73
C SER C 157 -21.10 -4.19 16.72
N GLY C 158 -22.26 -3.70 17.16
CA GLY C 158 -23.29 -3.22 16.24
C GLY C 158 -22.93 -1.90 15.59
N VAL C 159 -23.82 -1.46 14.70
CA VAL C 159 -23.62 -0.26 13.91
C VAL C 159 -24.92 0.54 13.92
N TYR C 160 -24.79 1.85 14.05
CA TYR C 160 -25.93 2.75 14.15
C TYR C 160 -25.50 4.09 13.58
N ALA C 161 -26.45 4.97 13.34
CA ALA C 161 -26.16 6.32 12.87
C ALA C 161 -27.13 7.29 13.50
N LYS C 162 -26.61 8.44 13.93
CA LYS C 162 -27.45 9.51 14.41
C LYS C 162 -28.18 10.12 13.21
N LEU C 163 -29.51 10.22 13.29
CA LEU C 163 -30.28 10.81 12.20
C LEU C 163 -30.23 12.33 12.34
N PRO C 164 -29.67 13.07 11.40
CA PRO C 164 -29.57 14.53 11.60
C PRO C 164 -30.95 15.15 11.55
N ASP C 165 -31.24 16.03 12.50
CA ASP C 165 -32.57 16.62 12.61
C ASP C 165 -32.85 17.66 11.51
N ASP C 166 -31.85 17.99 10.67
CA ASP C 166 -32.01 18.98 9.62
C ASP C 166 -32.27 18.40 8.23
N LEU C 167 -32.42 17.07 8.10
CA LEU C 167 -32.60 16.45 6.80
C LEU C 167 -33.81 15.52 6.85
N ASP C 168 -34.51 15.44 5.70
CA ASP C 168 -35.64 14.54 5.57
C ASP C 168 -35.21 13.11 5.91
N GLU C 169 -36.00 12.45 6.77
CA GLU C 169 -35.63 11.13 7.29
C GLU C 169 -35.53 10.06 6.19
N ASN C 170 -36.47 10.03 5.24
CA ASN C 170 -36.34 9.05 4.13
C ASN C 170 -35.08 9.31 3.32
N LEU C 171 -34.72 10.58 3.13
CA LEU C 171 -33.47 10.88 2.45
C LEU C 171 -32.28 10.42 3.28
N ALA C 172 -32.27 10.77 4.57
CA ALA C 172 -31.21 10.31 5.46
C ALA C 172 -31.09 8.79 5.45
N LEU C 173 -32.23 8.09 5.53
CA LEU C 173 -32.16 6.62 5.55
C LEU C 173 -31.68 6.08 4.20
N SER C 174 -31.99 6.77 3.11
CA SER C 174 -31.52 6.31 1.80
C SER C 174 -30.02 6.48 1.69
N VAL C 175 -29.48 7.55 2.30
CA VAL C 175 -28.04 7.73 2.27
C VAL C 175 -27.36 6.68 3.14
N LEU C 176 -27.91 6.44 4.33
CA LEU C 176 -27.35 5.42 5.22
C LEU C 176 -27.35 4.06 4.55
N ASP C 177 -28.40 3.77 3.79
CA ASP C 177 -28.51 2.49 3.08
C ASP C 177 -27.31 2.19 2.20
N VAL C 178 -26.75 3.21 1.54
CA VAL C 178 -25.68 2.98 0.58
C VAL C 178 -24.38 3.64 1.02
N ALA C 179 -24.29 4.07 2.29
CA ALA C 179 -23.15 4.87 2.73
C ALA C 179 -21.83 4.13 2.57
N GLY C 180 -21.85 2.79 2.67
CA GLY C 180 -20.61 2.05 2.54
C GLY C 180 -19.96 2.17 1.18
N ALA C 181 -20.76 2.46 0.14
CA ALA C 181 -20.17 2.52 -1.21
C ALA C 181 -19.26 3.74 -1.37
N PRO C 182 -19.71 4.97 -1.16
CA PRO C 182 -18.75 6.09 -1.26
C PRO C 182 -17.60 6.00 -0.28
N ALA C 183 -17.84 5.46 0.92
CA ALA C 183 -16.79 5.37 1.93
C ALA C 183 -15.65 4.48 1.43
N GLN C 184 -16.03 3.34 0.86
CA GLN C 184 -15.04 2.39 0.34
CA GLN C 184 -15.05 2.40 0.37
C GLN C 184 -14.35 2.92 -0.90
N VAL C 185 -15.10 3.61 -1.78
CA VAL C 185 -14.52 4.22 -3.00
C VAL C 185 -13.45 5.27 -2.65
N GLU C 186 -13.67 6.04 -1.59
CA GLU C 186 -12.69 7.03 -1.15
C GLU C 186 -11.33 6.39 -0.89
N ARG C 187 -11.31 5.13 -0.41
CA ARG C 187 -10.05 4.49 -0.04
C ARG C 187 -9.32 3.93 -1.26
N LEU C 188 -10.06 3.62 -2.32
CA LEU C 188 -9.48 2.87 -3.43
C LEU C 188 -8.88 3.75 -4.52
N VAL C 189 -9.41 4.96 -4.73
CA VAL C 189 -9.06 5.78 -5.88
C VAL C 189 -7.91 6.71 -5.52
N LYS C 190 -6.81 6.63 -6.28
CA LYS C 190 -5.65 7.50 -6.12
C LYS C 190 -5.74 8.69 -7.07
N PRO C 191 -5.04 9.79 -6.78
CA PRO C 191 -4.93 10.86 -7.79
C PRO C 191 -4.42 10.30 -9.11
N ASP C 192 -5.02 10.80 -10.19
CA ASP C 192 -4.76 10.45 -11.59
C ASP C 192 -5.33 9.08 -11.98
N ASP C 193 -6.04 8.38 -11.10
CA ASP C 193 -6.62 7.10 -11.50
C ASP C 193 -7.68 7.28 -12.58
N THR C 194 -7.84 6.25 -13.40
CA THR C 194 -9.03 6.11 -14.22
C THR C 194 -9.98 5.19 -13.48
N VAL C 195 -11.24 5.63 -13.32
CA VAL C 195 -12.24 4.88 -12.56
C VAL C 195 -13.44 4.66 -13.46
N VAL C 196 -13.94 3.41 -13.48
CA VAL C 196 -15.15 3.05 -14.22
C VAL C 196 -16.24 2.69 -13.21
N ILE C 197 -17.39 3.33 -13.33
CA ILE C 197 -18.50 3.07 -12.40
C ILE C 197 -19.63 2.43 -13.22
N ILE C 198 -19.91 1.16 -12.95
CA ILE C 198 -20.92 0.41 -13.70
C ILE C 198 -22.21 0.53 -12.91
N GLY C 199 -23.22 1.15 -13.52
CA GLY C 199 -24.46 1.50 -12.83
C GLY C 199 -24.39 2.91 -12.29
N ALA C 200 -23.83 3.83 -13.08
CA ALA C 200 -23.46 5.15 -12.59
C ALA C 200 -24.64 6.07 -12.34
N ASN C 201 -25.85 5.71 -12.78
CA ASN C 201 -27.02 6.55 -12.52
C ASN C 201 -27.74 6.17 -11.24
N GLY C 202 -27.37 5.07 -10.59
CA GLY C 202 -28.11 4.59 -9.44
C GLY C 202 -27.84 5.37 -8.16
N LYS C 203 -28.51 4.95 -7.09
CA LYS C 203 -28.41 5.65 -5.81
C LYS C 203 -26.97 5.61 -5.30
N SER C 204 -26.38 4.43 -5.21
CA SER C 204 -24.98 4.37 -4.81
C SER C 204 -24.08 4.89 -5.92
N GLY C 205 -24.50 4.70 -7.18
CA GLY C 205 -23.66 5.10 -8.31
C GLY C 205 -23.34 6.59 -8.32
N ILE C 206 -24.35 7.45 -8.09
CA ILE C 206 -24.07 8.88 -8.20
C ILE C 206 -23.16 9.34 -7.06
N LEU C 207 -23.25 8.71 -5.88
CA LEU C 207 -22.30 9.03 -4.82
C LEU C 207 -20.91 8.60 -5.21
N CYS C 208 -20.79 7.41 -5.80
CA CYS C 208 -19.48 6.92 -6.24
C CYS C 208 -18.88 7.78 -7.34
N ASN C 209 -19.70 8.26 -8.29
CA ASN C 209 -19.17 9.18 -9.30
C ASN C 209 -18.48 10.38 -8.66
N ALA C 210 -19.13 10.99 -7.66
CA ALA C 210 -18.61 12.22 -7.08
C ALA C 210 -17.33 11.97 -6.29
N VAL C 211 -17.32 10.90 -5.49
CA VAL C 211 -16.13 10.58 -4.70
C VAL C 211 -14.99 10.16 -5.62
N ALA C 212 -15.29 9.38 -6.66
CA ALA C 212 -14.25 9.00 -7.60
C ALA C 212 -13.60 10.22 -8.24
N LYS C 213 -14.39 11.24 -8.58
CA LYS C 213 -13.79 12.39 -9.24
C LYS C 213 -13.00 13.27 -8.29
N GLU C 214 -13.46 13.46 -7.05
CA GLU C 214 -12.62 14.25 -6.14
C GLU C 214 -11.32 13.51 -5.79
N ARG C 215 -11.37 12.18 -5.66
CA ARG C 215 -10.15 11.45 -5.32
C ARG C 215 -9.23 11.32 -6.54
N ALA C 216 -9.79 11.13 -7.74
CA ALA C 216 -8.93 11.00 -8.90
C ALA C 216 -8.44 12.36 -9.38
N GLY C 217 -9.22 13.42 -9.15
CA GLY C 217 -8.76 14.76 -9.38
C GLY C 217 -8.82 15.22 -10.82
N ILE C 218 -8.22 16.38 -11.04
CA ILE C 218 -8.34 17.11 -12.32
C ILE C 218 -7.69 16.33 -13.46
N CYS C 219 -6.63 15.56 -13.20
CA CYS C 219 -5.97 14.75 -14.22
C CYS C 219 -6.30 13.27 -14.13
N GLY C 220 -7.29 12.90 -13.32
CA GLY C 220 -7.84 11.56 -13.36
C GLY C 220 -9.02 11.53 -14.31
N LYS C 221 -9.58 10.34 -14.47
CA LYS C 221 -10.66 10.12 -15.43
C LYS C 221 -11.72 9.20 -14.84
N VAL C 222 -12.97 9.65 -14.84
CA VAL C 222 -14.09 8.91 -14.28
C VAL C 222 -15.04 8.59 -15.42
N ILE C 223 -15.31 7.31 -15.62
CA ILE C 223 -16.15 6.84 -16.74
C ILE C 223 -17.36 6.15 -16.14
N GLY C 224 -18.56 6.67 -16.45
CA GLY C 224 -19.78 5.98 -16.06
C GLY C 224 -20.27 5.05 -17.15
N VAL C 225 -20.88 3.94 -16.74
CA VAL C 225 -21.55 3.00 -17.65
C VAL C 225 -23.03 2.94 -17.28
N VAL C 226 -23.88 3.29 -18.24
CA VAL C 226 -25.33 3.26 -18.08
C VAL C 226 -25.93 2.76 -19.39
N ARG C 227 -27.16 2.27 -19.33
CA ARG C 227 -27.82 1.75 -20.52
C ARG C 227 -28.87 2.70 -21.10
N ASN C 228 -28.98 3.93 -20.58
CA ASN C 228 -30.01 4.87 -21.02
C ASN C 228 -29.37 6.22 -21.29
N GLU C 229 -29.50 6.71 -22.53
CA GLU C 229 -28.87 8.00 -22.87
C GLU C 229 -29.42 9.17 -22.05
N ASN C 230 -30.67 9.07 -21.57
CA ASN C 230 -31.23 10.08 -20.71
C ASN C 230 -30.46 10.24 -19.39
N TYR C 231 -29.68 9.24 -18.98
CA TYR C 231 -28.96 9.31 -17.72
C TYR C 231 -27.63 10.05 -17.86
N ILE C 232 -27.20 10.34 -19.09
CA ILE C 232 -25.89 10.95 -19.30
C ILE C 232 -25.72 12.27 -18.57
N PRO C 233 -26.66 13.22 -18.64
CA PRO C 233 -26.44 14.49 -17.93
C PRO C 233 -26.23 14.31 -16.43
N THR C 234 -26.96 13.41 -15.79
CA THR C 234 -26.77 13.20 -14.35
C THR C 234 -25.41 12.59 -14.05
N CYS C 235 -24.98 11.61 -14.84
CA CYS C 235 -23.66 11.01 -14.63
C CYS C 235 -22.58 12.07 -14.72
N LYS C 236 -22.65 12.95 -15.73
CA LYS C 236 -21.65 13.98 -15.88
C LYS C 236 -21.72 15.01 -14.77
N ALA C 237 -22.94 15.38 -14.35
CA ALA C 237 -23.11 16.39 -13.31
C ALA C 237 -22.60 15.89 -11.96
N THR C 238 -22.66 14.58 -11.72
CA THR C 238 -22.20 14.05 -10.44
C THR C 238 -20.73 13.58 -10.49
N GLY C 239 -20.02 13.85 -11.57
CA GLY C 239 -18.60 13.55 -11.56
C GLY C 239 -18.01 12.81 -12.75
N CYS C 240 -18.82 12.17 -13.58
CA CYS C 240 -18.25 11.44 -14.71
C CYS C 240 -17.68 12.39 -15.76
N ASP C 241 -16.47 12.10 -16.23
CA ASP C 241 -15.89 12.78 -17.39
C ASP C 241 -16.43 12.22 -18.70
N GLU C 242 -16.71 10.91 -18.74
CA GLU C 242 -17.21 10.24 -19.93
C GLU C 242 -18.29 9.26 -19.50
N VAL C 243 -19.19 8.94 -20.42
CA VAL C 243 -20.24 7.97 -20.14
C VAL C 243 -20.30 6.97 -21.27
N ILE C 244 -20.35 5.69 -20.94
CA ILE C 244 -20.51 4.60 -21.90
C ILE C 244 -21.95 4.13 -21.86
N LEU C 245 -22.55 3.95 -23.04
CA LEU C 245 -23.89 3.39 -23.16
C LEU C 245 -23.76 1.91 -23.48
N ALA C 246 -24.13 1.05 -22.52
CA ALA C 246 -24.04 -0.38 -22.72
C ALA C 246 -24.87 -1.10 -21.67
N GLN C 247 -25.36 -2.29 -22.00
CA GLN C 247 -25.86 -3.17 -20.97
C GLN C 247 -24.71 -3.62 -20.10
N ALA C 248 -24.92 -3.65 -18.78
CA ALA C 248 -23.84 -4.01 -17.87
C ALA C 248 -23.39 -5.46 -18.05
N THR C 249 -24.19 -6.27 -18.73
CA THR C 249 -23.88 -7.67 -19.03
C THR C 249 -23.09 -7.86 -20.31
N ASP C 250 -22.85 -6.79 -21.06
CA ASP C 250 -22.22 -6.84 -22.38
C ASP C 250 -20.73 -6.59 -22.21
N ALA C 251 -20.00 -7.67 -21.96
CA ALA C 251 -18.57 -7.56 -21.65
C ALA C 251 -17.79 -7.00 -22.83
N ILE C 252 -18.13 -7.40 -24.06
CA ILE C 252 -17.33 -7.00 -25.21
C ILE C 252 -17.51 -5.51 -25.49
N THR C 253 -18.74 -5.00 -25.43
CA THR C 253 -18.98 -3.58 -25.63
C THR C 253 -18.29 -2.75 -24.55
N ILE C 254 -18.42 -3.15 -23.29
CA ILE C 254 -17.80 -2.39 -22.22
C ILE C 254 -16.28 -2.40 -22.37
N GLN C 255 -15.70 -3.57 -22.65
CA GLN C 255 -14.25 -3.62 -22.85
C GLN C 255 -13.83 -2.71 -23.99
N LYS C 256 -14.55 -2.77 -25.12
CA LYS C 256 -14.13 -1.98 -26.28
C LYS C 256 -14.23 -0.50 -26.00
N GLU C 257 -15.32 -0.08 -25.35
CA GLU C 257 -15.54 1.34 -25.11
C GLU C 257 -14.59 1.88 -24.06
N VAL C 258 -14.35 1.11 -22.98
CA VAL C 258 -13.36 1.56 -22.00
C VAL C 258 -11.99 1.68 -22.66
N SER C 259 -11.65 0.72 -23.52
CA SER C 259 -10.39 0.79 -24.26
C SER C 259 -10.33 2.03 -25.13
N ARG C 260 -11.42 2.36 -25.83
CA ARG C 260 -11.43 3.55 -26.68
C ARG C 260 -11.17 4.81 -25.88
N LEU C 261 -11.87 4.98 -24.76
CA LEU C 261 -11.73 6.18 -23.94
C LEU C 261 -10.42 6.26 -23.17
N THR C 262 -9.67 5.15 -23.05
CA THR C 262 -8.43 5.16 -22.28
C THR C 262 -7.21 4.82 -23.12
N ASN C 263 -7.32 4.82 -24.45
CA ASN C 263 -6.20 4.41 -25.34
C ASN C 263 -5.65 3.05 -24.94
N GLY C 264 -6.55 2.11 -24.59
CA GLY C 264 -6.14 0.77 -24.28
C GLY C 264 -5.60 0.57 -22.88
N LYS C 265 -5.45 1.64 -22.09
CA LYS C 265 -4.83 1.53 -20.78
C LYS C 265 -5.77 0.90 -19.74
N MET C 266 -7.08 1.07 -19.93
CA MET C 266 -8.16 0.50 -19.11
C MET C 266 -8.21 1.16 -17.73
N ALA C 267 -9.00 0.63 -16.82
CA ALA C 267 -9.29 1.31 -15.57
C ALA C 267 -8.40 0.82 -14.42
N ASP C 268 -7.92 1.78 -13.62
CA ASP C 268 -7.24 1.42 -12.38
C ASP C 268 -8.21 0.81 -11.38
N VAL C 269 -9.44 1.30 -11.37
CA VAL C 269 -10.45 0.89 -10.39
C VAL C 269 -11.78 0.75 -11.12
N VAL C 270 -12.45 -0.37 -10.92
CA VAL C 270 -13.80 -0.59 -11.43
C VAL C 270 -14.75 -0.74 -10.25
N ILE C 271 -15.83 0.04 -10.25
CA ILE C 271 -16.82 0.00 -9.19
C ILE C 271 -18.11 -0.52 -9.79
N ASN C 272 -18.61 -1.64 -9.26
CA ASN C 272 -19.82 -2.27 -9.76
C ASN C 272 -20.93 -2.04 -8.74
N VAL C 273 -21.91 -1.21 -9.10
CA VAL C 273 -23.03 -0.86 -8.23
C VAL C 273 -24.36 -1.07 -8.97
N VAL C 274 -24.43 -2.08 -9.83
CA VAL C 274 -25.68 -2.46 -10.46
C VAL C 274 -26.40 -3.43 -9.54
N ASN C 275 -27.66 -3.72 -9.82
CA ASN C 275 -28.43 -4.68 -9.05
C ASN C 275 -28.82 -5.87 -9.92
N THR C 276 -27.96 -6.24 -10.86
CA THR C 276 -28.22 -7.27 -11.85
C THR C 276 -27.18 -8.36 -11.76
N GLU C 277 -27.56 -9.56 -12.19
CA GLU C 277 -26.64 -10.68 -12.18
C GLU C 277 -25.81 -10.66 -13.45
N ASP C 278 -24.71 -11.42 -13.45
CA ASP C 278 -23.84 -11.65 -14.61
C ASP C 278 -23.13 -10.39 -15.12
N THR C 279 -22.78 -9.48 -14.23
CA THR C 279 -21.95 -8.35 -14.63
C THR C 279 -20.50 -8.49 -14.15
N GLU C 280 -20.13 -9.67 -13.62
CA GLU C 280 -18.77 -9.86 -13.11
C GLU C 280 -17.73 -9.78 -14.22
N LEU C 281 -17.92 -10.56 -15.28
CA LEU C 281 -16.91 -10.58 -16.34
C LEU C 281 -16.80 -9.22 -17.03
N PRO C 282 -17.89 -8.51 -17.36
CA PRO C 282 -17.74 -7.13 -17.87
C PRO C 282 -16.93 -6.21 -16.95
N SER C 283 -17.09 -6.34 -15.63
CA SER C 283 -16.32 -5.51 -14.70
C SER C 283 -14.84 -5.86 -14.71
N ILE C 284 -14.53 -7.15 -14.69
CA ILE C 284 -13.15 -7.63 -14.74
C ILE C 284 -12.44 -7.13 -16.01
N MET C 285 -13.11 -7.23 -17.16
CA MET C 285 -12.46 -6.87 -18.43
C MET C 285 -12.30 -5.36 -18.59
N ALA C 286 -12.99 -4.54 -17.79
CA ALA C 286 -12.73 -3.12 -17.85
C ALA C 286 -11.46 -2.71 -17.10
N ALA C 287 -10.90 -3.59 -16.26
CA ALA C 287 -9.74 -3.24 -15.43
C ALA C 287 -8.44 -3.48 -16.19
N LYS C 288 -7.46 -2.63 -15.89
CA LYS C 288 -6.10 -2.87 -16.35
C LYS C 288 -5.47 -4.01 -15.56
N ASP C 289 -4.32 -4.45 -16.02
CA ASP C 289 -3.57 -5.48 -15.33
C ASP C 289 -3.27 -5.04 -13.92
N ARG C 290 -3.53 -5.91 -12.96
CA ARG C 290 -3.39 -5.65 -11.51
C ARG C 290 -4.33 -4.55 -11.01
N GLY C 291 -5.38 -4.25 -11.76
CA GLY C 291 -6.37 -3.28 -11.31
C GLY C 291 -7.29 -3.83 -10.26
N MET C 292 -8.14 -2.96 -9.71
CA MET C 292 -9.00 -3.30 -8.58
C MET C 292 -10.45 -3.27 -9.03
N VAL C 293 -11.18 -4.35 -8.75
CA VAL C 293 -12.59 -4.43 -9.10
C VAL C 293 -13.38 -4.56 -7.80
N TYR C 294 -14.25 -3.58 -7.54
CA TYR C 294 -15.03 -3.55 -6.29
C TYR C 294 -16.48 -3.92 -6.62
N PHE C 295 -16.94 -5.06 -6.09
CA PHE C 295 -18.31 -5.53 -6.29
C PHE C 295 -19.16 -5.12 -5.10
N PHE C 296 -20.08 -4.16 -5.30
CA PHE C 296 -20.98 -3.77 -4.24
C PHE C 296 -22.31 -4.51 -4.32
N SER C 297 -22.65 -5.02 -5.49
CA SER C 297 -23.99 -5.54 -5.70
C SER C 297 -24.14 -6.88 -5.02
N MET C 298 -25.27 -7.05 -4.34
CA MET C 298 -25.63 -8.32 -3.72
C MET C 298 -25.98 -9.37 -4.74
N ALA C 299 -26.08 -9.01 -6.03
CA ALA C 299 -26.25 -9.98 -7.09
C ALA C 299 -24.94 -10.61 -7.53
N THR C 300 -23.80 -10.14 -7.02
CA THR C 300 -22.49 -10.67 -7.41
C THR C 300 -22.37 -12.14 -7.04
N SER C 301 -21.93 -12.96 -7.99
CA SER C 301 -21.66 -14.37 -7.74
C SER C 301 -20.17 -14.56 -7.50
N PHE C 302 -19.81 -15.13 -6.35
CA PHE C 302 -18.40 -15.42 -6.07
C PHE C 302 -17.77 -16.26 -7.17
N THR C 303 -18.40 -17.39 -7.52
CA THR C 303 -17.76 -18.28 -8.47
C THR C 303 -17.70 -17.66 -9.86
N LYS C 304 -18.72 -16.88 -10.24
CA LYS C 304 -18.68 -16.24 -11.55
C LYS C 304 -17.51 -15.28 -11.65
N ALA C 305 -17.25 -14.53 -10.58
CA ALA C 305 -16.12 -13.61 -10.59
C ALA C 305 -14.80 -14.36 -10.59
N ALA C 306 -14.63 -15.35 -9.70
CA ALA C 306 -13.37 -16.05 -9.61
C ALA C 306 -13.07 -16.81 -10.90
N LEU C 307 -14.03 -17.59 -11.36
CA LEU C 307 -13.80 -18.34 -12.59
C LEU C 307 -13.75 -17.42 -13.79
N GLY C 308 -14.51 -16.32 -13.76
CA GLY C 308 -14.44 -15.34 -14.84
C GLY C 308 -13.04 -14.80 -15.03
N ALA C 309 -12.41 -14.33 -13.95
CA ALA C 309 -11.06 -13.79 -14.10
C ALA C 309 -10.07 -14.87 -14.51
N GLU C 310 -10.22 -16.06 -13.95
CA GLU C 310 -9.31 -17.17 -14.27
C GLU C 310 -9.34 -17.52 -15.77
N GLY C 311 -10.53 -17.59 -16.36
CA GLY C 311 -10.63 -18.07 -17.73
C GLY C 311 -10.01 -17.16 -18.77
N ILE C 312 -9.90 -15.87 -18.48
CA ILE C 312 -9.27 -14.95 -19.41
C ILE C 312 -7.95 -14.43 -18.86
N GLY C 313 -7.37 -15.11 -17.87
CA GLY C 313 -6.05 -14.75 -17.38
C GLY C 313 -5.94 -13.31 -16.92
N ALA C 314 -6.96 -12.83 -16.22
CA ALA C 314 -7.01 -11.45 -15.75
C ALA C 314 -6.48 -11.44 -14.32
N ASP C 315 -5.27 -10.90 -14.14
CA ASP C 315 -4.68 -10.79 -12.80
C ASP C 315 -5.15 -9.47 -12.22
N VAL C 316 -6.36 -9.49 -11.66
CA VAL C 316 -7.00 -8.33 -11.04
C VAL C 316 -7.41 -8.71 -9.63
N ASP C 317 -7.51 -7.69 -8.77
CA ASP C 317 -8.03 -7.88 -7.43
C ASP C 317 -9.52 -7.64 -7.46
N MET C 318 -10.29 -8.51 -6.80
CA MET C 318 -11.74 -8.44 -6.79
C MET C 318 -12.19 -8.38 -5.34
N MET C 319 -12.89 -7.31 -4.97
CA MET C 319 -13.19 -7.10 -3.57
C MET C 319 -14.69 -7.28 -3.32
N ILE C 320 -15.04 -8.00 -2.25
CA ILE C 320 -16.43 -8.07 -1.77
C ILE C 320 -16.78 -6.74 -1.10
N GLY C 321 -17.69 -5.97 -1.73
CA GLY C 321 -18.16 -4.70 -1.21
C GLY C 321 -18.78 -4.89 0.14
N ASN C 322 -18.17 -4.24 1.14
CA ASN C 322 -18.46 -4.53 2.53
C ASN C 322 -19.79 -3.93 2.99
N GLY C 323 -20.04 -2.65 2.71
CA GLY C 323 -21.29 -2.00 3.10
C GLY C 323 -21.19 -1.33 4.47
N TYR C 324 -20.29 -1.83 5.31
CA TYR C 324 -19.91 -1.16 6.55
C TYR C 324 -18.46 -0.71 6.44
N ALA C 325 -18.18 0.54 6.84
CA ALA C 325 -16.82 1.04 7.01
C ALA C 325 -16.86 2.09 8.10
N HIS C 326 -15.77 2.21 8.86
CA HIS C 326 -15.72 3.21 9.91
C HIS C 326 -16.22 4.55 9.39
N HIS C 327 -17.14 5.17 10.13
CA HIS C 327 -17.64 6.51 9.84
C HIS C 327 -18.37 6.62 8.51
N HIS C 328 -18.85 5.50 7.93
CA HIS C 328 -19.40 5.60 6.57
C HIS C 328 -20.61 6.53 6.51
N SER C 329 -21.45 6.51 7.54
CA SER C 329 -22.61 7.40 7.60
C SER C 329 -22.18 8.85 7.51
N GLU C 330 -21.28 9.25 8.42
CA GLU C 330 -20.79 10.63 8.46
C GLU C 330 -20.14 11.04 7.15
N ILE C 331 -19.35 10.14 6.55
CA ILE C 331 -18.66 10.42 5.29
C ILE C 331 -19.67 10.64 4.16
N ALA C 332 -20.69 9.80 4.08
CA ALA C 332 -21.67 9.92 2.99
C ALA C 332 -22.54 11.15 3.16
N LEU C 333 -22.98 11.41 4.40
CA LEU C 333 -23.74 12.63 4.67
C LEU C 333 -22.90 13.88 4.38
N ASP C 334 -21.61 13.87 4.73
CA ASP C 334 -20.78 15.03 4.45
C ASP C 334 -20.64 15.27 2.96
N LEU C 335 -20.62 14.18 2.18
CA LEU C 335 -20.58 14.30 0.71
C LEU C 335 -21.79 15.06 0.19
N LEU C 336 -22.98 14.74 0.72
CA LEU C 336 -24.17 15.46 0.31
C LEU C 336 -24.13 16.92 0.74
N ARG C 337 -23.55 17.20 1.91
CA ARG C 337 -23.51 18.57 2.39
C ARG C 337 -22.53 19.41 1.59
N ARG C 338 -21.46 18.78 1.08
CA ARG C 338 -20.45 19.51 0.31
C ARG C 338 -20.81 19.66 -1.16
N ASN C 339 -21.67 18.81 -1.70
CA ASN C 339 -21.95 18.72 -3.13
C ASN C 339 -23.42 19.04 -3.35
N SER C 340 -23.71 20.28 -3.75
CA SER C 340 -25.09 20.72 -3.92
C SER C 340 -25.80 19.97 -5.05
N VAL C 341 -25.06 19.55 -6.09
CA VAL C 341 -25.68 18.79 -7.18
C VAL C 341 -26.22 17.47 -6.66
N LEU C 342 -25.39 16.72 -5.92
CA LEU C 342 -25.86 15.45 -5.36
C LEU C 342 -27.03 15.65 -4.42
N MET C 343 -26.93 16.62 -3.51
CA MET C 343 -28.01 16.83 -2.54
C MET C 343 -29.33 17.05 -3.27
N LYS C 344 -29.30 17.88 -4.30
CA LYS C 344 -30.50 18.19 -5.05
C LYS C 344 -31.06 16.94 -5.71
N ILE C 345 -30.20 16.11 -6.29
CA ILE C 345 -30.67 14.87 -6.90
C ILE C 345 -31.22 13.92 -5.85
N PHE C 346 -30.52 13.77 -4.71
CA PHE C 346 -31.00 12.86 -3.67
C PHE C 346 -32.33 13.33 -3.11
N LYS C 347 -32.52 14.65 -2.98
CA LYS C 347 -33.78 15.18 -2.51
C LYS C 347 -34.91 14.83 -3.47
N GLU C 348 -34.68 15.02 -4.77
CA GLU C 348 -35.73 14.76 -5.76
C GLU C 348 -36.06 13.29 -5.86
N ARG C 349 -35.05 12.41 -5.76
CA ARG C 349 -35.29 10.99 -5.99
C ARG C 349 -35.85 10.27 -4.78
N TYR C 350 -35.35 10.56 -3.58
CA TYR C 350 -35.56 9.69 -2.43
C TYR C 350 -36.26 10.41 -1.29
N ALA C 351 -37.14 11.35 -1.64
CA ALA C 351 -37.93 12.12 -0.68
C ALA C 351 -36.99 12.87 0.26
N MET D 1 14.33 3.74 43.18
CA MET D 1 13.78 3.84 41.83
C MET D 1 12.81 5.02 41.73
N LYS D 2 13.18 6.01 40.94
CA LYS D 2 12.35 7.18 40.75
C LYS D 2 11.22 6.90 39.77
N SER D 3 10.15 7.69 39.88
CA SER D 3 8.92 7.46 39.13
C SER D 3 8.76 8.53 38.05
N ASN D 4 7.84 8.25 37.12
CA ASN D 4 7.51 9.19 36.04
C ASN D 4 8.77 9.51 35.23
N GLY D 5 9.48 8.45 34.83
CA GLY D 5 10.56 8.65 33.89
C GLY D 5 9.99 8.82 32.50
N CYS D 6 10.59 9.73 31.74
CA CYS D 6 10.16 9.96 30.37
C CYS D 6 10.77 8.92 29.44
N ARG D 7 9.94 8.37 28.56
CA ARG D 7 10.44 7.33 27.65
C ARG D 7 11.56 7.87 26.76
N TYR D 8 11.53 9.17 26.46
CA TYR D 8 12.54 9.82 25.65
C TYR D 8 13.76 10.27 26.43
N GLY D 9 13.74 10.13 27.76
CA GLY D 9 14.93 10.40 28.55
C GLY D 9 15.11 11.83 28.99
N THR D 10 14.10 12.70 28.82
CA THR D 10 14.29 14.11 29.14
C THR D 10 14.55 14.34 30.63
N HIS D 11 14.17 13.37 31.47
CA HIS D 11 14.39 13.51 32.90
C HIS D 11 15.87 13.56 33.26
N ARG D 12 16.75 13.16 32.34
CA ARG D 12 18.19 13.22 32.59
C ARG D 12 18.88 14.35 31.85
N VAL D 13 18.13 15.23 31.18
CA VAL D 13 18.75 16.33 30.45
C VAL D 13 19.01 17.48 31.43
N ILE D 14 20.28 17.80 31.62
CA ILE D 14 20.63 18.88 32.55
C ILE D 14 20.77 20.20 31.83
N GLU D 15 21.46 20.23 30.69
CA GLU D 15 21.69 21.47 29.96
C GLU D 15 21.72 21.20 28.47
N PRO D 16 20.98 21.98 27.69
CA PRO D 16 20.06 22.98 28.23
C PRO D 16 18.69 22.38 28.58
N LYS D 17 17.93 23.02 29.47
CA LYS D 17 16.61 22.51 29.80
C LYS D 17 15.71 22.56 28.57
N GLY D 18 14.89 21.52 28.42
CA GLY D 18 13.88 21.46 27.38
C GLY D 18 14.25 20.78 26.07
N VAL D 19 15.41 20.13 25.98
CA VAL D 19 15.76 19.40 24.76
C VAL D 19 15.85 17.91 25.04
N LEU D 20 16.01 17.13 23.96
CA LEU D 20 16.14 15.69 24.06
C LEU D 20 17.57 15.30 24.43
N PRO D 21 17.78 14.08 24.94
CA PRO D 21 19.15 13.67 25.31
C PRO D 21 20.19 13.82 24.21
N GLN D 22 19.88 13.51 22.94
CA GLN D 22 20.91 13.61 21.91
C GLN D 22 21.42 15.04 21.70
N PRO D 23 20.58 16.05 21.42
CA PRO D 23 21.12 17.41 21.27
C PRO D 23 21.58 18.06 22.57
N ALA D 24 21.16 17.57 23.73
CA ALA D 24 21.55 18.16 24.99
C ALA D 24 23.07 18.15 25.11
N LYS D 25 23.59 19.08 25.89
CA LYS D 25 25.03 19.11 26.12
C LYS D 25 25.45 18.36 27.37
N ILE D 26 24.64 18.41 28.43
CA ILE D 26 24.99 17.80 29.70
C ILE D 26 23.85 16.87 30.11
N LEU D 27 24.17 15.60 30.30
CA LEU D 27 23.22 14.62 30.82
C LEU D 27 23.58 14.27 32.25
N ASN D 28 22.58 13.81 33.00
CA ASN D 28 22.77 13.26 34.34
C ASN D 28 23.21 11.80 34.21
N ASN D 29 24.47 11.51 34.53
CA ASN D 29 24.97 10.14 34.54
C ASN D 29 25.15 9.59 35.95
N ASP D 30 24.33 10.06 36.89
CA ASP D 30 24.27 9.46 38.23
C ASP D 30 23.63 8.09 38.14
N MET D 31 24.41 7.03 38.38
CA MET D 31 23.92 5.67 38.29
C MET D 31 23.49 5.10 39.64
N SER D 32 23.55 5.88 40.72
CA SER D 32 23.23 5.35 42.03
C SER D 32 21.76 5.01 42.18
N GLU D 33 20.88 5.69 41.43
CA GLU D 33 19.46 5.39 41.38
C GLU D 33 18.97 5.55 39.94
N ILE D 34 18.01 4.73 39.56
CA ILE D 34 17.47 4.72 38.21
C ILE D 34 16.00 5.10 38.26
N TRP D 35 15.45 5.48 37.10
CA TRP D 35 14.02 5.72 36.95
C TRP D 35 13.32 4.42 36.56
N ASP D 36 12.00 4.41 36.78
CA ASP D 36 11.23 3.18 36.65
C ASP D 36 11.18 2.62 35.24
N ASN D 37 11.40 3.44 34.20
CA ASN D 37 11.38 2.95 32.82
C ASN D 37 12.77 3.02 32.16
N GLU D 38 13.84 2.88 32.95
CA GLU D 38 15.20 2.82 32.44
C GLU D 38 15.78 1.42 32.66
N MET D 39 16.83 1.12 31.90
CA MET D 39 17.64 -0.09 32.08
C MET D 39 19.10 0.29 32.26
N LEU D 40 19.73 -0.27 33.29
CA LEU D 40 21.10 0.03 33.69
C LEU D 40 22.03 -1.08 33.21
N ILE D 41 23.14 -0.71 32.59
CA ILE D 41 24.04 -1.67 31.95
C ILE D 41 25.43 -1.52 32.56
N ASP D 42 26.03 -2.64 32.95
CA ASP D 42 27.46 -2.67 33.30
C ASP D 42 28.23 -2.74 31.99
N VAL D 43 28.84 -1.63 31.61
CA VAL D 43 29.47 -1.55 30.30
C VAL D 43 30.83 -2.22 30.33
N ILE D 44 31.07 -3.10 29.36
CA ILE D 44 32.35 -3.78 29.18
C ILE D 44 33.22 -3.04 28.17
N ARG D 45 32.62 -2.55 27.10
CA ARG D 45 33.39 -2.02 25.99
C ARG D 45 32.66 -0.86 25.32
N LEU D 46 33.44 0.12 24.87
CA LEU D 46 32.93 1.26 24.13
C LEU D 46 33.50 1.22 22.72
N ASN D 47 32.61 1.16 21.74
CA ASN D 47 32.99 1.25 20.33
C ASN D 47 32.71 2.67 19.86
N ILE D 48 33.77 3.50 19.80
CA ILE D 48 33.63 4.91 19.48
C ILE D 48 33.47 5.07 17.97
N ASP D 49 32.60 6.00 17.56
CA ASP D 49 32.47 6.36 16.16
C ASP D 49 33.84 6.68 15.58
N SER D 50 34.16 6.07 14.43
CA SER D 50 35.53 6.16 13.90
C SER D 50 35.92 7.61 13.63
N ALA D 51 35.00 8.41 13.08
CA ALA D 51 35.29 9.82 12.84
C ALA D 51 35.56 10.55 14.15
N SER D 52 34.77 10.26 15.18
CA SER D 52 35.02 10.87 16.49
C SER D 52 36.35 10.44 17.08
N PHE D 53 36.64 9.15 17.01
CA PHE D 53 37.87 8.62 17.59
C PHE D 53 39.08 9.26 16.92
N HIS D 54 39.07 9.37 15.60
CA HIS D 54 40.18 9.97 14.88
C HIS D 54 40.31 11.46 15.19
N GLN D 55 39.18 12.18 15.32
CA GLN D 55 39.24 13.60 15.63
C GLN D 55 39.82 13.84 17.02
N ILE D 56 39.47 13.01 17.99
CA ILE D 56 40.02 13.15 19.33
C ILE D 56 41.50 12.80 19.33
N LYS D 57 41.86 11.72 18.64
CA LYS D 57 43.27 11.31 18.54
C LYS D 57 44.12 12.46 17.99
N ASN D 58 43.68 13.12 16.92
CA ASN D 58 44.47 14.20 16.33
C ASN D 58 44.55 15.40 17.27
N LYS D 59 43.45 15.70 17.96
CA LYS D 59 43.45 16.79 18.93
C LYS D 59 44.47 16.51 20.04
N LEU D 60 44.52 15.26 20.51
CA LEU D 60 45.46 14.89 21.56
C LEU D 60 46.90 14.92 21.06
N ILE D 61 47.12 14.50 19.81
CA ILE D 61 48.44 14.66 19.20
C ILE D 61 48.84 16.13 19.14
N ALA D 62 47.94 17.01 18.69
CA ALA D 62 48.29 18.42 18.58
C ALA D 62 48.61 19.02 19.95
N GLN D 63 47.96 18.53 21.00
CA GLN D 63 48.19 19.05 22.35
C GLN D 63 49.55 18.62 22.91
N GLY D 64 50.17 17.58 22.34
CA GLY D 64 51.53 17.21 22.68
C GLY D 64 51.63 16.00 23.57
N HIS D 65 50.56 15.24 23.73
CA HIS D 65 50.65 14.08 24.60
C HIS D 65 51.23 12.99 23.76
N GLN D 66 52.32 12.39 24.21
CA GLN D 66 52.49 10.98 23.87
C GLN D 66 52.32 10.15 25.13
N ASP D 67 51.57 9.10 24.92
CA ASP D 67 50.97 8.07 25.74
C ASP D 67 49.56 8.44 25.32
N LEU D 68 49.29 8.17 24.04
CA LEU D 68 48.00 8.53 23.45
C LEU D 68 46.91 7.72 24.11
N GLU D 69 47.19 6.45 24.39
CA GLU D 69 46.27 5.62 25.15
C GLU D 69 45.95 6.26 26.50
N LYS D 70 46.97 6.73 27.23
CA LYS D 70 46.70 7.38 28.51
C LYS D 70 46.01 8.72 28.31
N ALA D 71 46.40 9.49 27.29
CA ALA D 71 45.71 10.73 26.99
C ALA D 71 44.26 10.46 26.56
N PHE D 72 44.04 9.41 25.78
CA PHE D 72 42.69 9.12 25.34
C PHE D 72 41.80 8.68 26.49
N ALA D 73 42.30 7.78 27.34
CA ALA D 73 41.55 7.36 28.52
C ALA D 73 41.17 8.54 29.39
N GLU D 74 42.13 9.43 29.63
CA GLU D 74 41.85 10.59 30.47
C GLU D 74 40.83 11.51 29.83
N HIS D 75 40.93 11.69 28.52
CA HIS D 75 39.99 12.51 27.79
C HIS D 75 38.57 11.95 27.93
N ALA D 76 38.43 10.63 27.77
CA ALA D 76 37.10 10.04 27.81
C ALA D 76 36.50 10.15 29.21
N ILE D 77 37.32 9.95 30.24
CA ILE D 77 36.84 10.07 31.61
C ILE D 77 36.39 11.49 31.89
N GLU D 78 37.19 12.48 31.48
CA GLU D 78 36.84 13.87 31.72
C GLU D 78 35.57 14.25 30.99
N LEU D 79 35.46 13.85 29.71
CA LEU D 79 34.30 14.22 28.90
C LEU D 79 33.02 13.68 29.50
N THR D 80 33.00 12.39 29.84
CA THR D 80 31.79 11.79 30.40
C THR D 80 31.51 12.32 31.79
N ASN D 81 32.53 12.57 32.61
CA ASN D 81 32.27 13.09 33.95
C ASN D 81 31.61 14.47 33.89
N ARG D 82 32.03 15.30 32.92
CA ARG D 82 31.53 16.67 32.82
C ARG D 82 30.22 16.77 32.03
N THR D 83 30.07 16.01 30.95
CA THR D 83 28.87 16.11 30.12
C THR D 83 27.89 14.95 30.33
N GLY D 84 28.30 13.90 31.03
CA GLY D 84 27.38 12.79 31.26
C GLY D 84 27.26 11.79 30.12
N LYS D 85 28.02 11.98 29.05
CA LYS D 85 27.92 11.10 27.89
C LYS D 85 29.18 11.28 27.06
N HIS D 86 29.42 10.31 26.19
CA HIS D 86 30.56 10.42 25.29
C HIS D 86 30.07 10.94 23.93
N LYS D 87 29.57 12.16 23.92
CA LYS D 87 29.25 12.85 22.68
C LYS D 87 30.41 13.76 22.34
N ASN D 88 31.01 13.57 21.16
CA ASN D 88 32.14 14.39 20.76
C ASN D 88 31.72 15.86 20.67
N GLU D 89 32.42 16.71 21.41
CA GLU D 89 32.00 18.09 21.51
C GLU D 89 32.32 18.88 20.25
N ASP D 90 33.11 18.30 19.35
CA ASP D 90 33.44 18.90 18.07
C ASP D 90 32.67 18.30 16.90
N THR D 91 32.43 16.98 16.85
CA THR D 91 31.66 16.40 15.75
C THR D 91 30.21 16.13 16.11
N GLY D 92 29.92 15.90 17.38
CA GLY D 92 28.59 15.49 17.80
C GLY D 92 28.32 14.00 17.68
N SER D 93 29.27 13.21 17.17
CA SER D 93 29.08 11.78 16.98
C SER D 93 29.44 11.02 18.26
N GLY D 94 28.97 9.77 18.34
CA GLY D 94 29.11 8.96 19.52
C GLY D 94 29.78 7.61 19.32
N GLY D 95 28.98 6.57 19.11
CA GLY D 95 29.43 5.20 19.09
C GLY D 95 28.36 4.32 19.71
N MET D 96 28.75 3.14 20.18
CA MET D 96 27.82 2.27 20.90
C MET D 96 28.59 1.54 21.99
N PHE D 97 27.88 0.75 22.79
CA PHE D 97 28.54 0.01 23.85
C PHE D 97 28.08 -1.45 23.86
N ILE D 98 28.89 -2.27 24.52
CA ILE D 98 28.61 -3.68 24.83
C ILE D 98 28.64 -3.80 26.34
N GLY D 99 27.71 -4.56 26.90
CA GLY D 99 27.68 -4.72 28.35
C GLY D 99 26.73 -5.81 28.79
N ARG D 100 26.59 -5.94 30.10
CA ARG D 100 25.67 -6.87 30.73
C ARG D 100 24.62 -6.09 31.51
N VAL D 101 23.37 -6.53 31.41
CA VAL D 101 22.30 -5.86 32.11
C VAL D 101 22.56 -5.96 33.62
N ALA D 102 22.50 -4.82 34.30
CA ALA D 102 22.66 -4.75 35.74
C ALA D 102 21.33 -4.60 36.48
N ALA D 103 20.40 -3.78 35.98
CA ALA D 103 19.12 -3.55 36.63
C ALA D 103 18.10 -3.09 35.60
N ILE D 104 16.84 -3.47 35.81
CA ILE D 104 15.74 -3.15 34.90
C ILE D 104 14.61 -2.52 35.68
N GLY D 105 14.22 -1.31 35.30
CA GLY D 105 13.07 -0.68 35.90
C GLY D 105 11.77 -1.45 35.64
N ASP D 106 10.82 -1.26 36.56
CA ASP D 106 9.56 -2.01 36.55
C ASP D 106 8.66 -1.59 35.39
N LYS D 107 8.81 -0.36 34.91
CA LYS D 107 7.99 0.15 33.81
C LYS D 107 8.82 0.29 32.53
N PHE D 108 9.98 -0.35 32.46
CA PHE D 108 10.81 -0.32 31.26
C PHE D 108 10.07 -1.00 30.10
N GLU D 109 10.02 -0.31 28.96
CA GLU D 109 9.36 -0.81 27.76
C GLU D 109 10.24 -1.87 27.11
N MET D 110 10.00 -3.11 27.51
CA MET D 110 10.75 -4.24 26.97
C MET D 110 10.62 -4.32 25.46
N LYS D 111 11.76 -4.35 24.77
CA LYS D 111 11.74 -4.78 23.38
C LYS D 111 12.12 -6.25 23.40
N GLU D 112 13.32 -6.58 22.94
CA GLU D 112 13.77 -7.96 23.06
C GLU D 112 13.85 -8.34 24.55
N GLU D 113 13.38 -9.55 24.88
CA GLU D 113 13.30 -9.99 26.27
C GLU D 113 14.70 -10.20 26.83
N VAL D 114 15.04 -9.48 27.90
CA VAL D 114 16.36 -9.62 28.53
C VAL D 114 16.18 -9.66 30.05
N LYS D 115 17.15 -10.25 30.74
CA LYS D 115 17.12 -10.25 32.20
C LYS D 115 18.50 -9.86 32.69
N VAL D 116 18.56 -9.55 33.99
CA VAL D 116 19.82 -9.20 34.62
C VAL D 116 20.86 -10.27 34.33
N GLY D 117 22.04 -9.84 33.93
CA GLY D 117 23.11 -10.75 33.56
C GLY D 117 23.25 -10.96 32.06
N ASP D 118 22.22 -10.66 31.28
CA ASP D 118 22.29 -10.82 29.83
C ASP D 118 23.32 -9.88 29.23
N LYS D 119 24.05 -10.37 28.24
CA LYS D 119 24.99 -9.57 27.47
C LYS D 119 24.25 -8.93 26.31
N ILE D 120 24.35 -7.61 26.19
CA ILE D 120 23.61 -6.87 25.18
C ILE D 120 24.53 -5.90 24.46
N ALA D 121 24.07 -5.47 23.29
CA ALA D 121 24.68 -4.41 22.49
C ALA D 121 23.69 -3.27 22.37
N SER D 122 24.15 -2.04 22.59
CA SER D 122 23.31 -0.87 22.37
CA SER D 122 23.29 -0.88 22.37
C SER D 122 23.25 -0.60 20.88
N LEU D 123 22.07 -0.33 20.37
CA LEU D 123 21.85 0.02 18.98
C LEU D 123 21.43 1.50 18.84
N VAL D 124 21.74 2.32 19.84
CA VAL D 124 21.57 3.75 19.81
C VAL D 124 22.90 4.39 20.13
N SER D 125 23.06 5.64 19.72
CA SER D 125 24.37 6.30 19.78
C SER D 125 24.76 6.68 21.21
N LEU D 126 26.06 6.60 21.50
CA LEU D 126 26.56 7.18 22.74
C LEU D 126 26.30 8.67 22.82
N SER D 127 25.93 9.33 21.72
CA SER D 127 25.70 10.77 21.85
C SER D 127 24.38 11.10 22.56
N LEU D 128 23.54 10.11 22.88
CA LEU D 128 22.39 10.34 23.74
C LEU D 128 22.38 9.46 24.99
N THR D 129 23.45 8.72 25.25
CA THR D 129 23.46 7.69 26.30
C THR D 129 24.10 8.22 27.57
N PRO D 130 23.38 8.29 28.70
CA PRO D 130 24.05 8.58 29.98
C PRO D 130 25.11 7.51 30.25
N LEU D 131 26.33 7.97 30.56
CA LEU D 131 27.48 7.08 30.67
C LEU D 131 28.43 7.55 31.76
N LYS D 132 28.71 6.66 32.71
CA LYS D 132 29.70 6.89 33.76
C LYS D 132 30.85 5.91 33.54
N ILE D 133 32.05 6.45 33.39
CA ILE D 133 33.26 5.63 33.22
C ILE D 133 33.99 5.61 34.54
N ASN D 134 34.06 4.44 35.16
CA ASN D 134 34.76 4.27 36.43
C ASN D 134 36.23 3.89 36.22
N LYS D 135 36.53 3.13 35.16
CA LYS D 135 37.91 2.77 34.86
C LYS D 135 38.06 2.49 33.37
N VAL D 136 39.16 2.97 32.80
CA VAL D 136 39.55 2.60 31.43
C VAL D 136 40.67 1.57 31.55
N LYS D 137 40.39 0.35 31.11
CA LYS D 137 41.32 -0.76 31.17
C LYS D 137 42.29 -0.74 29.99
N LYS D 138 41.79 -0.39 28.81
CA LYS D 138 42.55 -0.44 27.58
C LYS D 138 41.97 0.51 26.54
N VAL D 139 42.85 1.22 25.86
CA VAL D 139 42.50 1.98 24.67
C VAL D 139 43.09 1.27 23.45
N LEU D 140 42.23 0.86 22.53
CA LEU D 140 42.66 0.19 21.31
C LEU D 140 42.66 1.24 20.20
N LEU D 141 43.81 1.88 20.02
CA LEU D 141 43.90 3.00 19.09
C LEU D 141 43.65 2.58 17.65
N ASP D 142 43.90 1.30 17.33
CA ASP D 142 43.72 0.78 15.98
C ASP D 142 42.30 0.30 15.70
N LYS D 143 41.47 0.15 16.74
CA LYS D 143 40.14 -0.43 16.61
C LYS D 143 39.04 0.52 17.08
N ASP D 144 39.38 1.77 17.40
CA ASP D 144 38.42 2.75 17.90
C ASP D 144 37.65 2.22 19.11
N GLN D 145 38.34 1.46 19.97
CA GLN D 145 37.69 0.78 21.07
C GLN D 145 38.27 1.20 22.41
N MET D 146 37.44 1.06 23.44
CA MET D 146 37.87 1.22 24.82
C MET D 146 37.29 0.12 25.68
N GLU D 147 38.17 -0.61 26.36
CA GLU D 147 37.73 -1.59 27.35
C GLU D 147 37.65 -0.87 28.69
N ILE D 148 36.48 -0.90 29.32
CA ILE D 148 36.22 -0.07 30.49
C ILE D 148 35.46 -0.86 31.54
N GLU D 149 35.38 -0.27 32.72
CA GLU D 149 34.39 -0.59 33.73
C GLU D 149 33.58 0.69 33.93
N GLY D 150 32.27 0.60 33.77
CA GLY D 150 31.42 1.76 33.86
C GLY D 150 29.98 1.32 33.69
N GLN D 151 29.08 2.28 33.65
CA GLN D 151 27.66 1.97 33.57
C GLN D 151 26.97 2.94 32.61
N ALA D 152 25.94 2.44 31.95
CA ALA D 152 25.20 3.24 30.98
C ALA D 152 23.72 3.01 31.17
N ILE D 153 22.93 3.99 30.74
CA ILE D 153 21.48 3.94 30.83
C ILE D 153 20.91 3.81 29.43
N LEU D 154 19.96 2.89 29.27
CA LEU D 154 19.09 2.88 28.10
C LEU D 154 17.71 3.37 28.52
N PHE D 155 17.18 4.36 27.80
CA PHE D 155 15.82 4.80 28.03
C PHE D 155 14.84 3.81 27.42
N SER D 156 13.57 3.92 27.79
CA SER D 156 12.53 3.06 27.21
C SER D 156 12.43 3.23 25.70
N SER D 157 12.70 4.43 25.19
CA SER D 157 12.70 4.65 23.76
C SER D 157 13.95 4.14 23.07
N GLY D 158 14.97 3.71 23.82
CA GLY D 158 16.20 3.23 23.22
C GLY D 158 16.06 1.87 22.55
N VAL D 159 17.16 1.43 21.94
CA VAL D 159 17.18 0.17 21.19
C VAL D 159 18.44 -0.58 21.58
N TYR D 160 18.30 -1.89 21.73
CA TYR D 160 19.41 -2.74 22.15
C TYR D 160 19.20 -4.10 21.52
N ALA D 161 20.21 -4.96 21.63
CA ALA D 161 20.06 -6.32 21.13
C ALA D 161 20.74 -7.29 22.07
N LYS D 162 20.04 -8.38 22.39
CA LYS D 162 20.64 -9.49 23.12
C LYS D 162 21.66 -10.14 22.23
N LEU D 163 22.86 -10.33 22.72
CA LEU D 163 23.87 -10.98 21.91
C LEU D 163 23.65 -12.49 21.93
N PRO D 164 23.45 -13.13 20.78
CA PRO D 164 23.18 -14.58 20.78
C PRO D 164 24.39 -15.34 21.27
N ASP D 165 24.16 -16.33 22.12
CA ASP D 165 25.28 -17.07 22.69
C ASP D 165 26.01 -17.86 21.61
N ASP D 166 25.28 -18.21 20.55
CA ASP D 166 25.66 -19.09 19.43
C ASP D 166 26.91 -18.71 18.66
N LEU D 167 27.24 -17.42 18.66
CA LEU D 167 27.92 -16.82 17.53
C LEU D 167 29.08 -15.97 18.01
N ASP D 168 30.12 -15.91 17.18
CA ASP D 168 31.20 -15.00 17.45
C ASP D 168 30.64 -13.60 17.64
N GLU D 169 31.03 -12.97 18.73
CA GLU D 169 30.51 -11.67 19.12
C GLU D 169 30.73 -10.62 18.05
N ASN D 170 31.96 -10.52 17.54
CA ASN D 170 32.26 -9.57 16.49
C ASN D 170 31.49 -9.90 15.22
N LEU D 171 31.17 -11.18 14.99
CA LEU D 171 30.27 -11.54 13.91
C LEU D 171 28.89 -10.97 14.13
N ALA D 172 28.29 -11.26 15.31
CA ALA D 172 26.96 -10.78 15.65
C ALA D 172 26.89 -9.27 15.61
N LEU D 173 27.90 -8.61 16.18
CA LEU D 173 27.91 -7.15 16.21
C LEU D 173 28.04 -6.56 14.82
N SER D 174 28.72 -7.26 13.91
CA SER D 174 28.81 -6.75 12.55
C SER D 174 27.45 -6.78 11.86
N VAL D 175 26.64 -7.79 12.15
CA VAL D 175 25.30 -7.83 11.57
C VAL D 175 24.41 -6.77 12.19
N LEU D 176 24.53 -6.58 13.51
CA LEU D 176 23.71 -5.60 14.23
C LEU D 176 23.92 -4.20 13.66
N ASP D 177 25.16 -3.91 13.28
CA ASP D 177 25.55 -2.63 12.72
C ASP D 177 24.68 -2.25 11.52
N VAL D 178 24.25 -3.23 10.73
CA VAL D 178 23.52 -2.96 9.49
C VAL D 178 22.15 -3.63 9.48
N ALA D 179 21.64 -4.04 10.64
CA ALA D 179 20.42 -4.87 10.68
C ALA D 179 19.21 -4.17 10.09
N GLY D 180 19.16 -2.83 10.12
CA GLY D 180 18.02 -2.15 9.53
C GLY D 180 17.90 -2.35 8.04
N ALA D 181 19.01 -2.67 7.36
CA ALA D 181 18.95 -2.75 5.90
C ALA D 181 18.12 -3.93 5.43
N PRO D 182 18.42 -5.19 5.79
CA PRO D 182 17.52 -6.27 5.37
C PRO D 182 16.11 -6.12 5.90
N ALA D 183 15.95 -5.59 7.11
CA ALA D 183 14.61 -5.45 7.66
C ALA D 183 13.76 -4.53 6.80
N GLN D 184 14.34 -3.41 6.33
CA GLN D 184 13.60 -2.49 5.46
C GLN D 184 13.36 -3.10 4.10
N VAL D 185 14.38 -3.76 3.53
CA VAL D 185 14.24 -4.33 2.19
C VAL D 185 13.12 -5.38 2.16
N GLU D 186 12.98 -6.17 3.24
CA GLU D 186 11.88 -7.13 3.34
C GLU D 186 10.53 -6.45 3.17
N ARG D 187 10.41 -5.19 3.62
CA ARG D 187 9.11 -4.51 3.55
C ARG D 187 8.84 -3.91 2.18
N LEU D 188 9.89 -3.59 1.45
CA LEU D 188 9.79 -2.82 0.21
C LEU D 188 9.60 -3.70 -1.03
N VAL D 189 10.16 -4.91 -1.05
CA VAL D 189 10.23 -5.72 -2.27
C VAL D 189 9.03 -6.66 -2.37
N LYS D 190 8.27 -6.53 -3.44
CA LYS D 190 7.10 -7.36 -3.75
C LYS D 190 7.51 -8.52 -4.64
N PRO D 191 6.75 -9.63 -4.62
CA PRO D 191 7.00 -10.69 -5.61
C PRO D 191 7.01 -10.13 -7.02
N ASP D 192 7.92 -10.66 -7.83
CA ASP D 192 8.18 -10.33 -9.23
C ASP D 192 8.86 -8.97 -9.39
N ASP D 193 9.21 -8.27 -8.32
CA ASP D 193 9.88 -6.97 -8.48
C ASP D 193 11.23 -7.13 -9.16
N THR D 194 11.65 -6.09 -9.87
CA THR D 194 13.04 -5.91 -10.25
C THR D 194 13.68 -5.00 -9.23
N VAL D 195 14.81 -5.44 -8.67
CA VAL D 195 15.47 -4.73 -7.60
C VAL D 195 16.90 -4.47 -8.02
N VAL D 196 17.38 -3.23 -7.87
CA VAL D 196 18.76 -2.87 -8.11
C VAL D 196 19.40 -2.51 -6.76
N ILE D 197 20.54 -3.15 -6.47
CA ILE D 197 21.28 -2.91 -5.23
C ILE D 197 22.63 -2.31 -5.60
N ILE D 198 22.82 -1.05 -5.25
CA ILE D 198 24.04 -0.31 -5.52
C ILE D 198 24.93 -0.44 -4.30
N GLY D 199 26.09 -1.09 -4.48
CA GLY D 199 26.94 -1.50 -3.38
C GLY D 199 26.69 -2.93 -2.97
N ALA D 200 26.48 -3.81 -3.95
CA ALA D 200 25.97 -5.14 -3.64
C ALA D 200 27.02 -6.05 -2.99
N ASN D 201 28.30 -5.69 -3.01
CA ASN D 201 29.31 -6.51 -2.36
C ASN D 201 29.60 -6.08 -0.93
N GLY D 202 29.02 -4.97 -0.47
CA GLY D 202 29.31 -4.45 0.84
C GLY D 202 28.63 -5.25 1.95
N LYS D 203 28.88 -4.79 3.19
CA LYS D 203 28.37 -5.49 4.36
C LYS D 203 26.85 -5.55 4.36
N SER D 204 26.21 -4.39 4.25
CA SER D 204 24.76 -4.40 4.18
C SER D 204 24.29 -4.91 2.83
N GLY D 205 25.08 -4.68 1.78
CA GLY D 205 24.69 -5.07 0.44
C GLY D 205 24.40 -6.54 0.27
N ILE D 206 25.28 -7.41 0.78
CA ILE D 206 25.08 -8.83 0.53
C ILE D 206 23.85 -9.32 1.29
N LEU D 207 23.55 -8.72 2.45
CA LEU D 207 22.30 -9.01 3.14
C LEU D 207 21.09 -8.57 2.32
N CYS D 208 21.19 -7.39 1.70
CA CYS D 208 20.08 -6.90 0.88
C CYS D 208 19.87 -7.75 -0.37
N ASN D 209 20.96 -8.24 -0.98
CA ASN D 209 20.81 -9.15 -2.12
C ASN D 209 19.94 -10.34 -1.77
N ALA D 210 20.24 -10.97 -0.62
CA ALA D 210 19.58 -12.22 -0.25
C ALA D 210 18.12 -11.98 0.06
N VAL D 211 17.83 -10.92 0.81
CA VAL D 211 16.45 -10.60 1.14
C VAL D 211 15.68 -10.17 -0.10
N ALA D 212 16.31 -9.38 -0.99
CA ALA D 212 15.64 -8.99 -2.23
C ALA D 212 15.24 -10.20 -3.06
N LYS D 213 16.13 -11.21 -3.16
CA LYS D 213 15.80 -12.35 -3.99
C LYS D 213 14.72 -13.23 -3.36
N GLU D 214 14.74 -13.43 -2.03
CA GLU D 214 13.64 -14.23 -1.48
C GLU D 214 12.30 -13.50 -1.59
N ARG D 215 12.31 -12.18 -1.50
CA ARG D 215 11.05 -11.44 -1.58
C ARG D 215 10.56 -11.29 -3.02
N ALA D 216 11.48 -11.06 -3.95
CA ALA D 216 11.07 -10.92 -5.35
C ALA D 216 10.79 -12.26 -5.98
N GLY D 217 11.46 -13.32 -5.50
CA GLY D 217 11.09 -14.66 -5.87
C GLY D 217 11.65 -15.11 -7.21
N ILE D 218 11.15 -16.26 -7.66
CA ILE D 218 11.74 -16.96 -8.80
C ILE D 218 11.56 -16.14 -10.08
N CYS D 219 10.47 -15.38 -10.19
CA CYS D 219 10.25 -14.55 -11.37
C CYS D 219 10.51 -13.08 -11.12
N GLY D 220 11.14 -12.73 -9.99
CA GLY D 220 11.67 -11.41 -9.81
C GLY D 220 13.10 -11.38 -10.31
N LYS D 221 13.69 -10.19 -10.27
CA LYS D 221 15.01 -9.95 -10.86
C LYS D 221 15.80 -9.05 -9.93
N VAL D 222 16.94 -9.53 -9.45
CA VAL D 222 17.77 -8.77 -8.53
C VAL D 222 19.07 -8.43 -9.26
N ILE D 223 19.37 -7.14 -9.37
CA ILE D 223 20.53 -6.67 -10.11
C ILE D 223 21.46 -5.97 -9.13
N GLY D 224 22.67 -6.50 -8.95
CA GLY D 224 23.68 -5.82 -8.15
C GLY D 224 24.56 -4.92 -8.99
N VAL D 225 25.07 -3.86 -8.36
CA VAL D 225 26.02 -2.94 -8.95
C VAL D 225 27.29 -2.97 -8.09
N VAL D 226 28.43 -3.28 -8.73
CA VAL D 226 29.74 -3.33 -8.07
C VAL D 226 30.77 -2.65 -8.96
N ARG D 227 31.88 -2.27 -8.32
CA ARG D 227 32.94 -1.55 -9.00
C ARG D 227 34.04 -2.48 -9.50
N ASN D 228 34.04 -3.73 -9.07
CA ASN D 228 35.13 -4.66 -9.34
C ASN D 228 34.57 -5.96 -9.88
N GLU D 229 35.11 -6.38 -11.02
CA GLU D 229 34.69 -7.62 -11.67
C GLU D 229 34.86 -8.82 -10.74
N ASN D 230 35.87 -8.79 -9.88
CA ASN D 230 36.11 -9.89 -8.94
C ASN D 230 34.98 -10.07 -7.93
N TYR D 231 34.12 -9.07 -7.76
CA TYR D 231 33.02 -9.13 -6.80
C TYR D 231 31.80 -9.84 -7.37
N ILE D 232 31.78 -10.13 -8.66
CA ILE D 232 30.58 -10.72 -9.27
C ILE D 232 30.21 -12.04 -8.62
N PRO D 233 31.11 -13.00 -8.40
CA PRO D 233 30.68 -14.28 -7.81
C PRO D 233 30.00 -14.14 -6.45
N THR D 234 30.48 -13.24 -5.60
CA THR D 234 29.84 -13.05 -4.30
C THR D 234 28.43 -12.48 -4.44
N CYS D 235 28.25 -11.50 -5.33
CA CYS D 235 26.92 -10.93 -5.57
C CYS D 235 25.93 -11.99 -6.04
N LYS D 236 26.35 -12.84 -6.99
CA LYS D 236 25.47 -13.89 -7.47
C LYS D 236 25.17 -14.92 -6.38
N ALA D 237 26.18 -15.28 -5.58
CA ALA D 237 25.97 -16.30 -4.57
C ALA D 237 25.05 -15.83 -3.45
N THR D 238 24.98 -14.51 -3.20
CA THR D 238 24.12 -13.96 -2.16
C THR D 238 22.77 -13.49 -2.70
N GLY D 239 22.45 -13.77 -3.96
CA GLY D 239 21.09 -13.51 -4.43
C GLY D 239 20.91 -12.76 -5.74
N CYS D 240 21.94 -12.06 -6.23
CA CYS D 240 21.78 -11.32 -7.48
C CYS D 240 21.64 -12.27 -8.67
N ASP D 241 20.67 -11.98 -9.54
CA ASP D 241 20.54 -12.67 -10.82
C ASP D 241 21.48 -12.11 -11.86
N GLU D 242 21.73 -10.81 -11.80
CA GLU D 242 22.57 -10.09 -12.73
C GLU D 242 23.43 -9.12 -11.95
N VAL D 243 24.61 -8.79 -12.47
CA VAL D 243 25.37 -7.73 -11.81
C VAL D 243 25.99 -6.83 -12.86
N ILE D 244 25.91 -5.53 -12.58
CA ILE D 244 26.42 -4.45 -13.41
C ILE D 244 27.76 -4.03 -12.84
N LEU D 245 28.76 -3.86 -13.72
CA LEU D 245 30.09 -3.36 -13.36
C LEU D 245 30.13 -1.87 -13.61
N ALA D 246 30.12 -1.09 -12.54
CA ALA D 246 30.12 0.36 -12.68
C ALA D 246 30.50 0.99 -11.35
N GLN D 247 31.13 2.15 -11.44
CA GLN D 247 31.27 3.02 -10.28
C GLN D 247 29.90 3.52 -9.86
N ALA D 248 29.67 3.56 -8.55
CA ALA D 248 28.36 3.94 -8.04
C ALA D 248 27.99 5.38 -8.37
N THR D 249 28.97 6.21 -8.73
CA THR D 249 28.75 7.58 -9.14
C THR D 249 28.44 7.70 -10.63
N ASP D 250 28.47 6.61 -11.37
CA ASP D 250 28.34 6.66 -12.83
C ASP D 250 26.87 6.48 -13.20
N ALA D 251 26.13 7.59 -13.23
CA ALA D 251 24.69 7.54 -13.48
C ALA D 251 24.37 7.01 -14.87
N ILE D 252 25.17 7.37 -15.86
CA ILE D 252 24.84 7.01 -17.24
C ILE D 252 25.07 5.51 -17.48
N THR D 253 26.22 4.98 -17.06
CA THR D 253 26.45 3.55 -17.23
C THR D 253 25.40 2.73 -16.47
N ILE D 254 25.09 3.14 -15.23
CA ILE D 254 24.11 2.41 -14.43
C ILE D 254 22.74 2.47 -15.11
N GLN D 255 22.32 3.64 -15.58
CA GLN D 255 21.04 3.74 -16.25
C GLN D 255 21.00 2.85 -17.49
N LYS D 256 22.05 2.89 -18.33
CA LYS D 256 22.01 2.14 -19.58
C LYS D 256 22.00 0.64 -19.35
N GLU D 257 22.81 0.17 -18.39
CA GLU D 257 22.90 -1.26 -18.10
C GLU D 257 21.63 -1.78 -17.42
N VAL D 258 21.02 -0.98 -16.53
CA VAL D 258 19.74 -1.41 -15.95
C VAL D 258 18.70 -1.51 -17.05
N SER D 259 18.68 -0.55 -17.96
CA SER D 259 17.74 -0.58 -19.07
C SER D 259 17.96 -1.81 -19.94
N ARG D 260 19.22 -2.11 -20.28
CA ARG D 260 19.49 -3.29 -21.11
C ARG D 260 18.97 -4.57 -20.45
N LEU D 261 19.29 -4.77 -19.17
CA LEU D 261 18.90 -5.98 -18.45
C LEU D 261 17.40 -6.05 -18.18
N THR D 262 16.66 -4.94 -18.32
CA THR D 262 15.23 -4.94 -18.03
C THR D 262 14.41 -4.56 -19.25
N ASN D 263 15.01 -4.56 -20.43
CA ASN D 263 14.31 -4.15 -21.65
C ASN D 263 13.62 -2.79 -21.46
N GLY D 264 14.33 -1.86 -20.82
CA GLY D 264 13.83 -0.52 -20.63
C GLY D 264 12.86 -0.34 -19.48
N LYS D 265 12.47 -1.43 -18.79
CA LYS D 265 11.44 -1.34 -17.75
C LYS D 265 11.97 -0.73 -16.45
N MET D 266 13.28 -0.87 -16.18
CA MET D 266 13.96 -0.28 -15.02
C MET D 266 13.51 -0.95 -13.72
N ALA D 267 13.90 -0.39 -12.57
CA ALA D 267 13.74 -1.07 -11.29
C ALA D 267 12.50 -0.60 -10.53
N ASP D 268 11.79 -1.57 -9.92
CA ASP D 268 10.72 -1.23 -8.98
C ASP D 268 11.26 -0.65 -7.69
N VAL D 269 12.44 -1.12 -7.28
CA VAL D 269 13.05 -0.77 -6.01
C VAL D 269 14.54 -0.62 -6.26
N VAL D 270 15.11 0.52 -5.85
CA VAL D 270 16.55 0.74 -5.87
C VAL D 270 16.99 0.87 -4.42
N ILE D 271 18.00 0.08 -4.03
CA ILE D 271 18.56 0.09 -2.69
C ILE D 271 19.98 0.58 -2.80
N ASN D 272 20.28 1.69 -2.13
CA ASN D 272 21.58 2.32 -2.19
C ASN D 272 22.26 2.08 -0.85
N VAL D 273 23.33 1.29 -0.89
CA VAL D 273 24.07 0.95 0.33
C VAL D 273 25.57 1.16 0.10
N VAL D 274 25.94 2.08 -0.79
CA VAL D 274 27.33 2.52 -0.94
C VAL D 274 27.55 3.72 -0.04
N ASN D 275 28.75 3.85 0.52
CA ASN D 275 28.97 5.00 1.39
C ASN D 275 29.96 5.97 0.77
N THR D 276 29.80 6.20 -0.53
CA THR D 276 30.54 7.21 -1.27
C THR D 276 29.53 8.26 -1.69
N GLU D 277 30.00 9.49 -1.92
CA GLU D 277 29.06 10.56 -2.18
C GLU D 277 28.68 10.61 -3.64
N ASP D 278 27.62 11.38 -3.90
CA ASP D 278 27.13 11.68 -5.24
C ASP D 278 26.62 10.42 -5.93
N THR D 279 26.00 9.51 -5.17
CA THR D 279 25.33 8.38 -5.82
C THR D 279 23.80 8.56 -5.88
N GLU D 280 23.30 9.76 -5.55
CA GLU D 280 21.85 9.98 -5.57
C GLU D 280 21.29 9.89 -6.99
N LEU D 281 21.86 10.64 -7.94
CA LEU D 281 21.33 10.60 -9.30
C LEU D 281 21.43 9.21 -9.93
N PRO D 282 22.54 8.46 -9.79
CA PRO D 282 22.54 7.08 -10.30
C PRO D 282 21.43 6.23 -9.71
N SER D 283 21.13 6.43 -8.43
CA SER D 283 20.09 5.63 -7.80
C SER D 283 18.71 6.00 -8.34
N ILE D 284 18.43 7.30 -8.45
CA ILE D 284 17.15 7.78 -8.98
C ILE D 284 16.94 7.29 -10.40
N MET D 285 17.99 7.36 -11.23
CA MET D 285 17.84 7.04 -12.65
C MET D 285 17.70 5.55 -12.91
N ALA D 286 18.02 4.71 -11.93
CA ALA D 286 17.83 3.29 -12.06
C ALA D 286 16.39 2.86 -11.85
N ALA D 287 15.55 3.73 -11.29
CA ALA D 287 14.18 3.38 -10.95
C ALA D 287 13.22 3.60 -12.10
N LYS D 288 12.19 2.77 -12.17
CA LYS D 288 11.08 3.03 -13.08
C LYS D 288 10.25 4.21 -12.56
N ASP D 289 9.32 4.66 -13.40
CA ASP D 289 8.39 5.71 -13.03
C ASP D 289 7.57 5.27 -11.83
N ARG D 290 7.48 6.12 -10.83
CA ARG D 290 6.81 5.84 -9.55
C ARG D 290 7.48 4.71 -8.78
N GLY D 291 8.73 4.37 -9.10
CA GLY D 291 9.49 3.39 -8.32
C GLY D 291 9.99 3.96 -7.00
N MET D 292 10.59 3.08 -6.20
CA MET D 292 11.02 3.37 -4.84
C MET D 292 12.54 3.36 -4.77
N VAL D 293 13.12 4.43 -4.22
CA VAL D 293 14.56 4.56 -4.05
C VAL D 293 14.85 4.64 -2.56
N TYR D 294 15.54 3.64 -2.04
CA TYR D 294 15.77 3.51 -0.61
C TYR D 294 17.23 3.85 -0.32
N PHE D 295 17.46 4.96 0.39
CA PHE D 295 18.81 5.45 0.70
C PHE D 295 19.20 5.02 2.11
N PHE D 296 20.09 4.04 2.20
CA PHE D 296 20.52 3.54 3.49
C PHE D 296 21.82 4.19 3.98
N SER D 297 22.68 4.64 3.08
CA SER D 297 23.99 5.16 3.47
C SER D 297 23.94 6.61 3.94
N MET D 298 24.76 6.92 4.94
CA MET D 298 24.88 8.26 5.49
C MET D 298 25.61 9.26 4.59
N ALA D 299 26.17 8.82 3.45
CA ALA D 299 26.73 9.80 2.52
C ALA D 299 25.66 10.46 1.68
N THR D 300 24.41 9.98 1.79
CA THR D 300 23.31 10.55 1.03
C THR D 300 23.11 12.00 1.42
N SER D 301 23.01 12.86 0.42
CA SER D 301 22.66 14.25 0.60
C SER D 301 21.17 14.42 0.34
N PHE D 302 20.44 14.93 1.36
CA PHE D 302 19.02 15.21 1.18
C PHE D 302 18.78 16.09 -0.03
N THR D 303 19.50 17.22 -0.13
CA THR D 303 19.25 18.18 -1.21
C THR D 303 19.69 17.64 -2.57
N LYS D 304 20.78 16.88 -2.63
CA LYS D 304 21.18 16.29 -3.91
C LYS D 304 20.13 15.32 -4.43
N ALA D 305 19.53 14.52 -3.54
CA ALA D 305 18.46 13.62 -3.96
C ALA D 305 17.22 14.40 -4.39
N ALA D 306 16.80 15.36 -3.58
CA ALA D 306 15.57 16.08 -3.87
C ALA D 306 15.67 16.88 -5.16
N LEU D 307 16.73 17.69 -5.30
CA LEU D 307 16.92 18.49 -6.49
C LEU D 307 17.31 17.62 -7.68
N GLY D 308 18.06 16.55 -7.43
CA GLY D 308 18.41 15.61 -8.48
C GLY D 308 17.19 15.07 -9.19
N ALA D 309 16.22 14.55 -8.43
CA ALA D 309 15.01 13.99 -9.06
C ALA D 309 14.21 15.09 -9.77
N GLU D 310 14.13 16.28 -9.18
CA GLU D 310 13.40 17.38 -9.82
C GLU D 310 13.98 17.74 -11.17
N GLY D 311 15.32 17.80 -11.26
CA GLY D 311 15.95 18.29 -12.47
C GLY D 311 15.78 17.39 -13.68
N ILE D 312 15.58 16.09 -13.46
CA ILE D 312 15.38 15.16 -14.56
C ILE D 312 13.94 14.62 -14.57
N GLY D 313 13.02 15.31 -13.89
CA GLY D 313 11.62 14.94 -13.97
C GLY D 313 11.34 13.50 -13.57
N ALA D 314 12.01 13.03 -12.52
CA ALA D 314 11.85 11.65 -12.06
C ALA D 314 10.83 11.65 -10.94
N ASP D 315 9.64 11.12 -11.21
CA ASP D 315 8.59 10.99 -10.20
C ASP D 315 8.81 9.64 -9.51
N VAL D 316 9.74 9.64 -8.55
CA VAL D 316 10.06 8.46 -7.77
C VAL D 316 9.92 8.82 -6.30
N ASP D 317 9.69 7.80 -5.47
CA ASP D 317 9.70 7.94 -4.02
C ASP D 317 11.11 7.71 -3.51
N MET D 318 11.56 8.59 -2.62
CA MET D 318 12.91 8.51 -2.07
C MET D 318 12.82 8.41 -0.55
N MET D 319 13.35 7.32 0.00
CA MET D 319 13.21 7.03 1.41
C MET D 319 14.53 7.21 2.14
N ILE D 320 14.49 7.93 3.27
CA ILE D 320 15.63 8.02 4.16
C ILE D 320 15.73 6.71 4.92
N GLY D 321 16.78 5.95 4.66
CA GLY D 321 16.91 4.66 5.31
C GLY D 321 17.01 4.79 6.80
N ASN D 322 15.95 4.37 7.48
CA ASN D 322 15.91 4.38 8.94
C ASN D 322 16.65 3.16 9.44
N GLY D 323 17.74 3.38 10.16
CA GLY D 323 18.52 2.30 10.74
C GLY D 323 17.74 1.43 11.70
N TYR D 324 16.62 1.93 12.25
CA TYR D 324 15.81 1.16 13.18
C TYR D 324 14.51 0.70 12.54
N ALA D 325 14.17 -0.55 12.81
CA ALA D 325 12.85 -1.08 12.52
C ALA D 325 12.58 -2.15 13.56
N HIS D 326 11.31 -2.29 13.95
CA HIS D 326 10.92 -3.32 14.91
C HIS D 326 11.56 -4.66 14.55
N HIS D 327 12.14 -5.30 15.55
CA HIS D 327 12.73 -6.63 15.42
C HIS D 327 13.88 -6.69 14.43
N HIS D 328 14.52 -5.57 14.09
CA HIS D 328 15.48 -5.63 12.99
C HIS D 328 16.66 -6.55 13.29
N SER D 329 17.17 -6.52 14.53
CA SER D 329 18.29 -7.38 14.90
C SER D 329 17.91 -8.86 14.84
N GLU D 330 16.73 -9.20 15.33
CA GLU D 330 16.26 -10.58 15.26
C GLU D 330 16.13 -11.02 13.82
N ILE D 331 15.54 -10.16 12.99
CA ILE D 331 15.31 -10.48 11.58
C ILE D 331 16.63 -10.68 10.84
N ALA D 332 17.62 -9.82 11.11
CA ALA D 332 18.90 -9.93 10.43
C ALA D 332 19.68 -11.15 10.90
N LEU D 333 19.67 -11.42 12.21
CA LEU D 333 20.33 -12.62 12.71
C LEU D 333 19.67 -13.87 12.17
N ASP D 334 18.34 -13.87 12.04
CA ASP D 334 17.66 -15.03 11.47
C ASP D 334 18.08 -15.22 10.02
N LEU D 335 18.35 -14.13 9.31
CA LEU D 335 18.81 -14.25 7.92
C LEU D 335 20.14 -14.98 7.86
N LEU D 336 21.08 -14.66 8.75
CA LEU D 336 22.34 -15.40 8.76
C LEU D 336 22.14 -16.85 9.12
N ARG D 337 21.20 -17.16 10.02
CA ARG D 337 21.02 -18.56 10.34
C ARG D 337 20.35 -19.33 9.20
N ARG D 338 19.55 -18.65 8.38
CA ARG D 338 18.86 -19.33 7.29
C ARG D 338 19.72 -19.48 6.06
N ASN D 339 20.70 -18.61 5.87
CA ASN D 339 21.48 -18.53 4.64
C ASN D 339 22.93 -18.87 4.98
N SER D 340 23.35 -20.11 4.69
CA SER D 340 24.71 -20.52 5.05
C SER D 340 25.76 -19.75 4.26
N VAL D 341 25.43 -19.28 3.05
CA VAL D 341 26.37 -18.50 2.26
C VAL D 341 26.69 -17.18 2.98
N LEU D 342 25.66 -16.46 3.40
CA LEU D 342 25.85 -15.22 4.14
C LEU D 342 26.64 -15.48 5.42
N MET D 343 26.27 -16.55 6.13
CA MET D 343 26.98 -16.87 7.35
C MET D 343 28.46 -17.09 7.07
N LYS D 344 28.78 -17.81 6.00
CA LYS D 344 30.19 -18.07 5.70
C LYS D 344 30.93 -16.79 5.33
N ILE D 345 30.30 -15.91 4.55
CA ILE D 345 30.94 -14.65 4.20
C ILE D 345 31.12 -13.76 5.43
N PHE D 346 30.09 -13.66 6.28
CA PHE D 346 30.19 -12.78 7.44
C PHE D 346 31.26 -13.27 8.42
N LYS D 347 31.36 -14.59 8.61
CA LYS D 347 32.41 -15.14 9.46
C LYS D 347 33.78 -14.81 8.90
N GLU D 348 33.97 -15.04 7.60
CA GLU D 348 35.27 -14.79 6.98
C GLU D 348 35.66 -13.32 7.00
N ARG D 349 34.69 -12.43 6.79
CA ARG D 349 34.97 -11.00 6.70
C ARG D 349 35.09 -10.31 8.05
N TYR D 350 34.22 -10.66 9.01
CA TYR D 350 33.99 -9.87 10.22
C TYR D 350 34.32 -10.66 11.47
N ALA D 351 34.97 -11.81 11.31
CA ALA D 351 35.37 -12.76 12.37
C ALA D 351 35.55 -12.16 13.74
PA NAP E . -8.58 -29.71 0.05
O1A NAP E . -7.19 -30.22 -0.22
O2A NAP E . -9.76 -30.64 0.11
O5B NAP E . -8.49 -28.76 1.35
C5B NAP E . -9.64 -28.36 2.08
C4B NAP E . -9.25 -28.37 3.56
O4B NAP E . -10.31 -27.73 4.29
C3B NAP E . -9.16 -29.79 4.10
O3B NAP E . -7.97 -29.95 4.88
C2B NAP E . -10.38 -29.97 4.99
O2B NAP E . -10.06 -30.84 6.10
C1B NAP E . -10.62 -28.54 5.42
N9A NAP E . -12.03 -28.26 5.80
C8A NAP E . -13.10 -28.28 4.98
N7A NAP E . -14.23 -27.97 5.64
C5A NAP E . -13.88 -27.75 6.93
C6A NAP E . -14.58 -27.39 8.17
N6A NAP E . -15.91 -27.19 8.17
N1A NAP E . -13.85 -27.25 9.31
C2A NAP E . -12.53 -27.44 9.31
N3A NAP E . -11.81 -27.78 8.22
C4A NAP E . -12.44 -27.93 7.02
O3 NAP E . -8.99 -28.67 -1.12
PN NAP E . -8.01 -27.64 -1.90
O1N NAP E . -7.62 -28.21 -3.25
O2N NAP E . -6.98 -26.99 -1.02
O5D NAP E . -9.12 -26.51 -2.17
C5D NAP E . -9.69 -25.82 -1.05
C4D NAP E . -10.73 -24.83 -1.58
O4D NAP E . -10.07 -23.67 -2.10
C3D NAP E . -11.59 -25.34 -2.73
O3D NAP E . -12.87 -24.69 -2.64
C2D NAP E . -10.92 -24.80 -3.98
O2D NAP E . -11.90 -24.64 -5.00
C1D NAP E . -10.41 -23.47 -3.47
N1N NAP E . -9.26 -22.91 -4.20
C2N NAP E . -9.48 -22.39 -5.42
C3N NAP E . -8.42 -21.83 -6.14
C7N NAP E . -8.70 -21.27 -7.51
O7N NAP E . -8.00 -21.63 -8.45
N7N NAP E . -9.70 -20.40 -7.66
C4N NAP E . -7.15 -21.78 -5.58
C5N NAP E . -6.95 -22.31 -4.31
C6N NAP E . -8.03 -22.87 -3.64
P2B NAP E . -11.03 -32.01 6.62
O1X NAP E . -12.32 -31.88 5.83
O2X NAP E . -10.28 -33.29 6.36
O3X NAP E . -11.19 -31.68 8.10
CL CL F . -21.99 -16.09 -4.23
PA NAP G . -30.18 1.37 -7.55
O1A NAP G . -30.36 2.79 -7.07
O2A NAP G . -31.37 0.62 -8.04
O5B NAP G . -29.05 1.39 -8.69
C5B NAP G . -28.84 0.31 -9.60
C4B NAP G . -28.31 0.97 -10.87
O4B NAP G . -27.75 -0.01 -11.74
C3B NAP G . -29.44 1.64 -11.65
O3B NAP G . -29.00 2.94 -12.04
C2B NAP G . -29.68 0.76 -12.87
O2B NAP G . -30.04 1.53 -14.02
C1B NAP G . -28.31 0.14 -13.04
N9A NAP G . -28.38 -1.19 -13.69
C8A NAP G . -28.91 -2.29 -13.17
N7A NAP G . -28.79 -3.31 -14.03
C5A NAP G . -28.17 -2.87 -15.13
C6A NAP G . -27.74 -3.43 -16.42
N6A NAP G . -27.95 -4.72 -16.74
N1A NAP G . -27.13 -2.60 -17.29
C2A NAP G . -26.90 -1.31 -17.01
N3A NAP G . -27.27 -0.74 -15.85
C4A NAP G . -27.90 -1.46 -14.90
O3 NAP G . -29.46 0.43 -6.43
PN NAP G . -28.46 0.91 -5.25
O1N NAP G . -27.54 1.98 -5.76
O2N NAP G . -29.24 1.17 -3.98
O5D NAP G . -27.63 -0.43 -5.06
C5D NAP G . -27.09 -1.15 -6.18
C4D NAP G . -26.53 -2.49 -5.67
O4D NAP G . -25.39 -2.21 -4.85
C3D NAP G . -27.52 -3.24 -4.79
O3D NAP G . -27.36 -4.65 -5.01
C2D NAP G . -27.04 -3.01 -3.37
O2D NAP G . -27.42 -4.12 -2.57
C1D NAP G . -25.55 -2.89 -3.61
N1N NAP G . -24.85 -2.20 -2.52
C2N NAP G . -24.80 -2.91 -1.40
C3N NAP G . -24.16 -2.41 -0.29
C7N NAP G . -24.17 -3.30 0.92
O7N NAP G . -23.28 -4.12 1.11
N7N NAP G . -25.18 -3.21 1.78
C4N NAP G . -23.56 -1.14 -0.36
C5N NAP G . -23.62 -0.42 -1.54
C6N NAP G . -24.28 -0.97 -2.64
P2B NAP G . -31.35 1.18 -14.92
O1X NAP G . -31.81 -0.19 -14.48
O2X NAP G . -32.29 2.31 -14.58
O3X NAP G . -30.86 1.21 -16.35
CL CL H . -38.08 -5.71 29.54
#